data_7F4U
#
_entry.id   7F4U
#
_cell.length_a   1.00
_cell.length_b   1.00
_cell.length_c   1.00
_cell.angle_alpha   90.00
_cell.angle_beta   90.00
_cell.angle_gamma   90.00
#
_symmetry.space_group_name_H-M   'P 1'
#
loop_
_entity.id
_entity.type
_entity.pdbx_description
1 polymer 'Telomere length regulation protein TEL2 homolog'
2 polymer 'TELO2-interacting protein 1 homolog'
3 polymer 'TELO2-interacting protein 2'
#
loop_
_entity_poly.entity_id
_entity_poly.type
_entity_poly.pdbx_seq_one_letter_code
_entity_poly.pdbx_strand_id
1 'polypeptide(L)'
;MEPAPSEVRLAVREAIHALSSSEDGGHIFCTLESLKRYLGEMEPPALPREKEEFASAHFSPVLRCLASRLSPAWLELLPH
GRLEELWASFFLEGPADQAFLVLMETIEGAAGPSFRLMKMARLLARFLREGRLAVLMEAQCRQQTQPGFILLRETLLGKV
VALPDHLGNRLQQENLAEFFPQNYFRLLGEEVVRVLQAVVDSLQGGLDSSVSFVSQVLGKACVHGRQQEILGVLVPRLAA
LTQGSYLHQRVCWRLVEQVPDRAMEAVLTGLVEAALGPEVLSRLLGNLVVKNKKAQFVMTQKLLFLQSRLTTPMLQSLLG
HLAMDSQRRPLLLQVLKELLETWGSSSAIRHTPLPQQRHVSKAVLICLAQLGEPELRDSRDELLASMMAGVKCRLDSSLP
PVRRLGMIVAEVVSARIHPEGPPLKFQYEEDELSLELLALASPQPAGDGASEAGTSLVPATAEPPAETPAEIVDGGVPQA
QLAGSDSDLDSDDEFVPYDMSGDRELKSSKAPAYVRDCVEALTTSEDIERWEAALRALEGLVYRSPTATREVSVELAKVL
LHLEEKTCVVGFAGLRQRALVAVTVTDPAPVADYLTSQFYALNYSLRQRMDILDVLTLAAQELSRPGCLGRTPQPGSPSP
NTPCLPEAAVSQPGSAVASDWRVVVEERIRSKTQRLSKGGPRQGPAGSPSRFNSVAGHFFFPLLQRFDRPLVTFDLLGED
QLVLGRLAHTLGALMCLAVNTTVAVAMGKALLEFVWALRFHIDAYVRQGLLSAVSSVLLSLPAARLLEDLMDELLEARSW
LADVAEKDPDEDCRTLALRALLLLQRLKNRLLPPASP
;
A
2 'polypeptide(L)'
;MHHHHHMAVFDTPEEAFGVLRPVCVQLTKTQTVENVEHLQTRLQAVSDSALQELQQYILFPLRFTLKTPGPKRERLIQSV
VECLTFVLSSTCVKEQELLQELFSELSACLYSPSSQKPAAVSEELKLAVIQGLSTLMHSAYGDIILTFYEPSILPRLGFA
VSLLLGLAEQE(UNK)(UNK)(UNK)(UNK)(UNK)(UNK)(UNK)(UNK)(UNK)(UNK)(UNK)(UNK)(UNK)
(UNK)(UNK)(UNK)(UNK)(UNK)(UNK)(UNK)DCQDHPR(UNK)(UNK)(UNK)(UNK)(UNK)(UNK)(UNK)
(UNK)(UNK)(UNK)(UNK)(UNK)(UNK)(UNK)(UNK)(UNK)(UNK)(UNK)(UNK)(UNK)(UNK)(UNK)(UNK)
(UNK)(UNK)(UNK)(UNK)(UNK)(UNK)(UNK)GDFKQGHSIVVSSLKIFYKTVSFIMADEQLKRISKVQAKPAVEHR
VAELMVYREADWVKKTGDKLTILIKKIIECVSVHPHWKVRLELVELVEDLLLKCSQSLVECAGPLLKALVGLVNDESPEI
QAQCNKVLRHFADQKVVVGNKALADILSESLHSLATSLPRLMNSQDDQGKFSTLSLLLGYLKLLGPKINFVLNSVAHLQR
LSKALIQVLELDVADIKIVEERRWNSDDLNASPKTSATQPWNRIQRRYFRFFTDERIFMLLRQVCQLLGYYGNLYLLVDH
FMELYHQSVVYRKQAAMILNELVTGAAGLEVEDLHEKHIKTNPEELREIVTSILEEYTSQENWYLVTCLETEEMGEELMM
EHPGLQAITSGEHTCQVTSFLAFSKPSPTICSMNSNIWQICIQLEGIGQFAYALGKDFCLLLMSALYPVLEKAGDQTLLI
SQVATSTMMDVCRACGYDSLQHLINQNSDYLVNGISLNLRHLALHPHTPKVLEVMLRNSDANLLPLVADVVQDVLATLDQ
FYDKRAASFVSVLHALMAALAQWFPDTGNLGHLQEQSLGEEGSHLNQRPAALEKSTTTAEDIEQFLLNYLKEKDVADGNV
SDFDNEEEEQSVPPKVDENDTRPDVEPPL(UNK)(UNK)(UNK)(UNK)(UNK)(UNK)(UNK)(UNK)(UNK)(UNK)
(UNK)(UNK)(UNK)(UNK)(UNK)(UNK)(UNK)(UNK)(UNK)(UNK)(UNK)(UNK)(UNK)(UNK)(UNK)(UNK)
(UNK)(UNK)(UNK)(UNK)(UNK)(UNK)(UNK)(UNK)(UNK)(UNK)(UNK)(UNK)(UNK)(UNK)(UNK)(UNK)
(UNK)(UNK)(UNK)(UNK)(UNK)(UNK)(UNK)(UNK)(UNK)(UNK)(UNK)(UNK)(UNK)(UNK)(UNK)(UNK)
(UNK)(UNK)RLTRD(UNK)(UNK)(UNK)(UNK)(UNK)(UNK)(UNK)(UNK)(UNK)(UNK)(UNK)(UNK)(UNK)
(UNK)(UNK)(UNK)(UNK)(UNK)(UNK)(UNK)(UNK)(UNK)(UNK)(UNK)(UNK)(UNK)(UNK)(UNK)(UNK)
(UNK)(UNK)(UNK)(UNK)(UNK)(UNK)(UNK)(UNK)(UNK)LVTQAPISARAGPVYSH(UNK)(UNK)(UNK)
(UNK)(UNK)(UNK)(UNK)(UNK)(UNK)(UNK)(UNK)(UNK)(UNK)(UNK)(UNK)(UNK)(UNK)(UNK)(UNK)
(UNK)(UNK)(UNK)(UNK)(UNK)(UNK)(UNK)(UNK)LNKVADACLIYLSVKQP(UNK)(UNK)(UNK)(UNK)
(UNK)(UNK)(UNK)(UNK)(UNK)(UNK)(UNK)(UNK)(UNK)(UNK)(UNK)(UNK)(UNK)(UNK)(UNK)(UNK)
(UNK)(UNK)(UNK)(UNK)(UNK)(UNK)(UNK)(UNK)(UNK)(UNK)(UNK)(UNK)(UNK)(UNK)(UNK)(UNK)
(UNK)(UNK)(UNK)(UNK)(UNK)(UNK)(UNK)(UNK)(UNK)(UNK)(UNK)(UNK)(UNK)(UNK)(UNK)GQQNP
YTTNVLQLLKELQ
;
B
3 'polypeptide(L)'
;MELDSALEAPSQEDSNLSEELSHSAFGQAFSKILHCLARP(UNK)(UNK)(UNK)(UNK)(UNK)(UNK)(UNK)(UNK)
DAVLKDLGDLIEATEF(UNK)(UNK)(UNK)(UNK)(UNK)(UNK)(UNK)(UNK)(UNK)(UNK)(UNK)(UNK)
(UNK)(UNK)(UNK)(UNK)(UNK)(UNK)(UNK)(UNK)VAKALEKYAA(UNK)(UNK)(UNK)(UNK)(UNK)(UNK)
(UNK)(UNK)(UNK)(UNK)(UNK)(UNK)(UNK)(UNK)(UNK)(UNK)(UNK)(UNK)(UNK)(UNK)QVGLLF
(UNK)(UNK)(UNK)(UNK)(UNK)(UNK)(UNK)(UNK)(UNK)(UNK)(UNK)(UNK)(UNK)LVGPAWQTGL(UNK)
(UNK)(UNK)(UNK)(UNK)(UNK)(UNK)(UNK)(UNK)(UNK)(UNK)(UNK)(UNK)(UNK)(UNK)(UNK)(UNK)
(UNK)(UNK)(UNK)(UNK)TPRSREVARE(UNK)(UNK)(UNK)(UNK)(UNK)(UNK)(UNK)(UNK)(UNK)(UNK)
(UNK)(UNK)(UNK)(UNK)(UNK)(UNK)FLHGENEDEKGRLSVILGLLKPDLYKESWKNNPAIKHVFSWTLQQVTRPW
LSQHLERVLPASLVISDDYQTENKILGVHCLHHIVLNVPAADLLQYNRAQVLYHAISNHLYTPEHHLIQAVLLCLLDLFP
ILEKTLHWKGDGARPTTHCDEVLRLILTHMEPEHRLLLRRTYARNLPAFVNRLGILTVRHLKRLERVIIGYLEVYDGPEE
EARLKILETLKLLMQHTWPRVSCRLVVLLKALLKLICDVARDPNLTPESVKSALLQEATDCLILLDRCSQGRVKGLLAKI
PQSCEDRKVVNYIRKVQQVSEGAPYNGT
;
C
#
# COMPACT_ATOMS: atom_id res chain seq x y z
N SER A 6 -37.02 4.90 -22.31
CA SER A 6 -36.73 6.18 -21.67
C SER A 6 -37.68 6.41 -20.52
N GLU A 7 -38.96 6.62 -20.84
CA GLU A 7 -39.97 6.85 -19.80
C GLU A 7 -40.09 5.67 -18.85
N VAL A 8 -39.59 4.50 -19.25
CA VAL A 8 -39.66 3.32 -18.39
C VAL A 8 -38.97 3.56 -17.05
N ARG A 9 -37.97 4.44 -17.01
CA ARG A 9 -37.35 4.78 -15.73
C ARG A 9 -38.41 5.26 -14.74
N LEU A 10 -39.33 6.12 -15.19
CA LEU A 10 -40.45 6.50 -14.35
C LEU A 10 -41.29 5.28 -13.98
N ALA A 11 -41.63 4.44 -14.95
CA ALA A 11 -42.24 3.16 -14.63
C ALA A 11 -41.39 2.42 -13.62
N VAL A 12 -40.07 2.43 -13.80
CA VAL A 12 -39.16 1.92 -12.79
C VAL A 12 -39.50 2.51 -11.43
N ARG A 13 -39.48 3.84 -11.32
CA ARG A 13 -40.00 4.47 -10.11
C ARG A 13 -41.38 3.93 -9.80
N GLU A 14 -42.31 4.03 -10.76
CA GLU A 14 -43.63 3.46 -10.54
C GLU A 14 -43.54 2.01 -10.10
N ALA A 15 -42.65 1.23 -10.72
CA ALA A 15 -42.42 -0.12 -10.25
C ALA A 15 -42.09 -0.12 -8.76
N ILE A 16 -41.00 0.53 -8.38
CA ILE A 16 -40.66 0.56 -6.96
C ILE A 16 -41.74 1.30 -6.19
N HIS A 17 -42.50 2.19 -6.85
CA HIS A 17 -43.68 2.75 -6.21
C HIS A 17 -44.70 1.65 -5.93
N ALA A 18 -45.12 0.95 -6.98
CA ALA A 18 -46.04 -0.16 -6.80
C ALA A 18 -45.46 -1.19 -5.85
N LEU A 19 -44.20 -1.55 -6.07
CA LEU A 19 -43.50 -2.46 -5.17
C LEU A 19 -43.47 -1.95 -3.74
N SER A 20 -43.47 -0.63 -3.54
CA SER A 20 -43.52 -0.07 -2.20
C SER A 20 -44.94 0.32 -1.78
N SER A 21 -45.93 0.11 -2.64
CA SER A 21 -47.33 0.39 -2.35
C SER A 21 -48.16 -0.86 -2.60
N SER A 22 -47.71 -1.98 -2.03
CA SER A 22 -48.28 -3.29 -2.31
C SER A 22 -49.68 -3.39 -1.69
N GLU A 23 -50.25 -4.59 -1.76
CA GLU A 23 -51.64 -5.02 -1.54
C GLU A 23 -52.47 -4.72 -2.77
N ASP A 24 -51.91 -4.07 -3.79
CA ASP A 24 -52.62 -3.80 -5.05
C ASP A 24 -52.29 -4.90 -6.05
N GLY A 25 -52.77 -6.10 -5.74
CA GLY A 25 -52.47 -7.31 -6.48
C GLY A 25 -52.48 -7.19 -7.99
N GLY A 26 -53.57 -6.64 -8.53
CA GLY A 26 -53.64 -6.48 -9.97
C GLY A 26 -52.55 -5.60 -10.52
N HIS A 27 -52.37 -4.42 -9.91
CA HIS A 27 -51.38 -3.47 -10.42
C HIS A 27 -49.98 -4.05 -10.36
N ILE A 28 -49.62 -4.70 -9.25
CA ILE A 28 -48.27 -5.23 -9.13
C ILE A 28 -48.06 -6.39 -10.08
N PHE A 29 -49.06 -7.27 -10.23
CA PHE A 29 -48.93 -8.35 -11.20
C PHE A 29 -48.70 -7.81 -12.59
N CYS A 30 -49.51 -6.83 -13.01
CA CYS A 30 -49.37 -6.27 -14.35
C CYS A 30 -48.01 -5.62 -14.54
N THR A 31 -47.57 -4.80 -13.58
CA THR A 31 -46.32 -4.08 -13.78
C THR A 31 -45.14 -5.03 -13.77
N LEU A 32 -45.18 -6.08 -12.95
CA LEU A 32 -44.06 -7.00 -12.92
C LEU A 32 -44.00 -7.85 -14.17
N GLU A 33 -45.14 -8.37 -14.64
CA GLU A 33 -45.12 -9.14 -15.88
C GLU A 33 -44.71 -8.26 -17.06
N SER A 34 -45.12 -6.99 -17.06
CA SER A 34 -44.73 -6.10 -18.14
C SER A 34 -43.23 -5.85 -18.12
N LEU A 35 -42.69 -5.54 -16.93
CA LEU A 35 -41.26 -5.32 -16.82
C LEU A 35 -40.48 -6.54 -17.27
N LYS A 36 -40.93 -7.73 -16.87
CA LYS A 36 -40.33 -8.97 -17.36
C LYS A 36 -40.36 -9.05 -18.88
N ARG A 37 -41.51 -8.74 -19.49
CA ARG A 37 -41.63 -8.76 -20.94
C ARG A 37 -40.47 -8.03 -21.60
N TYR A 38 -40.05 -6.90 -21.03
CA TYR A 38 -38.90 -6.21 -21.57
C TYR A 38 -37.79 -6.17 -20.53
N LEU A 39 -37.58 -7.29 -19.85
CA LEU A 39 -36.49 -7.42 -18.89
C LEU A 39 -35.16 -7.38 -19.63
N ALA A 46 -32.96 -1.04 -28.46
CA ALA A 46 -31.72 -1.80 -28.49
C ALA A 46 -30.69 -1.18 -27.54
N LEU A 47 -30.90 0.08 -27.20
CA LEU A 47 -30.00 0.76 -26.30
C LEU A 47 -29.94 0.02 -24.97
N PRO A 48 -28.75 -0.35 -24.50
CA PRO A 48 -28.66 -1.12 -23.25
C PRO A 48 -28.38 -0.27 -22.03
N ARG A 49 -28.11 1.03 -22.22
CA ARG A 49 -27.73 1.89 -21.11
C ARG A 49 -28.80 1.90 -20.03
N GLU A 50 -30.01 2.36 -20.39
CA GLU A 50 -31.12 2.26 -19.46
C GLU A 50 -31.40 0.81 -19.12
N LYS A 51 -31.17 -0.11 -20.06
CA LYS A 51 -31.28 -1.53 -19.73
C LYS A 51 -30.19 -1.97 -18.78
N GLU A 52 -29.10 -1.22 -18.67
CA GLU A 52 -28.10 -1.55 -17.65
C GLU A 52 -28.51 -1.01 -16.30
N GLU A 53 -28.98 0.25 -16.26
CA GLU A 53 -29.52 0.78 -15.01
C GLU A 53 -30.66 -0.09 -14.49
N PHE A 54 -31.50 -0.58 -15.39
CA PHE A 54 -32.48 -1.59 -15.02
C PHE A 54 -31.81 -2.90 -14.64
N ALA A 55 -30.72 -3.23 -15.31
CA ALA A 55 -30.10 -4.54 -15.13
C ALA A 55 -29.60 -4.72 -13.71
N SER A 56 -29.12 -3.65 -13.07
CA SER A 56 -28.79 -3.70 -11.65
C SER A 56 -29.58 -2.68 -10.84
N ALA A 57 -29.50 -1.39 -11.18
CA ALA A 57 -30.01 -0.36 -10.30
C ALA A 57 -31.51 -0.43 -10.13
N HIS A 58 -32.22 -1.17 -10.98
CA HIS A 58 -33.59 -1.58 -10.68
C HIS A 58 -33.67 -3.03 -10.23
N PHE A 59 -32.70 -3.85 -10.61
CA PHE A 59 -32.73 -5.26 -10.25
C PHE A 59 -32.57 -5.45 -8.75
N SER A 60 -31.54 -4.85 -8.17
CA SER A 60 -31.32 -5.02 -6.73
C SER A 60 -32.45 -4.45 -5.89
N PRO A 61 -33.03 -3.29 -6.19
CA PRO A 61 -34.15 -2.83 -5.35
C PRO A 61 -35.35 -3.73 -5.41
N VAL A 62 -35.77 -4.14 -6.61
CA VAL A 62 -36.92 -5.04 -6.70
C VAL A 62 -36.61 -6.36 -6.01
N LEU A 63 -35.38 -6.85 -6.15
CA LEU A 63 -34.99 -8.08 -5.48
C LEU A 63 -35.16 -7.94 -3.97
N ARG A 64 -34.56 -6.90 -3.39
CA ARG A 64 -34.63 -6.72 -1.96
C ARG A 64 -36.07 -6.59 -1.51
N CYS A 65 -36.79 -5.62 -2.05
CA CYS A 65 -38.14 -5.32 -1.56
C CYS A 65 -39.11 -6.44 -1.85
N LEU A 66 -38.82 -7.34 -2.79
CA LEU A 66 -39.75 -8.43 -3.05
C LEU A 66 -39.35 -9.71 -2.34
N ALA A 67 -38.11 -9.82 -1.89
CA ALA A 67 -37.64 -10.98 -1.15
C ALA A 67 -37.55 -10.74 0.35
N SER A 68 -37.07 -9.58 0.78
CA SER A 68 -36.89 -9.29 2.19
C SER A 68 -37.99 -8.41 2.79
N ARG A 69 -38.66 -7.60 1.98
CA ARG A 69 -39.68 -6.69 2.50
C ARG A 69 -41.06 -7.34 2.57
N LEU A 70 -41.46 -8.07 1.54
CA LEU A 70 -42.79 -8.66 1.50
C LEU A 70 -42.86 -9.87 2.41
N SER A 71 -44.00 -10.02 3.09
CA SER A 71 -44.23 -11.11 4.02
C SER A 71 -44.63 -12.36 3.25
N PRO A 72 -44.67 -13.54 3.92
CA PRO A 72 -45.12 -14.74 3.22
C PRO A 72 -46.61 -14.72 2.94
N ALA A 73 -47.07 -13.65 2.28
CA ALA A 73 -48.44 -13.52 1.83
C ALA A 73 -48.54 -12.97 0.43
N TRP A 74 -47.47 -12.38 -0.11
CA TRP A 74 -47.48 -11.93 -1.50
C TRP A 74 -47.74 -13.08 -2.45
N LEU A 75 -47.08 -14.22 -2.24
CA LEU A 75 -47.28 -15.38 -3.11
C LEU A 75 -48.74 -15.77 -3.19
N GLU A 76 -49.51 -15.49 -2.13
CA GLU A 76 -50.91 -15.82 -2.10
C GLU A 76 -51.81 -14.66 -2.52
N LEU A 77 -51.25 -13.45 -2.66
CA LEU A 77 -52.06 -12.32 -3.12
C LEU A 77 -52.71 -12.63 -4.45
N LEU A 78 -51.92 -13.09 -5.42
CA LEU A 78 -52.42 -13.65 -6.67
C LEU A 78 -51.77 -15.01 -6.84
N PRO A 79 -52.42 -16.07 -6.36
CA PRO A 79 -51.79 -17.40 -6.37
C PRO A 79 -51.91 -18.12 -7.70
N HIS A 80 -52.20 -17.39 -8.79
CA HIS A 80 -52.42 -18.03 -10.08
C HIS A 80 -51.10 -18.42 -10.75
N GLY A 81 -50.25 -19.15 -10.04
CA GLY A 81 -49.04 -19.73 -10.58
C GLY A 81 -48.15 -18.82 -11.39
N ARG A 82 -48.13 -17.53 -11.08
CA ARG A 82 -47.27 -16.60 -11.81
C ARG A 82 -46.47 -15.65 -10.93
N LEU A 83 -46.85 -15.40 -9.68
CA LEU A 83 -46.14 -14.41 -8.88
C LEU A 83 -44.74 -14.89 -8.54
N GLU A 84 -44.63 -16.02 -7.84
CA GLU A 84 -43.31 -16.60 -7.62
C GLU A 84 -42.61 -16.90 -8.93
N GLU A 85 -43.37 -17.17 -9.99
CA GLU A 85 -42.78 -17.41 -11.30
C GLU A 85 -41.99 -16.20 -11.77
N LEU A 86 -42.61 -15.02 -11.75
CA LEU A 86 -41.91 -13.82 -12.18
C LEU A 86 -40.82 -13.43 -11.19
N TRP A 87 -41.08 -13.64 -9.89
CA TRP A 87 -40.04 -13.45 -8.88
C TRP A 87 -38.76 -14.16 -9.27
N ALA A 88 -38.85 -15.46 -9.49
CA ALA A 88 -37.68 -16.24 -9.89
C ALA A 88 -37.14 -15.78 -11.24
N SER A 89 -38.01 -15.74 -12.27
CA SER A 89 -37.56 -15.38 -13.60
C SER A 89 -36.87 -14.04 -13.65
N PHE A 90 -37.04 -13.21 -12.62
CA PHE A 90 -36.17 -12.04 -12.49
C PHE A 90 -34.74 -12.47 -12.12
N PHE A 91 -34.61 -13.41 -11.18
CA PHE A 91 -33.32 -13.76 -10.61
C PHE A 91 -32.71 -15.00 -11.24
N LEU A 92 -33.46 -15.73 -12.06
CA LEU A 92 -32.90 -16.92 -12.67
C LEU A 92 -32.14 -16.61 -13.96
N GLU A 93 -32.57 -15.59 -14.70
CA GLU A 93 -31.88 -15.18 -15.91
C GLU A 93 -31.93 -13.66 -15.99
N GLY A 94 -31.55 -13.13 -17.15
CA GLY A 94 -31.54 -11.70 -17.35
C GLY A 94 -30.15 -11.10 -17.36
N PRO A 95 -29.95 -10.02 -16.59
CA PRO A 95 -28.61 -9.44 -16.48
C PRO A 95 -27.64 -10.44 -15.88
N ALA A 96 -26.43 -10.47 -16.44
CA ALA A 96 -25.51 -11.55 -16.14
C ALA A 96 -24.88 -11.39 -14.76
N ASP A 97 -24.12 -10.32 -14.56
CA ASP A 97 -23.19 -10.28 -13.44
C ASP A 97 -23.90 -9.99 -12.13
N GLN A 98 -24.57 -8.84 -12.06
CA GLN A 98 -25.09 -8.33 -10.78
C GLN A 98 -26.02 -9.32 -10.09
N ALA A 99 -26.61 -10.25 -10.83
CA ALA A 99 -27.50 -11.23 -10.22
C ALA A 99 -26.78 -12.00 -9.12
N PHE A 100 -25.69 -12.67 -9.48
CA PHE A 100 -24.91 -13.41 -8.50
C PHE A 100 -24.47 -12.52 -7.37
N LEU A 101 -24.04 -11.30 -7.69
CA LEU A 101 -23.52 -10.40 -6.66
C LEU A 101 -24.59 -10.11 -5.62
N VAL A 102 -25.75 -9.62 -6.04
CA VAL A 102 -26.79 -9.25 -5.10
C VAL A 102 -27.31 -10.48 -4.38
N LEU A 103 -27.35 -11.62 -5.07
CA LEU A 103 -27.76 -12.86 -4.42
C LEU A 103 -26.86 -13.18 -3.25
N MET A 104 -25.54 -13.13 -3.47
CA MET A 104 -24.59 -13.41 -2.40
C MET A 104 -24.70 -12.39 -1.29
N GLU A 105 -24.71 -11.11 -1.65
CA GLU A 105 -24.79 -10.05 -0.66
C GLU A 105 -26.03 -10.19 0.21
N THR A 106 -27.16 -10.53 -0.41
CA THR A 106 -28.39 -10.77 0.34
C THR A 106 -28.24 -11.97 1.27
N ILE A 107 -27.94 -13.14 0.70
CA ILE A 107 -27.89 -14.34 1.53
C ILE A 107 -26.92 -14.15 2.68
N GLU A 108 -25.92 -13.29 2.52
CA GLU A 108 -25.15 -12.85 3.67
C GLU A 108 -26.01 -12.02 4.61
N GLY A 109 -26.53 -10.89 4.11
CA GLY A 109 -27.36 -10.04 4.95
C GLY A 109 -28.64 -10.73 5.38
N ALA A 110 -29.37 -11.31 4.43
CA ALA A 110 -30.59 -12.04 4.73
C ALA A 110 -30.19 -13.37 5.35
N ALA A 111 -29.94 -13.34 6.66
CA ALA A 111 -29.54 -14.52 7.42
C ALA A 111 -30.54 -14.68 8.56
N GLY A 112 -31.65 -15.36 8.28
CA GLY A 112 -32.64 -15.67 9.28
C GLY A 112 -32.84 -17.15 9.41
N PRO A 113 -33.65 -17.59 10.38
CA PRO A 113 -33.93 -19.01 10.51
C PRO A 113 -34.58 -19.57 9.25
N SER A 114 -35.75 -19.05 8.90
CA SER A 114 -36.34 -19.30 7.58
C SER A 114 -37.46 -18.29 7.35
N PHE A 115 -37.26 -17.36 6.42
CA PHE A 115 -38.35 -16.58 5.85
C PHE A 115 -38.50 -16.88 4.37
N ARG A 116 -37.45 -16.66 3.58
CA ARG A 116 -37.31 -17.20 2.24
C ARG A 116 -36.04 -18.03 2.15
N LEU A 117 -35.41 -18.32 3.29
CA LEU A 117 -34.08 -18.90 3.31
C LEU A 117 -34.00 -20.15 2.46
N MET A 118 -34.86 -21.13 2.76
CA MET A 118 -34.89 -22.34 1.94
C MET A 118 -35.24 -22.01 0.51
N LYS A 119 -36.23 -21.13 0.31
CA LYS A 119 -36.60 -20.72 -1.04
C LYS A 119 -35.46 -19.93 -1.70
N MET A 120 -34.72 -19.13 -0.92
CA MET A 120 -33.54 -18.47 -1.46
C MET A 120 -32.53 -19.49 -1.95
N ALA A 121 -32.29 -20.53 -1.16
CA ALA A 121 -31.37 -21.58 -1.57
C ALA A 121 -31.85 -22.27 -2.84
N ARG A 122 -33.16 -22.54 -2.91
CA ARG A 122 -33.72 -23.15 -4.11
C ARG A 122 -33.48 -22.28 -5.31
N LEU A 123 -33.68 -20.97 -5.15
CA LEU A 123 -33.44 -20.00 -6.21
C LEU A 123 -32.00 -20.09 -6.70
N LEU A 124 -31.05 -19.94 -5.78
CA LEU A 124 -29.64 -19.90 -6.18
C LEU A 124 -29.20 -21.21 -6.80
N ALA A 125 -29.58 -22.33 -6.17
CA ALA A 125 -29.26 -23.63 -6.72
C ALA A 125 -29.80 -23.75 -8.14
N ARG A 126 -31.12 -23.61 -8.29
CA ARG A 126 -31.75 -23.78 -9.59
C ARG A 126 -31.15 -22.85 -10.64
N PHE A 127 -30.57 -21.72 -10.20
CA PHE A 127 -29.81 -20.90 -11.12
C PHE A 127 -28.52 -21.60 -11.54
N LEU A 128 -27.75 -22.05 -10.57
CA LEU A 128 -26.50 -22.75 -10.88
C LEU A 128 -26.75 -23.92 -11.80
N ARG A 129 -27.64 -24.83 -11.39
CA ARG A 129 -27.96 -26.07 -12.07
C ARG A 129 -28.19 -25.89 -13.56
N GLU A 130 -28.78 -24.78 -13.96
CA GLU A 130 -29.07 -24.50 -15.35
C GLU A 130 -28.47 -23.16 -15.77
N GLY A 131 -27.32 -23.21 -16.43
CA GLY A 131 -26.72 -22.02 -16.98
C GLY A 131 -25.64 -21.39 -16.14
N ARG A 132 -24.94 -22.19 -15.34
CA ARG A 132 -23.96 -21.73 -14.35
C ARG A 132 -22.92 -20.84 -15.04
N LEU A 133 -22.73 -20.92 -16.35
CA LEU A 133 -21.71 -20.07 -16.94
C LEU A 133 -22.05 -18.61 -16.65
N ALA A 134 -23.03 -18.06 -17.35
CA ALA A 134 -23.75 -16.85 -16.95
C ALA A 134 -22.84 -15.65 -16.68
N VAL A 135 -21.55 -15.92 -16.51
CA VAL A 135 -20.56 -14.87 -16.32
C VAL A 135 -19.35 -15.13 -17.21
N LEU A 136 -18.85 -16.38 -17.17
CA LEU A 136 -17.64 -16.76 -17.88
C LEU A 136 -17.71 -16.43 -19.36
N MET A 137 -18.77 -16.90 -20.04
CA MET A 137 -18.86 -16.66 -21.48
C MET A 137 -18.95 -15.18 -21.79
N GLU A 138 -19.65 -14.42 -20.93
CA GLU A 138 -19.69 -12.97 -21.07
C GLU A 138 -18.55 -12.33 -20.30
N ALA A 139 -17.32 -12.80 -20.52
CA ALA A 139 -16.14 -12.20 -19.90
C ALA A 139 -15.35 -11.32 -20.85
N GLN A 140 -15.76 -11.23 -22.11
CA GLN A 140 -15.08 -10.37 -23.07
C GLN A 140 -15.42 -8.93 -22.74
N CYS A 141 -14.81 -8.43 -21.66
CA CYS A 141 -15.07 -7.09 -21.19
C CYS A 141 -13.84 -6.21 -21.37
N ARG A 142 -14.01 -4.90 -21.24
CA ARG A 142 -12.91 -3.96 -21.47
C ARG A 142 -12.01 -3.83 -20.25
N GLN A 143 -12.55 -3.29 -19.14
CA GLN A 143 -11.81 -3.16 -17.90
C GLN A 143 -12.74 -2.60 -16.83
N GLN A 144 -12.41 -2.90 -15.57
CA GLN A 144 -13.24 -2.47 -14.46
C GLN A 144 -12.39 -2.24 -13.21
N THR A 145 -13.03 -2.12 -12.05
CA THR A 145 -12.32 -1.89 -10.80
C THR A 145 -11.89 -3.22 -10.20
N GLN A 146 -10.73 -3.22 -9.57
CA GLN A 146 -10.10 -4.45 -9.11
C GLN A 146 -10.72 -5.03 -7.84
N PRO A 147 -11.07 -4.22 -6.83
CA PRO A 147 -11.74 -4.81 -5.65
C PRO A 147 -13.07 -5.46 -5.99
N GLY A 148 -13.70 -5.01 -7.08
CA GLY A 148 -14.88 -5.69 -7.57
C GLY A 148 -14.59 -7.11 -8.01
N PHE A 149 -13.59 -7.27 -8.89
CA PHE A 149 -13.07 -8.59 -9.22
C PHE A 149 -12.79 -9.39 -7.96
N ILE A 150 -12.13 -8.75 -6.99
CA ILE A 150 -11.77 -9.44 -5.75
C ILE A 150 -13.00 -10.04 -5.10
N LEU A 151 -14.00 -9.20 -4.83
CA LEU A 151 -15.20 -9.69 -4.14
C LEU A 151 -15.90 -10.76 -4.97
N LEU A 152 -16.04 -10.53 -6.27
CA LEU A 152 -16.75 -11.46 -7.13
C LEU A 152 -16.09 -12.84 -7.11
N ARG A 153 -14.78 -12.89 -7.39
CA ARG A 153 -14.10 -14.17 -7.46
C ARG A 153 -14.04 -14.84 -6.09
N GLU A 154 -13.70 -14.09 -5.04
CA GLU A 154 -13.60 -14.70 -3.71
C GLU A 154 -14.95 -15.30 -3.29
N THR A 155 -16.04 -14.60 -3.57
CA THR A 155 -17.35 -15.18 -3.29
C THR A 155 -17.58 -16.42 -4.14
N LEU A 156 -17.36 -16.31 -5.45
CA LEU A 156 -17.56 -17.42 -6.37
C LEU A 156 -16.78 -18.66 -5.98
N LEU A 157 -15.69 -18.49 -5.24
CA LEU A 157 -14.87 -19.63 -4.85
C LEU A 157 -14.90 -19.93 -3.36
N GLY A 158 -15.65 -19.18 -2.57
CA GLY A 158 -15.78 -19.51 -1.17
C GLY A 158 -17.22 -19.76 -0.77
N LYS A 159 -18.12 -19.70 -1.75
CA LYS A 159 -19.54 -19.93 -1.53
C LYS A 159 -19.82 -21.07 -0.56
N VAL A 160 -19.11 -22.18 -0.73
CA VAL A 160 -19.35 -23.35 0.13
C VAL A 160 -19.24 -22.97 1.60
N VAL A 161 -18.08 -22.46 2.01
CA VAL A 161 -17.88 -22.15 3.43
C VAL A 161 -18.73 -20.96 3.84
N ALA A 162 -19.00 -20.06 2.88
CA ALA A 162 -19.77 -18.86 3.20
C ALA A 162 -21.20 -19.21 3.59
N LEU A 163 -21.73 -20.28 2.99
CA LEU A 163 -23.14 -20.62 3.20
C LEU A 163 -23.49 -20.90 4.66
N PRO A 164 -22.91 -21.92 5.30
CA PRO A 164 -23.40 -22.28 6.64
C PRO A 164 -22.91 -21.36 7.74
N ASP A 165 -22.02 -20.42 7.41
CA ASP A 165 -21.58 -19.45 8.41
C ASP A 165 -22.77 -18.68 8.97
N HIS A 166 -23.65 -18.20 8.09
CA HIS A 166 -24.82 -17.43 8.52
C HIS A 166 -25.83 -18.33 9.24
N LEU A 167 -25.99 -19.56 8.78
CA LEU A 167 -26.85 -20.53 9.42
C LEU A 167 -26.19 -21.89 9.28
N GLY A 168 -25.55 -22.36 10.35
CA GLY A 168 -25.03 -23.71 10.38
C GLY A 168 -25.68 -24.57 11.44
N ASN A 169 -26.52 -25.52 11.00
CA ASN A 169 -27.29 -26.36 11.91
C ASN A 169 -27.81 -27.59 11.19
N ARG A 170 -28.76 -28.29 11.80
CA ARG A 170 -29.41 -29.44 11.17
C ARG A 170 -29.99 -29.07 9.81
N LEU A 171 -30.65 -27.92 9.71
CA LEU A 171 -31.16 -27.47 8.42
C LEU A 171 -30.05 -27.18 7.43
N GLN A 172 -28.99 -26.51 7.87
CA GLN A 172 -27.82 -26.34 7.01
C GLN A 172 -27.25 -27.68 6.59
N GLN A 173 -27.37 -28.69 7.46
CA GLN A 173 -26.84 -30.01 7.14
C GLN A 173 -27.64 -30.66 6.01
N GLU A 174 -28.98 -30.68 6.15
CA GLU A 174 -29.78 -31.28 5.08
C GLU A 174 -29.68 -30.48 3.80
N ASN A 175 -29.46 -29.17 3.91
CA ASN A 175 -29.09 -28.37 2.75
C ASN A 175 -27.79 -28.87 2.14
N LEU A 176 -26.80 -29.17 2.97
CA LEU A 176 -25.44 -29.48 2.53
C LEU A 176 -25.01 -30.88 2.96
N ALA A 177 -25.87 -31.88 2.81
CA ALA A 177 -25.50 -33.27 3.09
C ALA A 177 -25.34 -34.07 1.80
N GLU A 178 -25.56 -33.44 0.65
CA GLU A 178 -25.42 -34.09 -0.64
C GLU A 178 -24.33 -33.46 -1.50
N PHE A 179 -24.08 -32.17 -1.34
CA PHE A 179 -23.16 -31.46 -2.21
C PHE A 179 -22.27 -30.46 -1.49
N PHE A 180 -21.99 -30.65 -0.21
CA PHE A 180 -21.32 -29.60 0.56
C PHE A 180 -19.94 -29.32 -0.03
N PRO A 181 -18.91 -30.18 0.15
CA PRO A 181 -17.92 -30.33 -0.92
C PRO A 181 -18.23 -31.53 -1.81
N GLN A 182 -17.29 -31.85 -2.70
CA GLN A 182 -17.23 -33.11 -3.42
C GLN A 182 -18.30 -33.20 -4.51
N ASN A 183 -19.21 -32.22 -4.51
CA ASN A 183 -20.12 -32.06 -5.64
C ASN A 183 -20.05 -30.63 -6.17
N TYR A 184 -19.87 -29.65 -5.28
CA TYR A 184 -19.85 -28.26 -5.73
C TYR A 184 -18.65 -27.97 -6.60
N PHE A 185 -17.45 -28.27 -6.12
CA PHE A 185 -16.27 -28.13 -6.95
C PHE A 185 -16.32 -29.04 -8.17
N ARG A 186 -17.03 -30.16 -8.07
CA ARG A 186 -17.28 -30.96 -9.26
C ARG A 186 -18.08 -30.17 -10.28
N LEU A 187 -19.10 -29.44 -9.81
CA LEU A 187 -19.82 -28.53 -10.70
C LEU A 187 -18.85 -27.54 -11.32
N LEU A 188 -18.13 -26.79 -10.49
CA LEU A 188 -17.15 -25.79 -10.93
C LEU A 188 -16.27 -26.34 -12.03
N GLY A 189 -15.72 -27.53 -11.82
CA GLY A 189 -14.87 -28.16 -12.81
C GLY A 189 -15.61 -28.47 -14.08
N GLU A 190 -16.81 -29.02 -13.95
CA GLU A 190 -17.62 -29.29 -15.13
C GLU A 190 -17.85 -28.00 -15.92
N GLU A 191 -18.13 -26.92 -15.20
CA GLU A 191 -18.49 -25.66 -15.85
C GLU A 191 -17.29 -25.04 -16.56
N VAL A 192 -16.13 -25.07 -15.90
CA VAL A 192 -14.93 -24.57 -16.57
C VAL A 192 -14.64 -25.44 -17.79
N VAL A 193 -14.96 -26.74 -17.72
CA VAL A 193 -14.83 -27.59 -18.89
C VAL A 193 -15.71 -27.06 -20.02
N ARG A 194 -16.99 -26.82 -19.71
CA ARG A 194 -17.93 -26.38 -20.74
C ARG A 194 -17.48 -25.06 -21.36
N VAL A 195 -17.09 -24.11 -20.52
CA VAL A 195 -16.79 -22.78 -21.04
C VAL A 195 -15.47 -22.80 -21.80
N LEU A 196 -14.52 -23.62 -21.37
CA LEU A 196 -13.30 -23.80 -22.13
C LEU A 196 -13.61 -24.30 -23.52
N GLN A 197 -14.38 -25.40 -23.61
CA GLN A 197 -14.65 -25.96 -24.93
C GLN A 197 -15.50 -25.00 -25.77
N ALA A 198 -16.33 -24.20 -25.11
CA ALA A 198 -17.15 -23.24 -25.83
C ALA A 198 -16.28 -22.18 -26.49
N VAL A 199 -15.42 -21.53 -25.69
CA VAL A 199 -14.57 -20.49 -26.26
C VAL A 199 -13.62 -21.10 -27.29
N VAL A 200 -13.27 -22.38 -27.11
CA VAL A 200 -12.48 -23.08 -28.10
C VAL A 200 -13.21 -23.10 -29.44
N ASP A 201 -14.38 -23.75 -29.47
CA ASP A 201 -15.05 -23.95 -30.75
C ASP A 201 -15.61 -22.64 -31.30
N SER A 202 -15.55 -21.57 -30.50
CA SER A 202 -16.05 -20.29 -30.96
C SER A 202 -15.33 -19.85 -32.23
N LEU A 203 -14.03 -19.58 -32.13
CA LEU A 203 -13.21 -19.16 -33.25
C LEU A 203 -13.84 -17.97 -33.99
N GLN A 204 -14.38 -17.06 -33.21
CA GLN A 204 -14.91 -15.81 -33.76
C GLN A 204 -13.89 -14.70 -33.53
N GLY A 205 -13.55 -14.48 -32.27
CA GLY A 205 -12.48 -13.58 -31.90
C GLY A 205 -11.77 -14.10 -30.67
N GLY A 206 -10.44 -14.14 -30.75
CA GLY A 206 -9.64 -14.73 -29.69
C GLY A 206 -9.73 -13.90 -28.43
N LEU A 207 -10.48 -14.41 -27.46
CA LEU A 207 -10.79 -13.65 -26.27
C LEU A 207 -9.69 -13.78 -25.21
N ASP A 208 -9.46 -15.00 -24.73
CA ASP A 208 -8.64 -15.27 -23.56
C ASP A 208 -9.22 -14.57 -22.33
N SER A 209 -10.37 -13.91 -22.50
CA SER A 209 -10.99 -13.14 -21.43
C SER A 209 -11.73 -14.09 -20.50
N SER A 210 -12.59 -14.95 -21.06
CA SER A 210 -13.14 -16.05 -20.29
C SER A 210 -12.03 -16.95 -19.76
N VAL A 211 -11.01 -17.18 -20.58
CA VAL A 211 -9.84 -17.94 -20.15
C VAL A 211 -9.19 -17.27 -18.95
N SER A 212 -8.92 -15.97 -19.07
CA SER A 212 -8.29 -15.25 -17.98
C SER A 212 -9.12 -15.34 -16.70
N PHE A 213 -10.43 -15.16 -16.82
CA PHE A 213 -11.28 -15.17 -15.65
C PHE A 213 -11.28 -16.55 -15.01
N VAL A 214 -11.43 -17.61 -15.81
CA VAL A 214 -11.46 -18.94 -15.22
C VAL A 214 -10.11 -19.32 -14.66
N SER A 215 -9.03 -18.73 -15.17
CA SER A 215 -7.73 -18.98 -14.56
C SER A 215 -7.63 -18.30 -13.20
N GLN A 216 -8.10 -17.06 -13.12
CA GLN A 216 -8.20 -16.42 -11.81
C GLN A 216 -9.03 -17.27 -10.86
N VAL A 217 -10.03 -17.97 -11.41
CA VAL A 217 -10.79 -18.94 -10.62
C VAL A 217 -9.90 -20.06 -10.13
N LEU A 218 -9.30 -20.80 -11.07
CA LEU A 218 -8.39 -21.90 -10.75
C LEU A 218 -7.42 -21.50 -9.66
N GLY A 219 -6.97 -20.25 -9.68
CA GLY A 219 -6.08 -19.77 -8.65
C GLY A 219 -6.62 -19.99 -7.25
N LYS A 220 -7.71 -19.29 -6.91
CA LYS A 220 -8.25 -19.42 -5.57
C LYS A 220 -8.70 -20.85 -5.29
N ALA A 221 -9.27 -21.50 -6.31
CA ALA A 221 -9.69 -22.89 -6.16
C ALA A 221 -8.54 -23.74 -5.66
N CYS A 222 -7.41 -23.70 -6.34
CA CYS A 222 -6.26 -24.49 -5.92
C CYS A 222 -5.75 -24.05 -4.56
N VAL A 223 -5.75 -22.74 -4.30
CA VAL A 223 -5.09 -22.32 -3.06
C VAL A 223 -5.95 -22.67 -1.85
N HIS A 224 -7.22 -23.00 -2.04
CA HIS A 224 -7.96 -23.58 -0.92
C HIS A 224 -8.49 -24.99 -1.19
N GLY A 225 -9.19 -25.21 -2.30
CA GLY A 225 -9.60 -26.54 -2.69
C GLY A 225 -8.38 -27.37 -3.06
N ARG A 226 -8.35 -28.59 -2.56
CA ARG A 226 -7.07 -29.28 -2.52
C ARG A 226 -6.85 -30.16 -3.73
N GLN A 227 -7.71 -31.16 -3.95
CA GLN A 227 -7.62 -32.01 -5.13
C GLN A 227 -8.99 -32.58 -5.45
N GLN A 228 -9.71 -31.89 -6.33
CA GLN A 228 -10.90 -32.47 -6.93
C GLN A 228 -10.87 -32.26 -8.44
N GLU A 229 -10.33 -31.12 -8.86
CA GLU A 229 -10.47 -30.70 -10.24
C GLU A 229 -9.36 -31.26 -11.12
N ILE A 230 -8.31 -31.78 -10.50
CA ILE A 230 -7.13 -32.18 -11.28
C ILE A 230 -7.46 -33.29 -12.26
N LEU A 231 -7.91 -34.44 -11.75
CA LEU A 231 -8.25 -35.55 -12.64
C LEU A 231 -9.47 -35.21 -13.48
N GLY A 232 -10.52 -34.72 -12.83
CA GLY A 232 -11.77 -34.37 -13.48
C GLY A 232 -11.67 -33.14 -14.33
N VAL A 233 -10.44 -32.71 -14.60
CA VAL A 233 -10.14 -31.73 -15.62
C VAL A 233 -9.18 -32.29 -16.66
N LEU A 234 -8.06 -32.87 -16.22
CA LEU A 234 -7.03 -33.31 -17.15
C LEU A 234 -7.52 -34.46 -18.02
N VAL A 235 -8.15 -35.47 -17.42
CA VAL A 235 -8.70 -36.56 -18.23
C VAL A 235 -9.67 -36.01 -19.26
N PRO A 236 -10.63 -35.14 -18.91
CA PRO A 236 -11.37 -34.43 -19.96
C PRO A 236 -10.48 -33.58 -20.86
N ARG A 237 -9.43 -32.95 -20.30
CA ARG A 237 -8.50 -32.21 -21.14
C ARG A 237 -7.69 -33.16 -22.01
N LEU A 238 -7.21 -34.26 -21.45
CA LEU A 238 -6.57 -35.28 -22.27
C LEU A 238 -7.43 -35.64 -23.47
N ALA A 239 -8.68 -36.03 -23.21
CA ALA A 239 -9.59 -36.39 -24.29
C ALA A 239 -9.73 -35.25 -25.29
N ALA A 240 -10.15 -34.07 -24.82
CA ALA A 240 -10.46 -32.98 -25.72
C ALA A 240 -9.21 -32.33 -26.29
N LEU A 241 -8.03 -32.90 -26.05
CA LEU A 241 -6.81 -32.40 -26.66
C LEU A 241 -6.17 -33.44 -27.58
N THR A 242 -6.45 -34.72 -27.35
CA THR A 242 -5.71 -35.79 -28.00
C THR A 242 -5.85 -35.74 -29.52
N GLN A 243 -6.97 -35.25 -30.03
CA GLN A 243 -7.19 -35.17 -31.46
C GLN A 243 -6.35 -34.03 -32.05
N GLY A 244 -6.57 -33.72 -33.33
CA GLY A 244 -5.91 -32.57 -33.92
C GLY A 244 -6.53 -31.29 -33.39
N SER A 245 -6.41 -31.10 -32.08
CA SER A 245 -7.16 -30.08 -31.35
C SER A 245 -6.42 -28.75 -31.34
N TYR A 246 -6.30 -28.15 -32.53
CA TYR A 246 -5.64 -26.85 -32.65
C TYR A 246 -6.19 -25.87 -31.64
N LEU A 247 -7.48 -25.58 -31.72
CA LEU A 247 -8.09 -24.61 -30.82
C LEU A 247 -8.09 -25.10 -29.38
N HIS A 248 -8.41 -26.38 -29.17
CA HIS A 248 -8.42 -26.91 -27.81
C HIS A 248 -7.04 -26.86 -27.16
N GLN A 249 -6.02 -27.39 -27.86
CA GLN A 249 -4.67 -27.35 -27.32
C GLN A 249 -4.22 -25.92 -27.06
N ARG A 250 -4.44 -25.02 -28.02
CA ARG A 250 -3.93 -23.66 -27.85
C ARG A 250 -4.61 -22.97 -26.68
N VAL A 251 -5.93 -23.15 -26.53
CA VAL A 251 -6.64 -22.48 -25.45
C VAL A 251 -6.26 -23.10 -24.11
N CYS A 252 -6.00 -24.41 -24.08
CA CYS A 252 -5.55 -25.01 -22.82
C CYS A 252 -4.16 -24.54 -22.45
N TRP A 253 -3.30 -24.36 -23.45
CA TRP A 253 -1.99 -23.77 -23.22
C TRP A 253 -2.14 -22.38 -22.60
N ARG A 254 -2.84 -21.49 -23.32
CA ARG A 254 -3.04 -20.14 -22.80
C ARG A 254 -3.74 -20.15 -21.45
N LEU A 255 -4.45 -21.23 -21.13
CA LEU A 255 -5.11 -21.28 -19.82
C LEU A 255 -4.13 -21.62 -18.71
N VAL A 256 -3.31 -22.65 -18.93
CA VAL A 256 -2.36 -23.01 -17.88
C VAL A 256 -1.28 -21.95 -17.78
N GLU A 257 -1.06 -21.17 -18.84
CA GLU A 257 0.02 -20.20 -18.84
C GLU A 257 -0.29 -19.02 -17.93
N GLN A 258 -1.34 -18.27 -18.22
CA GLN A 258 -1.52 -16.99 -17.58
C GLN A 258 -2.19 -17.10 -16.22
N VAL A 259 -2.10 -18.27 -15.59
CA VAL A 259 -2.48 -18.45 -14.20
C VAL A 259 -1.82 -17.35 -13.39
N PRO A 260 -2.53 -16.70 -12.46
CA PRO A 260 -1.93 -15.61 -11.69
C PRO A 260 -0.67 -16.07 -10.98
N ASP A 261 0.44 -15.41 -11.30
CA ASP A 261 1.75 -15.76 -10.76
C ASP A 261 1.78 -15.75 -9.24
N ARG A 262 0.77 -15.17 -8.59
CA ARG A 262 0.73 -15.18 -7.13
C ARG A 262 0.94 -16.57 -6.57
N ALA A 263 0.17 -17.55 -7.03
CA ALA A 263 0.42 -18.89 -6.53
C ALA A 263 1.34 -19.67 -7.46
N MET A 264 0.85 -20.01 -8.66
CA MET A 264 1.65 -20.64 -9.71
C MET A 264 2.28 -21.94 -9.21
N GLU A 265 2.02 -22.28 -7.95
CA GLU A 265 2.67 -23.39 -7.25
C GLU A 265 1.70 -24.50 -6.92
N ALA A 266 0.61 -24.19 -6.23
CA ALA A 266 -0.45 -25.17 -6.07
C ALA A 266 -0.92 -25.68 -7.42
N VAL A 267 -1.01 -24.79 -8.40
CA VAL A 267 -1.41 -25.20 -9.75
C VAL A 267 -0.44 -26.26 -10.27
N LEU A 268 0.86 -25.97 -10.22
CA LEU A 268 1.85 -26.93 -10.72
C LEU A 268 1.93 -28.16 -9.85
N THR A 269 1.87 -27.99 -8.53
CA THR A 269 1.89 -29.13 -7.62
C THR A 269 0.79 -30.12 -7.94
N GLY A 270 -0.44 -29.65 -8.00
CA GLY A 270 -1.53 -30.54 -8.36
C GLY A 270 -1.43 -31.07 -9.79
N LEU A 271 -1.03 -30.20 -10.72
CA LEU A 271 -0.99 -30.58 -12.12
C LEU A 271 0.01 -31.70 -12.36
N VAL A 272 1.06 -31.78 -11.55
CA VAL A 272 2.02 -32.87 -11.73
C VAL A 272 1.73 -34.03 -10.79
N GLU A 273 1.05 -33.77 -9.67
CA GLU A 273 0.86 -34.81 -8.68
C GLU A 273 -0.04 -35.92 -9.20
N ALA A 274 -1.28 -35.59 -9.56
CA ALA A 274 -2.24 -36.59 -9.98
C ALA A 274 -2.21 -36.90 -11.47
N ALA A 275 -1.39 -36.19 -12.25
CA ALA A 275 -1.35 -36.40 -13.69
C ALA A 275 -1.05 -37.86 -14.00
N LEU A 276 -1.47 -38.29 -15.18
CA LEU A 276 -1.34 -39.70 -15.55
C LEU A 276 0.12 -40.09 -15.73
N GLY A 277 0.80 -39.46 -16.67
CA GLY A 277 2.18 -39.80 -16.96
C GLY A 277 2.95 -38.64 -17.55
N PRO A 278 4.24 -38.84 -17.79
CA PRO A 278 5.07 -37.76 -18.34
C PRO A 278 4.62 -37.29 -19.72
N GLU A 279 4.17 -38.21 -20.58
CA GLU A 279 3.83 -37.82 -21.93
C GLU A 279 2.62 -36.89 -21.96
N VAL A 280 1.57 -37.22 -21.20
CA VAL A 280 0.35 -36.42 -21.25
C VAL A 280 0.55 -35.08 -20.54
N LEU A 281 1.31 -35.08 -19.44
CA LEU A 281 1.65 -33.83 -18.79
C LEU A 281 2.43 -32.92 -19.72
N SER A 282 3.41 -33.48 -20.44
CA SER A 282 4.16 -32.68 -21.40
C SER A 282 3.27 -32.22 -22.54
N ARG A 283 2.25 -33.00 -22.88
CA ARG A 283 1.35 -32.59 -23.96
C ARG A 283 0.46 -31.44 -23.54
N LEU A 284 0.04 -31.41 -22.28
CA LEU A 284 -0.97 -30.42 -21.91
C LEU A 284 -0.36 -29.07 -21.55
N LEU A 285 0.74 -29.05 -20.80
CA LEU A 285 1.32 -27.77 -20.37
C LEU A 285 1.73 -26.91 -21.55
N GLY A 286 2.73 -27.35 -22.30
CA GLY A 286 3.25 -26.55 -23.38
C GLY A 286 4.76 -26.42 -23.34
N ASN A 287 5.39 -26.45 -24.52
CA ASN A 287 6.84 -26.41 -24.59
C ASN A 287 7.42 -25.17 -23.93
N LEU A 288 6.70 -24.06 -24.00
CA LEU A 288 7.21 -22.80 -23.46
C LEU A 288 6.77 -22.55 -22.04
N VAL A 289 5.65 -23.12 -21.61
CA VAL A 289 5.08 -22.82 -20.30
C VAL A 289 6.11 -22.99 -19.20
N VAL A 290 7.11 -23.85 -19.41
CA VAL A 290 8.23 -23.93 -18.48
C VAL A 290 9.43 -23.10 -18.94
N LYS A 291 9.54 -22.80 -20.24
CA LYS A 291 10.65 -22.01 -20.75
C LYS A 291 10.17 -20.63 -21.24
N ASN A 292 9.02 -20.18 -20.77
CA ASN A 292 8.58 -18.82 -21.11
C ASN A 292 8.22 -17.98 -19.91
N LYS A 293 7.62 -18.58 -18.88
CA LYS A 293 7.22 -17.86 -17.67
C LYS A 293 8.23 -18.18 -16.58
N LYS A 294 9.19 -17.28 -16.40
CA LYS A 294 10.33 -17.55 -15.51
C LYS A 294 9.89 -17.97 -14.11
N ALA A 295 8.72 -17.49 -13.66
CA ALA A 295 8.18 -17.98 -12.41
C ALA A 295 8.03 -19.50 -12.43
N GLN A 296 7.75 -20.07 -13.61
CA GLN A 296 7.63 -21.52 -13.71
C GLN A 296 8.97 -22.23 -13.72
N PHE A 297 9.98 -21.66 -14.36
CA PHE A 297 11.35 -22.08 -14.11
C PHE A 297 11.57 -22.26 -12.61
N VAL A 298 11.27 -21.20 -11.87
CA VAL A 298 11.54 -21.20 -10.44
C VAL A 298 10.74 -22.29 -9.74
N MET A 299 9.46 -22.44 -10.09
CA MET A 299 8.64 -23.45 -9.44
C MET A 299 9.19 -24.85 -9.70
N THR A 300 9.36 -25.22 -10.97
CA THR A 300 9.79 -26.57 -11.29
C THR A 300 11.14 -26.89 -10.67
N GLN A 301 12.10 -25.97 -10.77
CA GLN A 301 13.44 -26.31 -10.29
C GLN A 301 13.63 -26.05 -8.80
N LYS A 302 12.73 -25.31 -8.16
CA LYS A 302 12.72 -25.30 -6.70
C LYS A 302 12.10 -26.56 -6.15
N LEU A 303 11.10 -27.12 -6.85
CA LEU A 303 10.61 -28.44 -6.48
C LEU A 303 11.71 -29.48 -6.65
N LEU A 304 12.50 -29.34 -7.71
CA LEU A 304 13.69 -30.18 -7.86
C LEU A 304 14.62 -30.04 -6.68
N PHE A 305 15.11 -28.82 -6.43
CA PHE A 305 16.12 -28.60 -5.39
C PHE A 305 15.53 -28.68 -3.98
N LEU A 306 14.57 -27.80 -3.68
CA LEU A 306 14.25 -27.48 -2.30
C LEU A 306 13.49 -28.60 -1.61
N GLN A 307 12.31 -28.94 -2.11
CA GLN A 307 11.40 -29.80 -1.37
C GLN A 307 11.12 -31.09 -2.12
N SER A 308 10.41 -31.97 -1.44
CA SER A 308 10.00 -33.26 -1.97
C SER A 308 8.64 -33.61 -1.36
N ARG A 309 7.72 -34.10 -2.18
CA ARG A 309 6.36 -34.37 -1.73
C ARG A 309 6.06 -35.86 -1.68
N LEU A 310 6.19 -36.56 -2.78
CA LEU A 310 6.18 -38.02 -2.74
C LEU A 310 7.39 -38.61 -3.44
N THR A 311 7.74 -38.10 -4.61
CA THR A 311 9.08 -38.17 -5.17
C THR A 311 9.47 -39.56 -5.64
N THR A 312 8.74 -40.59 -5.23
CA THR A 312 9.09 -41.87 -5.81
C THR A 312 8.41 -41.99 -7.17
N PRO A 313 7.06 -41.87 -7.24
CA PRO A 313 6.43 -41.71 -8.56
C PRO A 313 6.30 -40.25 -8.95
N MET A 314 6.20 -39.37 -7.95
CA MET A 314 5.89 -37.98 -8.22
C MET A 314 7.04 -37.31 -8.98
N LEU A 315 8.21 -37.23 -8.35
CA LEU A 315 9.34 -36.61 -9.03
C LEU A 315 9.80 -37.48 -10.19
N GLN A 316 9.55 -38.79 -10.10
CA GLN A 316 9.67 -39.64 -11.28
C GLN A 316 9.00 -38.96 -12.46
N SER A 317 7.70 -38.67 -12.32
CA SER A 317 6.95 -38.07 -13.41
C SER A 317 7.44 -36.66 -13.70
N LEU A 318 7.78 -35.92 -12.66
CA LEU A 318 8.16 -34.51 -12.84
C LEU A 318 9.43 -34.38 -13.67
N LEU A 319 10.50 -35.04 -13.24
CA LEU A 319 11.72 -35.02 -14.03
C LEU A 319 11.53 -35.75 -15.36
N GLY A 320 10.68 -36.77 -15.39
CA GLY A 320 10.32 -37.37 -16.66
C GLY A 320 9.83 -36.34 -17.65
N HIS A 321 8.88 -35.50 -17.21
CA HIS A 321 8.38 -34.44 -18.07
C HIS A 321 9.45 -33.41 -18.35
N LEU A 322 10.33 -33.16 -17.37
CA LEU A 322 11.45 -32.25 -17.63
C LEU A 322 12.22 -32.73 -18.84
N ALA A 323 12.57 -34.02 -18.86
CA ALA A 323 13.31 -34.58 -19.99
C ALA A 323 12.46 -34.59 -21.26
N MET A 324 11.19 -34.95 -21.12
CA MET A 324 10.31 -35.01 -22.28
C MET A 324 10.24 -33.65 -22.95
N ASP A 325 9.85 -32.63 -22.20
CA ASP A 325 9.87 -31.27 -22.71
C ASP A 325 11.23 -30.90 -23.26
N SER A 326 12.32 -31.35 -22.62
CA SER A 326 13.65 -31.05 -23.12
C SER A 326 14.06 -31.94 -24.28
N GLN A 327 13.12 -32.69 -24.86
CA GLN A 327 13.39 -33.31 -26.16
C GLN A 327 13.92 -32.31 -27.17
N ARG A 328 13.57 -31.02 -27.03
CA ARG A 328 14.10 -29.97 -27.89
C ARG A 328 14.68 -28.82 -27.08
N ARG A 329 14.75 -28.93 -25.75
CA ARG A 329 15.32 -27.90 -24.93
C ARG A 329 16.73 -28.29 -24.50
N PRO A 330 17.76 -27.56 -24.92
CA PRO A 330 19.11 -27.76 -24.36
C PRO A 330 19.25 -27.12 -22.98
N LEU A 331 18.25 -27.34 -22.13
CA LEU A 331 18.25 -26.88 -20.76
C LEU A 331 18.58 -27.99 -19.78
N LEU A 332 18.58 -29.24 -20.25
CA LEU A 332 18.83 -30.36 -19.36
C LEU A 332 20.28 -30.38 -18.86
N LEU A 333 21.22 -29.96 -19.72
CA LEU A 333 22.62 -29.93 -19.28
C LEU A 333 22.85 -28.88 -18.20
N GLN A 334 22.19 -27.72 -18.33
CA GLN A 334 22.33 -26.68 -17.31
C GLN A 334 21.80 -27.16 -15.97
N VAL A 335 20.62 -27.79 -15.98
CA VAL A 335 20.06 -28.26 -14.72
C VAL A 335 20.91 -29.39 -14.16
N LEU A 336 21.53 -30.20 -15.02
CA LEU A 336 22.48 -31.20 -14.52
C LEU A 336 23.64 -30.53 -13.80
N LYS A 337 24.25 -29.53 -14.44
CA LYS A 337 25.40 -28.87 -13.82
C LYS A 337 25.01 -28.27 -12.48
N GLU A 338 23.90 -27.55 -12.44
CA GLU A 338 23.46 -26.92 -11.19
C GLU A 338 23.17 -27.97 -10.13
N LEU A 339 22.52 -29.06 -10.51
CA LEU A 339 22.25 -30.15 -9.57
C LEU A 339 23.55 -30.67 -8.98
N LEU A 340 24.52 -30.99 -9.83
CA LEU A 340 25.78 -31.52 -9.32
C LEU A 340 26.47 -30.51 -8.42
N GLU A 341 26.39 -29.23 -8.77
CA GLU A 341 27.04 -28.22 -7.94
C GLU A 341 26.38 -28.14 -6.57
N THR A 342 25.05 -28.16 -6.53
CA THR A 342 24.35 -28.19 -5.25
C THR A 342 24.70 -29.44 -4.47
N TRP A 343 24.91 -30.57 -5.17
CA TRP A 343 25.34 -31.78 -4.49
C TRP A 343 26.71 -31.59 -3.86
N GLY A 344 27.62 -30.95 -4.58
CA GLY A 344 28.95 -30.72 -4.04
C GLY A 344 28.94 -29.76 -2.88
N SER A 345 28.05 -28.77 -2.91
CA SER A 345 27.95 -27.83 -1.79
C SER A 345 27.33 -28.49 -0.57
N SER A 346 26.20 -29.17 -0.76
CA SER A 346 25.55 -29.87 0.35
C SER A 346 26.48 -30.92 0.96
N SER A 347 27.29 -31.58 0.12
CA SER A 347 28.34 -32.42 0.65
C SER A 347 29.44 -31.60 1.31
N ALA A 348 29.55 -30.32 0.95
CA ALA A 348 30.58 -29.50 1.56
C ALA A 348 30.12 -28.90 2.87
N ILE A 349 28.89 -28.41 2.91
CA ILE A 349 28.40 -27.64 4.05
C ILE A 349 27.62 -28.54 4.99
N ARG A 350 27.55 -28.13 6.27
CA ARG A 350 26.68 -28.77 7.25
C ARG A 350 25.33 -29.01 6.61
N HIS A 351 24.94 -30.27 6.51
CA HIS A 351 24.03 -30.68 5.46
C HIS A 351 22.59 -30.70 5.96
N THR A 352 21.67 -30.79 5.02
CA THR A 352 20.26 -30.99 5.35
C THR A 352 20.09 -32.38 5.95
N PRO A 353 18.97 -32.61 6.65
CA PRO A 353 18.70 -33.95 7.16
C PRO A 353 18.59 -34.98 6.03
N LEU A 354 18.60 -36.24 6.43
CA LEU A 354 18.59 -37.35 5.48
C LEU A 354 17.43 -37.35 4.50
N PRO A 355 16.19 -36.95 4.85
CA PRO A 355 15.12 -36.98 3.85
C PRO A 355 15.48 -36.24 2.58
N GLN A 356 15.83 -34.97 2.71
CA GLN A 356 16.26 -34.20 1.55
C GLN A 356 17.50 -34.79 0.91
N GLN A 357 18.35 -35.46 1.69
CA GLN A 357 19.55 -36.07 1.13
C GLN A 357 19.17 -37.16 0.14
N ARG A 358 18.37 -38.12 0.58
CA ARG A 358 17.84 -39.13 -0.33
C ARG A 358 17.09 -38.49 -1.49
N HIS A 359 16.39 -37.39 -1.21
CA HIS A 359 15.62 -36.71 -2.24
C HIS A 359 16.53 -36.24 -3.37
N VAL A 360 17.51 -35.41 -3.04
CA VAL A 360 18.42 -34.90 -4.05
C VAL A 360 19.22 -36.03 -4.66
N SER A 361 19.41 -37.12 -3.91
CA SER A 361 20.06 -38.28 -4.49
C SER A 361 19.26 -38.83 -5.65
N LYS A 362 18.02 -39.24 -5.37
CA LYS A 362 17.13 -39.74 -6.42
C LYS A 362 17.06 -38.77 -7.58
N ALA A 363 17.01 -37.46 -7.28
CA ALA A 363 16.99 -36.46 -8.33
C ALA A 363 18.24 -36.56 -9.20
N VAL A 364 19.41 -36.65 -8.55
CA VAL A 364 20.66 -36.77 -9.28
C VAL A 364 20.61 -37.97 -10.20
N LEU A 365 20.11 -39.10 -9.71
CA LEU A 365 20.04 -40.30 -10.54
C LEU A 365 19.16 -40.07 -11.76
N ILE A 366 17.90 -39.70 -11.51
CA ILE A 366 16.94 -39.57 -12.60
C ILE A 366 17.41 -38.56 -13.64
N CYS A 367 17.99 -37.45 -13.20
CA CYS A 367 18.50 -36.51 -14.20
C CYS A 367 19.73 -37.08 -14.88
N LEU A 368 20.48 -37.95 -14.19
CA LEU A 368 21.64 -38.58 -14.81
C LEU A 368 21.22 -39.55 -15.89
N ALA A 369 19.94 -39.96 -15.89
CA ALA A 369 19.42 -40.82 -16.96
C ALA A 369 19.85 -40.32 -18.33
N GLN A 370 19.48 -39.09 -18.67
CA GLN A 370 19.75 -38.57 -20.01
C GLN A 370 21.22 -38.19 -20.14
N LEU A 371 21.81 -38.55 -21.29
CA LEU A 371 23.22 -38.33 -21.56
C LEU A 371 23.45 -38.51 -23.06
N GLY A 372 24.71 -38.42 -23.49
CA GLY A 372 25.15 -38.60 -24.85
C GLY A 372 25.43 -37.25 -25.48
N GLU A 373 26.68 -36.82 -25.40
CA GLU A 373 27.09 -35.48 -25.78
C GLU A 373 28.59 -35.33 -25.59
N PRO A 374 29.20 -34.26 -26.10
CA PRO A 374 30.58 -33.94 -25.72
C PRO A 374 30.68 -33.36 -24.31
N GLU A 375 31.87 -32.87 -23.94
CA GLU A 375 32.16 -32.21 -22.66
C GLU A 375 32.37 -33.21 -21.54
N LEU A 376 32.40 -34.50 -21.83
CA LEU A 376 32.59 -35.48 -20.77
C LEU A 376 34.05 -35.50 -20.33
N ARG A 377 34.57 -34.33 -19.96
CA ARG A 377 35.94 -34.19 -19.48
C ARG A 377 36.04 -33.61 -18.09
N ASP A 378 35.42 -32.47 -17.82
CA ASP A 378 35.70 -31.68 -16.63
C ASP A 378 34.57 -31.68 -15.62
N SER A 379 33.33 -31.51 -16.07
CA SER A 379 32.18 -31.67 -15.18
C SER A 379 32.24 -33.00 -14.45
N ARG A 380 32.58 -34.06 -15.19
CA ARG A 380 32.75 -35.36 -14.57
C ARG A 380 33.85 -35.34 -13.52
N ASP A 381 34.97 -34.66 -13.82
CA ASP A 381 36.06 -34.59 -12.86
C ASP A 381 35.61 -33.93 -11.55
N GLU A 382 34.99 -32.75 -11.66
CA GLU A 382 34.58 -32.05 -10.45
C GLU A 382 33.56 -32.86 -9.66
N LEU A 383 32.56 -33.43 -10.34
CA LEU A 383 31.59 -34.25 -9.64
C LEU A 383 32.26 -35.41 -8.91
N LEU A 384 33.06 -36.20 -9.63
CA LEU A 384 33.66 -37.38 -9.02
C LEU A 384 34.50 -36.99 -7.83
N ALA A 385 35.38 -35.98 -8.01
CA ALA A 385 36.31 -35.64 -6.95
C ALA A 385 35.58 -35.11 -5.73
N SER A 386 34.64 -34.19 -5.92
CA SER A 386 33.89 -33.65 -4.80
C SER A 386 33.15 -34.75 -4.06
N MET A 387 32.44 -35.60 -4.80
CA MET A 387 31.64 -36.63 -4.18
C MET A 387 32.50 -37.60 -3.37
N MET A 388 33.61 -38.05 -3.95
CA MET A 388 34.44 -39.01 -3.22
C MET A 388 35.08 -38.35 -2.00
N ALA A 389 35.55 -37.11 -2.15
CA ALA A 389 36.20 -36.43 -1.04
C ALA A 389 35.22 -36.21 0.11
N GLY A 390 33.96 -35.96 -0.22
CA GLY A 390 32.96 -35.84 0.84
C GLY A 390 32.64 -37.17 1.47
N VAL A 391 32.30 -38.17 0.64
CA VAL A 391 31.87 -39.47 1.14
C VAL A 391 32.94 -40.10 2.00
N LYS A 392 34.21 -39.76 1.77
CA LYS A 392 35.28 -40.25 2.62
C LYS A 392 34.96 -39.99 4.09
N CYS A 393 34.82 -38.72 4.45
CA CYS A 393 34.60 -38.34 5.84
C CYS A 393 33.14 -38.20 6.21
N ARG A 394 32.21 -38.32 5.25
CA ARG A 394 30.80 -38.07 5.52
C ARG A 394 30.24 -38.87 6.68
N LEU A 395 30.76 -40.08 6.95
CA LEU A 395 30.19 -40.86 8.04
C LEU A 395 30.54 -40.25 9.39
N ASP A 396 31.78 -39.79 9.54
CA ASP A 396 32.25 -39.07 10.72
C ASP A 396 31.90 -39.76 12.03
N SER A 397 31.80 -41.09 12.03
CA SER A 397 31.31 -41.86 13.18
C SER A 397 29.97 -41.33 13.67
N SER A 398 29.16 -40.82 12.74
CA SER A 398 27.91 -40.15 13.09
C SER A 398 26.68 -40.90 12.63
N LEU A 399 26.55 -41.17 11.33
CA LEU A 399 25.34 -41.81 10.85
C LEU A 399 25.60 -42.44 9.49
N PRO A 400 25.84 -43.75 9.45
CA PRO A 400 26.31 -44.41 8.22
C PRO A 400 25.40 -44.19 7.02
N PRO A 401 24.04 -44.14 7.20
CA PRO A 401 23.17 -43.86 6.05
C PRO A 401 23.68 -42.80 5.10
N VAL A 402 24.07 -41.65 5.66
CA VAL A 402 24.62 -40.58 4.82
C VAL A 402 25.75 -41.13 3.96
N ARG A 403 26.79 -41.69 4.59
CA ARG A 403 27.81 -42.43 3.87
C ARG A 403 27.19 -43.39 2.87
N ARG A 404 26.29 -44.26 3.33
CA ARG A 404 25.58 -45.15 2.42
C ARG A 404 25.14 -44.42 1.17
N LEU A 405 24.39 -43.33 1.34
CA LEU A 405 23.92 -42.57 0.19
C LEU A 405 25.04 -42.38 -0.83
N GLY A 406 26.13 -41.73 -0.40
CA GLY A 406 27.19 -41.43 -1.33
C GLY A 406 27.66 -42.66 -2.08
N MET A 407 27.97 -43.72 -1.34
CA MET A 407 28.59 -44.86 -2.01
C MET A 407 27.69 -45.38 -3.11
N ILE A 408 26.38 -45.37 -2.90
CA ILE A 408 25.51 -45.92 -3.94
C ILE A 408 25.56 -45.06 -5.18
N VAL A 409 25.49 -43.73 -5.02
CA VAL A 409 25.61 -42.88 -6.19
C VAL A 409 27.00 -42.99 -6.77
N ALA A 410 27.98 -43.34 -5.92
CA ALA A 410 29.28 -43.71 -6.43
C ALA A 410 29.13 -44.71 -7.57
N GLU A 411 28.55 -45.88 -7.27
CA GLU A 411 28.26 -46.84 -8.31
C GLU A 411 27.54 -46.14 -9.46
N VAL A 412 26.46 -45.41 -9.14
CA VAL A 412 25.70 -44.73 -10.18
C VAL A 412 26.61 -43.82 -10.99
N VAL A 413 27.36 -42.95 -10.30
CA VAL A 413 28.24 -42.06 -11.06
C VAL A 413 29.29 -42.90 -11.78
N SER A 414 29.80 -43.93 -11.12
CA SER A 414 30.73 -44.84 -11.79
C SER A 414 30.09 -45.41 -13.04
N ALA A 415 28.81 -45.79 -12.93
CA ALA A 415 28.10 -46.32 -14.09
C ALA A 415 28.03 -45.30 -15.22
N ARG A 416 27.80 -44.04 -14.88
CA ARG A 416 27.47 -43.03 -15.87
C ARG A 416 28.36 -41.80 -15.71
N ILE A 417 29.66 -42.00 -15.60
CA ILE A 417 30.63 -40.92 -15.67
C ILE A 417 31.61 -41.12 -16.82
N HIS A 418 32.15 -42.33 -16.96
CA HIS A 418 33.06 -42.70 -18.02
C HIS A 418 33.14 -44.22 -18.08
N PRO A 419 32.12 -44.88 -18.63
CA PRO A 419 32.02 -46.33 -18.43
C PRO A 419 33.11 -47.13 -19.13
N GLU A 420 34.33 -47.06 -18.58
CA GLU A 420 35.45 -47.86 -19.07
C GLU A 420 36.56 -47.81 -18.04
N GLY A 421 37.20 -48.96 -17.79
CA GLY A 421 38.37 -49.02 -16.95
C GLY A 421 38.08 -49.02 -15.47
N PRO A 422 38.51 -47.96 -14.79
CA PRO A 422 38.43 -47.93 -13.31
C PRO A 422 37.04 -48.21 -12.76
N PRO A 423 35.97 -47.72 -13.39
CA PRO A 423 34.63 -48.09 -12.86
C PRO A 423 34.43 -49.59 -12.74
N LEU A 424 34.91 -50.37 -13.70
CA LEU A 424 34.82 -51.83 -13.58
C LEU A 424 35.51 -52.32 -12.31
N LYS A 425 36.67 -51.75 -11.98
CA LYS A 425 37.31 -52.06 -10.70
C LYS A 425 36.36 -51.75 -9.54
N PHE A 426 35.68 -50.60 -9.59
CA PHE A 426 34.63 -50.32 -8.64
C PHE A 426 33.62 -51.46 -8.60
N GLN A 427 33.16 -51.91 -9.78
CA GLN A 427 32.20 -53.02 -9.83
C GLN A 427 32.73 -54.27 -9.14
N TYR A 428 34.06 -54.40 -9.03
CA TYR A 428 34.64 -55.55 -8.36
C TYR A 428 35.08 -55.24 -6.93
N GLU A 429 35.11 -53.97 -6.54
CA GLU A 429 35.56 -53.61 -5.20
C GLU A 429 34.48 -52.91 -4.38
N GLU A 430 33.74 -51.98 -4.97
CA GLU A 430 32.76 -51.19 -4.24
C GLU A 430 31.34 -51.63 -4.59
N ASP A 431 31.17 -52.92 -4.90
CA ASP A 431 29.86 -53.51 -5.14
C ASP A 431 29.61 -54.82 -4.41
N GLU A 432 30.63 -55.47 -3.87
CA GLU A 432 30.46 -56.72 -3.15
C GLU A 432 30.92 -56.65 -1.70
N LEU A 433 32.05 -56.02 -1.42
CA LEU A 433 32.57 -55.89 -0.06
C LEU A 433 32.49 -54.46 0.44
N SER A 434 31.48 -53.71 0.00
CA SER A 434 31.32 -52.31 0.34
C SER A 434 29.91 -52.03 0.82
N LEU A 435 29.42 -52.87 1.73
CA LEU A 435 28.13 -52.68 2.41
C LEU A 435 26.95 -52.55 1.44
N GLU A 436 27.10 -53.05 0.21
CA GLU A 436 26.02 -53.02 -0.77
C GLU A 436 25.13 -54.25 -0.60
N LEU A 437 24.51 -54.35 0.57
CA LEU A 437 23.68 -55.50 0.93
C LEU A 437 22.26 -55.13 1.33
N LEU A 438 22.05 -53.98 1.99
CA LEU A 438 20.72 -53.61 2.42
C LEU A 438 19.81 -53.43 1.20
N ALA A 439 18.53 -53.73 1.39
CA ALA A 439 17.55 -53.64 0.31
C ALA A 439 16.45 -52.63 0.63
N LEU A 440 16.72 -51.67 1.51
CA LEU A 440 15.70 -50.71 1.90
C LEU A 440 15.26 -49.91 0.68
N ALA A 441 16.18 -49.14 0.11
CA ALA A 441 15.92 -48.41 -1.11
C ALA A 441 17.16 -48.37 -1.99
N SER A 442 18.03 -49.35 -1.85
CA SER A 442 19.20 -49.42 -2.70
C SER A 442 18.92 -50.10 -4.04
N PRO A 443 18.27 -51.29 -4.07
CA PRO A 443 18.19 -52.02 -5.35
C PRO A 443 17.39 -51.30 -6.44
N GLN A 444 16.15 -50.92 -6.13
CA GLN A 444 15.28 -50.37 -7.16
C GLN A 444 15.81 -49.07 -7.74
N PRO A 445 16.27 -48.09 -6.95
CA PRO A 445 16.90 -46.92 -7.57
C PRO A 445 18.17 -47.26 -8.34
N ALA A 446 18.94 -48.24 -7.87
CA ALA A 446 20.10 -48.67 -8.64
C ALA A 446 19.69 -49.11 -10.04
N GLY A 447 18.70 -49.98 -10.14
CA GLY A 447 18.18 -50.34 -11.44
C GLY A 447 17.66 -49.13 -12.20
N ASP A 448 17.02 -48.21 -11.49
CA ASP A 448 16.55 -46.98 -12.12
C ASP A 448 17.69 -46.23 -12.79
N GLY A 449 18.88 -46.34 -12.20
CA GLY A 449 20.04 -45.64 -12.74
C GLY A 449 20.31 -45.95 -14.20
N ALA A 450 19.84 -47.10 -14.68
CA ALA A 450 20.05 -47.50 -16.06
C ALA A 450 19.13 -46.79 -17.04
N SER A 451 18.41 -45.77 -16.59
CA SER A 451 17.49 -45.01 -17.43
C SER A 451 16.44 -45.92 -18.09
N UNK B 172 83.47 -3.93 25.60
CA UNK B 172 83.67 -4.24 24.19
C UNK B 172 82.35 -4.30 23.45
N UNK B 173 81.32 -3.68 24.04
CA UNK B 173 80.02 -3.64 23.37
C UNK B 173 80.13 -2.93 22.03
N UNK B 174 80.91 -1.86 21.97
CA UNK B 174 81.18 -1.21 20.68
C UNK B 174 82.00 -2.11 19.78
N UNK B 175 82.91 -2.91 20.35
CA UNK B 175 83.71 -3.83 19.54
C UNK B 175 82.81 -4.90 18.91
N UNK B 176 81.96 -5.54 19.72
CA UNK B 176 81.05 -6.55 19.17
C UNK B 176 80.08 -5.93 18.18
N UNK B 177 79.60 -4.72 18.46
CA UNK B 177 78.72 -4.02 17.53
C UNK B 177 79.39 -3.84 16.18
N UNK B 178 80.56 -3.19 16.17
CA UNK B 178 81.29 -2.98 14.92
C UNK B 178 81.64 -4.30 14.25
N UNK B 179 81.91 -5.35 15.03
CA UNK B 179 82.23 -6.64 14.42
C UNK B 179 81.02 -7.19 13.66
N UNK B 180 79.85 -7.19 14.30
CA UNK B 180 78.65 -7.67 13.61
C UNK B 180 78.33 -6.79 12.41
N UNK B 181 78.51 -5.48 12.55
CA UNK B 181 78.19 -4.56 11.47
C UNK B 181 79.10 -4.77 10.28
N UNK B 182 80.41 -4.81 10.52
CA UNK B 182 81.36 -5.06 9.44
C UNK B 182 81.23 -6.47 8.90
N UNK B 183 80.71 -7.42 9.67
CA UNK B 183 80.49 -8.76 9.14
C UNK B 183 79.34 -8.77 8.15
N UNK B 184 78.22 -8.16 8.51
CA UNK B 184 77.14 -7.99 7.55
C UNK B 184 77.60 -7.20 6.34
N UNK B 185 78.42 -6.16 6.56
CA UNK B 185 78.93 -5.36 5.46
C UNK B 185 79.82 -6.18 4.54
N UNK B 186 80.68 -7.03 5.11
CA UNK B 186 81.52 -7.88 4.28
C UNK B 186 80.69 -8.90 3.52
N UNK B 187 79.63 -9.40 4.14
CA UNK B 187 78.69 -10.25 3.43
C UNK B 187 78.15 -9.52 2.21
N UNK B 188 77.52 -8.36 2.43
CA UNK B 188 76.97 -7.58 1.34
C UNK B 188 78.02 -7.20 0.30
N UNK B 189 79.28 -7.14 0.71
CA UNK B 189 80.35 -6.90 -0.26
C UNK B 189 80.66 -8.16 -1.06
N UNK B 190 80.50 -9.33 -0.44
CA UNK B 190 80.79 -10.59 -1.09
C UNK B 190 79.54 -11.29 -1.61
N UNK B 191 78.44 -11.22 -0.88
CA UNK B 191 77.20 -11.85 -1.31
C UNK B 191 76.02 -11.24 -0.57
N UNK B 199 77.47 -23.60 -1.41
CA UNK B 199 78.12 -24.39 -0.38
C UNK B 199 77.08 -24.98 0.58
N UNK B 200 77.08 -26.31 0.68
CA UNK B 200 76.11 -26.97 1.56
C UNK B 200 76.23 -26.47 2.99
N UNK B 201 77.45 -26.44 3.52
CA UNK B 201 77.66 -26.09 4.92
C UNK B 201 77.19 -24.68 5.25
N UNK B 202 76.97 -23.84 4.24
CA UNK B 202 76.42 -22.51 4.49
C UNK B 202 75.02 -22.58 5.10
N UNK B 203 74.41 -23.76 5.18
CA UNK B 203 73.16 -23.91 5.90
C UNK B 203 73.36 -23.62 7.38
N UNK B 204 74.52 -24.00 7.93
CA UNK B 204 74.86 -23.60 9.29
C UNK B 204 74.82 -22.10 9.47
N UNK B 205 74.85 -21.35 8.35
CA UNK B 205 74.62 -19.91 8.39
C UNK B 205 73.37 -19.58 9.20
N UNK B 206 72.28 -20.30 8.96
CA UNK B 206 71.03 -20.02 9.65
C UNK B 206 71.20 -20.08 11.16
N UNK B 207 72.16 -20.87 11.65
CA UNK B 207 72.42 -20.94 13.09
C UNK B 207 72.75 -19.57 13.64
N UNK B 208 73.65 -18.83 12.96
CA UNK B 208 73.93 -17.46 13.37
C UNK B 208 72.71 -16.57 13.20
N UNK B 209 71.87 -16.87 12.21
CA UNK B 209 70.58 -16.19 12.11
C UNK B 209 69.77 -16.42 13.37
N UNK B 210 69.83 -17.64 13.93
CA UNK B 210 69.27 -17.88 15.26
C UNK B 210 69.90 -16.95 16.28
N UNK B 211 71.23 -16.85 16.25
CA UNK B 211 71.92 -15.83 17.03
C UNK B 211 71.44 -14.44 16.62
N UNK B 212 71.24 -14.23 15.32
CA UNK B 212 70.70 -12.95 14.87
C UNK B 212 69.25 -12.77 15.25
N UNK B 213 68.56 -13.84 15.63
CA UNK B 213 67.13 -13.76 15.92
C UNK B 213 66.85 -13.22 17.33
N UNK B 214 67.79 -13.32 18.26
CA UNK B 214 67.57 -12.89 19.63
C UNK B 214 68.77 -12.14 20.19
N UNK B 215 69.49 -11.41 19.35
CA UNK B 215 70.68 -10.69 19.77
C UNK B 215 70.31 -9.32 20.33
N UNK B 216 71.33 -8.51 20.65
CA UNK B 216 71.12 -7.19 21.23
C UNK B 216 70.23 -6.32 20.35
N UNK B 217 70.16 -6.59 19.05
CA UNK B 217 69.15 -6.04 18.15
C UNK B 217 69.18 -4.52 18.13
N UNK B 218 70.32 -3.98 17.68
CA UNK B 218 70.34 -2.59 17.27
C UNK B 218 69.59 -2.41 15.95
N UNK B 219 70.10 -3.02 14.89
CA UNK B 219 69.40 -3.15 13.61
C UNK B 219 69.60 -4.56 13.07
N UNK B 220 69.38 -5.55 13.94
CA UNK B 220 69.91 -6.90 13.77
C UNK B 220 69.52 -7.58 12.46
N UNK B 221 68.22 -7.83 12.27
CA UNK B 221 67.76 -8.76 11.24
C UNK B 221 68.20 -8.40 9.83
N UNK B 222 68.75 -7.21 9.62
CA UNK B 222 69.11 -6.75 8.28
C UNK B 222 69.90 -7.81 7.52
N UNK B 223 70.93 -8.35 8.14
CA UNK B 223 71.82 -9.27 7.44
C UNK B 223 71.07 -10.48 6.89
N UNK B 224 70.01 -10.91 7.59
CA UNK B 224 69.22 -12.05 7.13
C UNK B 224 68.81 -11.91 5.68
N UNK B 225 68.67 -10.67 5.19
CA UNK B 225 68.28 -10.42 3.82
C UNK B 225 69.17 -11.10 2.79
N UNK B 226 70.35 -11.58 3.19
CA UNK B 226 71.19 -12.30 2.26
C UNK B 226 70.61 -13.64 1.85
N UNK B 227 69.44 -14.02 2.37
CA UNK B 227 68.79 -15.25 1.93
C UNK B 227 68.43 -15.15 0.44
N UNK B 228 67.61 -14.17 0.09
CA UNK B 228 67.23 -13.95 -1.30
C UNK B 228 66.75 -12.51 -1.49
N VAL B 239 64.23 -25.46 -10.65
CA VAL B 239 65.67 -25.58 -10.75
C VAL B 239 66.35 -25.02 -9.51
N SER B 240 65.52 -24.52 -8.58
CA SER B 240 65.99 -23.91 -7.35
C SER B 240 65.99 -24.89 -6.18
N SER B 241 66.26 -26.17 -6.45
CA SER B 241 66.25 -27.18 -5.40
C SER B 241 67.20 -26.84 -4.27
N LEU B 242 68.30 -26.13 -4.56
CA LEU B 242 69.17 -25.66 -3.50
C LEU B 242 68.45 -24.68 -2.60
N LYS B 243 67.79 -23.69 -3.21
CA LYS B 243 66.88 -22.82 -2.46
C LYS B 243 65.84 -23.64 -1.72
N ILE B 244 65.42 -24.77 -2.30
CA ILE B 244 64.40 -25.58 -1.64
C ILE B 244 64.93 -26.24 -0.38
N PHE B 245 66.17 -26.71 -0.39
CA PHE B 245 66.74 -27.29 0.82
C PHE B 245 67.00 -26.22 1.86
N TYR B 246 67.50 -25.07 1.43
CA TYR B 246 67.61 -23.94 2.33
C TYR B 246 66.27 -23.62 2.95
N LYS B 247 65.19 -23.74 2.17
CA LYS B 247 63.86 -23.48 2.68
C LYS B 247 63.39 -24.57 3.62
N THR B 248 63.86 -25.80 3.44
CA THR B 248 63.58 -26.83 4.43
C THR B 248 64.20 -26.46 5.78
N VAL B 249 65.49 -26.12 5.75
CA VAL B 249 66.15 -25.63 6.96
C VAL B 249 65.39 -24.44 7.55
N SER B 250 64.95 -23.53 6.68
CA SER B 250 64.29 -22.32 7.17
C SER B 250 62.90 -22.62 7.71
N PHE B 251 62.25 -23.66 7.21
CA PHE B 251 60.99 -24.09 7.81
C PHE B 251 61.24 -24.65 9.19
N ILE B 252 62.33 -25.40 9.36
CA ILE B 252 62.71 -25.83 10.70
C ILE B 252 63.07 -24.64 11.59
N MET B 253 63.58 -23.57 10.99
CA MET B 253 64.11 -22.44 11.75
C MET B 253 63.09 -21.32 11.98
N ALA B 254 61.94 -21.35 11.31
CA ALA B 254 60.94 -20.32 11.46
C ALA B 254 60.31 -20.34 12.85
N ASP B 255 60.69 -21.33 13.66
CA ASP B 255 60.25 -21.37 15.05
C ASP B 255 60.66 -20.09 15.77
N GLU B 256 61.96 -19.79 15.76
CA GLU B 256 62.43 -18.54 16.36
C GLU B 256 61.82 -17.33 15.65
N GLN B 257 61.51 -17.45 14.36
CA GLN B 257 60.92 -16.33 13.64
C GLN B 257 59.56 -15.98 14.21
N LEU B 258 58.66 -16.95 14.26
CA LEU B 258 57.34 -16.74 14.85
C LEU B 258 57.46 -16.34 16.31
N LYS B 259 58.43 -16.92 17.03
CA LYS B 259 58.66 -16.52 18.42
C LYS B 259 58.97 -15.03 18.50
N ARG B 260 59.81 -14.54 17.59
CA ARG B 260 60.16 -13.13 17.61
C ARG B 260 58.99 -12.26 17.19
N ILE B 261 58.13 -12.76 16.30
CA ILE B 261 56.94 -12.01 15.95
C ILE B 261 56.00 -11.89 17.15
N SER B 262 55.79 -12.99 17.87
CA SER B 262 54.99 -12.93 19.09
C SER B 262 55.64 -12.01 20.11
N LYS B 263 56.98 -12.01 20.17
CA LYS B 263 57.68 -11.10 21.07
C LYS B 263 57.42 -9.66 20.69
N VAL B 264 57.47 -9.34 19.40
CA VAL B 264 57.09 -8.01 18.94
C VAL B 264 55.66 -7.68 19.36
N GLN B 265 54.78 -8.69 19.34
CA GLN B 265 53.44 -8.51 19.88
C GLN B 265 53.45 -8.29 21.38
N ALA B 266 54.51 -8.72 22.09
CA ALA B 266 54.60 -8.55 23.53
C ALA B 266 55.71 -7.58 23.94
N LYS B 267 56.95 -7.84 23.54
CA LYS B 267 58.03 -6.88 23.74
C LYS B 267 57.87 -5.73 22.75
N PRO B 268 58.73 -4.72 22.87
CA PRO B 268 58.57 -3.54 22.04
C PRO B 268 58.74 -3.87 20.56
N ALA B 269 59.97 -4.16 20.14
CA ALA B 269 60.30 -4.48 18.74
C ALA B 269 59.51 -3.62 17.76
N VAL B 270 59.38 -2.33 18.09
CA VAL B 270 58.40 -1.47 17.45
C VAL B 270 58.68 -1.20 15.98
N GLU B 271 59.78 -1.70 15.42
CA GLU B 271 60.07 -1.48 14.02
C GLU B 271 60.42 -2.79 13.35
N HIS B 272 60.94 -3.75 14.11
CA HIS B 272 61.26 -5.06 13.57
C HIS B 272 60.02 -5.84 13.18
N ARG B 273 58.83 -5.34 13.50
CA ARG B 273 57.60 -5.97 13.06
C ARG B 273 57.61 -6.19 11.55
N VAL B 274 57.76 -5.11 10.79
CA VAL B 274 57.80 -5.22 9.33
C VAL B 274 58.95 -6.10 8.88
N ALA B 275 60.08 -6.02 9.58
CA ALA B 275 61.23 -6.85 9.23
C ALA B 275 60.85 -8.32 9.25
N GLU B 276 60.45 -8.82 10.42
CA GLU B 276 60.10 -10.23 10.55
C GLU B 276 58.91 -10.59 9.67
N LEU B 277 57.96 -9.68 9.49
CA LEU B 277 56.82 -9.97 8.64
C LEU B 277 57.26 -10.22 7.22
N MET B 278 58.14 -9.37 6.69
CA MET B 278 58.64 -9.56 5.33
C MET B 278 59.52 -10.79 5.25
N VAL B 279 60.22 -11.12 6.33
CA VAL B 279 61.03 -12.34 6.35
C VAL B 279 60.14 -13.57 6.19
N TYR B 280 59.10 -13.66 7.01
CA TYR B 280 58.16 -14.77 6.89
C TYR B 280 57.49 -14.77 5.53
N ARG B 281 57.14 -13.60 5.02
CA ARG B 281 56.51 -13.51 3.71
C ARG B 281 57.39 -14.13 2.64
N GLU B 282 58.65 -13.68 2.59
CA GLU B 282 59.58 -14.21 1.59
C GLU B 282 59.76 -15.71 1.77
N ALA B 283 59.95 -16.17 3.01
CA ALA B 283 60.17 -17.59 3.25
C ALA B 283 58.99 -18.41 2.77
N ASP B 284 57.81 -18.16 3.34
CA ASP B 284 56.62 -18.93 2.98
C ASP B 284 56.25 -18.75 1.52
N TRP B 285 56.70 -17.68 0.87
CA TRP B 285 56.45 -17.54 -0.55
C TRP B 285 57.43 -18.33 -1.40
N VAL B 286 58.60 -18.64 -0.86
CA VAL B 286 59.63 -19.28 -1.65
C VAL B 286 59.30 -20.72 -2.04
N LYS B 287 58.29 -21.35 -1.45
CA LYS B 287 58.01 -22.75 -1.75
C LYS B 287 56.51 -23.07 -1.76
N LYS B 288 55.89 -22.94 -2.94
CA LYS B 288 54.72 -23.75 -3.29
C LYS B 288 54.67 -23.82 -4.82
N THR B 289 55.34 -24.82 -5.38
CA THR B 289 55.36 -25.00 -6.83
C THR B 289 54.88 -26.39 -7.26
N GLY B 290 55.50 -27.45 -6.77
CA GLY B 290 55.23 -28.83 -7.17
C GLY B 290 56.13 -29.74 -6.34
N ASP B 291 55.76 -31.00 -6.27
CA ASP B 291 56.49 -32.02 -5.51
C ASP B 291 56.72 -31.56 -4.07
N LYS B 292 55.60 -31.27 -3.40
CA LYS B 292 55.58 -30.57 -2.12
C LYS B 292 54.62 -31.26 -1.15
N LEU B 293 54.78 -32.58 -0.97
CA LEU B 293 53.92 -33.35 -0.09
C LEU B 293 53.71 -32.63 1.24
N THR B 294 54.79 -32.43 1.99
CA THR B 294 54.89 -31.38 3.00
C THR B 294 53.67 -31.24 3.89
N ILE B 295 52.88 -32.31 4.03
CA ILE B 295 51.64 -32.19 4.79
C ILE B 295 51.93 -31.90 6.25
N LEU B 296 52.96 -32.54 6.81
CA LEU B 296 53.35 -32.25 8.18
C LEU B 296 53.79 -30.80 8.33
N ILE B 297 54.74 -30.38 7.48
CA ILE B 297 55.14 -28.98 7.45
C ILE B 297 53.96 -28.07 7.16
N LYS B 298 52.99 -28.53 6.35
CA LYS B 298 51.82 -27.71 6.08
C LYS B 298 51.01 -27.46 7.35
N LYS B 299 50.72 -28.52 8.10
CA LYS B 299 49.96 -28.35 9.33
C LYS B 299 50.73 -27.51 10.34
N ILE B 300 52.05 -27.70 10.41
CA ILE B 300 52.85 -26.87 11.31
C ILE B 300 52.77 -25.40 10.92
N ILE B 301 52.87 -25.11 9.62
CA ILE B 301 52.76 -23.74 9.15
C ILE B 301 51.37 -23.18 9.40
N GLU B 302 50.35 -24.02 9.32
CA GLU B 302 49.00 -23.56 9.61
C GLU B 302 48.84 -23.18 11.08
N CYS B 303 49.38 -24.01 11.97
CA CYS B 303 49.43 -23.66 13.39
C CYS B 303 50.13 -22.32 13.58
N VAL B 304 51.30 -22.17 12.96
CA VAL B 304 52.06 -20.93 13.11
C VAL B 304 51.28 -19.73 12.59
N SER B 305 50.59 -19.88 11.46
CA SER B 305 49.83 -18.76 10.91
C SER B 305 48.65 -18.40 11.81
N VAL B 306 48.00 -19.42 12.37
CA VAL B 306 46.92 -19.15 13.32
C VAL B 306 47.45 -18.40 14.53
N HIS B 307 48.66 -18.73 14.98
CA HIS B 307 49.27 -17.98 16.06
C HIS B 307 49.55 -16.54 15.64
N PRO B 308 50.14 -16.37 14.45
CA PRO B 308 50.53 -15.05 13.97
C PRO B 308 49.34 -14.15 13.71
N HIS B 309 48.16 -14.73 13.46
CA HIS B 309 46.96 -13.91 13.32
C HIS B 309 46.65 -13.09 14.57
N TRP B 310 47.37 -13.32 15.67
CA TRP B 310 47.22 -12.54 16.90
C TRP B 310 47.75 -11.12 16.77
N LYS B 311 48.17 -10.69 15.58
CA LYS B 311 48.64 -9.34 15.34
C LYS B 311 47.58 -8.57 14.56
N VAL B 312 47.20 -7.41 15.07
CA VAL B 312 46.20 -6.58 14.39
C VAL B 312 46.43 -5.13 14.76
N ARG B 313 47.12 -4.39 13.87
CA ARG B 313 47.13 -2.93 13.83
C ARG B 313 47.58 -2.33 15.17
N LEU B 314 48.84 -2.61 15.52
CA LEU B 314 49.46 -1.92 16.64
C LEU B 314 49.65 -0.44 16.33
N GLU B 315 50.03 -0.12 15.10
CA GLU B 315 50.10 1.24 14.59
C GLU B 315 49.84 1.16 13.09
N LEU B 316 50.15 2.24 12.37
CA LEU B 316 50.07 2.19 10.91
C LEU B 316 50.94 1.07 10.35
N VAL B 317 52.09 0.83 10.98
CA VAL B 317 53.05 -0.13 10.45
C VAL B 317 52.53 -1.56 10.54
N GLU B 318 51.93 -1.92 11.68
CA GLU B 318 51.48 -3.29 11.87
C GLU B 318 50.34 -3.63 10.91
N LEU B 319 49.37 -2.72 10.77
CA LEU B 319 48.30 -2.93 9.81
C LEU B 319 48.84 -3.01 8.39
N VAL B 320 49.70 -2.06 8.02
CA VAL B 320 50.29 -2.09 6.69
C VAL B 320 51.00 -3.40 6.42
N GLU B 321 51.68 -3.94 7.43
CA GLU B 321 52.38 -5.20 7.25
C GLU B 321 51.40 -6.35 7.06
N ASP B 322 50.45 -6.51 7.99
CA ASP B 322 49.48 -7.60 7.89
C ASP B 322 48.74 -7.56 6.57
N LEU B 323 48.56 -6.37 5.99
CA LEU B 323 47.90 -6.26 4.70
C LEU B 323 48.65 -7.07 3.65
N LEU B 324 49.91 -6.75 3.42
CA LEU B 324 50.70 -7.49 2.44
C LEU B 324 50.87 -8.94 2.87
N LEU B 325 50.86 -9.21 4.18
CA LEU B 325 50.97 -10.58 4.67
C LEU B 325 49.82 -11.43 4.15
N LYS B 326 48.58 -10.98 4.40
CA LYS B 326 47.42 -11.68 3.88
C LYS B 326 47.45 -11.72 2.35
N CYS B 327 47.84 -10.60 1.73
CA CYS B 327 47.94 -10.55 0.27
C CYS B 327 48.77 -11.70 -0.26
N SER B 328 49.98 -11.87 0.28
CA SER B 328 50.87 -12.91 -0.21
C SER B 328 50.40 -14.30 0.22
N GLN B 329 49.92 -14.43 1.45
CA GLN B 329 49.49 -15.74 1.94
C GLN B 329 48.35 -16.29 1.11
N SER B 330 47.21 -15.59 1.10
CA SER B 330 46.04 -16.07 0.37
C SER B 330 46.33 -16.30 -1.11
N LEU B 331 47.31 -15.60 -1.67
CA LEU B 331 47.69 -15.80 -3.06
C LEU B 331 48.54 -17.04 -3.29
N VAL B 332 48.88 -17.78 -2.23
CA VAL B 332 49.71 -18.96 -2.38
C VAL B 332 48.93 -20.06 -3.10
N GLU B 333 49.59 -21.20 -3.30
CA GLU B 333 49.03 -22.29 -4.08
C GLU B 333 47.75 -22.87 -3.46
N CYS B 334 47.87 -23.46 -2.27
CA CYS B 334 46.72 -24.12 -1.65
C CYS B 334 47.07 -24.48 -0.22
N ALA B 335 46.12 -24.24 0.68
CA ALA B 335 46.23 -24.61 2.09
C ALA B 335 44.81 -24.71 2.63
N GLY B 336 44.67 -24.80 3.95
CA GLY B 336 43.36 -24.87 4.56
C GLY B 336 43.19 -23.99 5.79
N PRO B 337 44.23 -23.30 6.24
CA PRO B 337 44.09 -22.45 7.42
C PRO B 337 43.55 -21.07 7.07
N LEU B 338 43.71 -20.64 5.81
CA LEU B 338 43.35 -19.28 5.42
C LEU B 338 41.90 -18.94 5.72
N LEU B 339 41.06 -19.95 5.96
CA LEU B 339 39.69 -19.70 6.40
C LEU B 339 39.66 -18.68 7.53
N LYS B 340 40.58 -18.81 8.50
CA LYS B 340 40.69 -17.80 9.52
C LYS B 340 41.29 -16.52 8.96
N ALA B 341 42.43 -16.63 8.29
CA ALA B 341 43.19 -15.46 7.85
C ALA B 341 42.33 -14.55 6.99
N LEU B 342 41.85 -15.08 5.86
CA LEU B 342 41.02 -14.28 4.95
C LEU B 342 39.90 -13.57 5.69
N VAL B 343 39.38 -14.18 6.76
CA VAL B 343 38.36 -13.53 7.57
C VAL B 343 38.80 -12.14 7.99
N GLY B 344 39.90 -12.05 8.74
CA GLY B 344 40.37 -10.75 9.17
C GLY B 344 40.78 -9.88 8.00
N LEU B 345 41.08 -10.47 6.85
CA LEU B 345 41.44 -9.68 5.68
C LEU B 345 40.25 -8.94 5.10
N VAL B 346 39.04 -9.38 5.44
CA VAL B 346 37.83 -8.68 4.99
C VAL B 346 37.34 -7.68 6.02
N ASN B 347 37.44 -8.04 7.30
CA ASN B 347 37.03 -7.16 8.39
C ASN B 347 38.05 -6.07 8.68
N ASP B 348 39.09 -5.94 7.85
CA ASP B 348 40.09 -4.90 8.02
C ASP B 348 39.61 -3.54 7.54
N GLU B 349 38.34 -3.40 7.21
CA GLU B 349 37.78 -2.11 6.79
C GLU B 349 37.23 -1.34 7.97
N SER B 350 38.04 -1.21 9.03
CA SER B 350 37.63 -0.49 10.22
C SER B 350 38.75 0.35 10.82
N PRO B 351 39.86 0.52 10.11
CA PRO B 351 41.00 1.25 10.67
C PRO B 351 40.79 2.75 10.58
N GLU B 352 41.84 3.53 10.85
CA GLU B 352 41.77 4.97 10.80
C GLU B 352 42.47 5.60 9.60
N ILE B 353 43.57 5.02 9.15
CA ILE B 353 44.32 5.65 8.07
C ILE B 353 44.58 4.74 6.89
N GLN B 354 44.79 3.45 7.13
CA GLN B 354 45.20 2.51 6.08
C GLN B 354 44.04 1.89 5.33
N ALA B 355 42.82 2.40 5.52
CA ALA B 355 41.65 1.79 4.89
C ALA B 355 41.80 1.70 3.38
N GLN B 356 42.50 2.68 2.79
CA GLN B 356 42.69 2.65 1.33
C GLN B 356 43.50 1.44 0.91
N CYS B 357 44.45 1.00 1.75
CA CYS B 357 45.25 -0.17 1.41
C CYS B 357 44.38 -1.43 1.39
N ASN B 358 43.54 -1.61 2.40
CA ASN B 358 42.65 -2.77 2.43
C ASN B 358 41.67 -2.73 1.26
N LYS B 359 41.14 -1.54 0.95
CA LYS B 359 40.22 -1.42 -0.18
C LYS B 359 40.90 -1.79 -1.48
N VAL B 360 42.11 -1.29 -1.72
CA VAL B 360 42.78 -1.58 -2.98
C VAL B 360 43.21 -3.04 -3.03
N LEU B 361 43.45 -3.65 -1.87
CA LEU B 361 43.72 -5.08 -1.84
C LEU B 361 42.49 -5.86 -2.28
N ARG B 362 41.34 -5.58 -1.67
CA ARG B 362 40.10 -6.22 -2.10
C ARG B 362 39.85 -5.99 -3.57
N HIS B 363 40.18 -4.80 -4.07
CA HIS B 363 40.17 -4.57 -5.51
C HIS B 363 41.03 -5.59 -6.23
N PHE B 364 42.27 -5.78 -5.76
CA PHE B 364 43.18 -6.74 -6.38
C PHE B 364 42.59 -8.14 -6.43
N ALA B 365 41.67 -8.47 -5.52
CA ALA B 365 41.04 -9.78 -5.49
C ALA B 365 39.98 -9.85 -6.60
N ASP B 366 40.46 -9.87 -7.84
CA ASP B 366 39.58 -9.89 -9.00
C ASP B 366 39.79 -11.10 -9.91
N GLN B 367 41.03 -11.46 -10.20
CA GLN B 367 41.30 -12.56 -11.12
C GLN B 367 42.32 -13.53 -10.55
N LYS B 368 43.15 -13.05 -9.63
CA LYS B 368 44.16 -13.89 -8.97
C LYS B 368 43.71 -14.35 -7.59
N VAL B 369 43.38 -13.41 -6.70
CA VAL B 369 42.85 -13.74 -5.39
C VAL B 369 41.33 -13.84 -5.57
N VAL B 370 40.89 -15.03 -5.94
CA VAL B 370 39.51 -15.23 -6.37
C VAL B 370 38.75 -16.08 -5.35
N VAL B 371 37.49 -15.71 -5.15
CA VAL B 371 36.47 -16.70 -4.86
C VAL B 371 36.29 -17.59 -6.10
N GLY B 372 36.02 -16.96 -7.24
CA GLY B 372 36.21 -17.52 -8.56
C GLY B 372 35.86 -18.98 -8.77
N ASN B 373 36.85 -19.78 -9.17
CA ASN B 373 36.67 -21.18 -9.51
C ASN B 373 37.55 -22.10 -8.66
N LYS B 374 37.81 -21.71 -7.42
CA LYS B 374 38.57 -22.53 -6.49
C LYS B 374 37.65 -22.90 -5.34
N ALA B 375 37.04 -24.08 -5.44
CA ALA B 375 35.96 -24.49 -4.57
C ALA B 375 36.36 -24.53 -3.09
N LEU B 376 37.64 -24.70 -2.79
CA LEU B 376 38.05 -24.90 -1.39
C LEU B 376 37.78 -23.65 -0.56
N ALA B 377 38.35 -22.52 -0.97
CA ALA B 377 38.10 -21.28 -0.26
C ALA B 377 36.61 -20.98 -0.20
N ASP B 378 35.88 -21.29 -1.28
CA ASP B 378 34.46 -21.02 -1.30
C ASP B 378 33.72 -21.82 -0.23
N ILE B 379 34.03 -23.10 -0.12
CA ILE B 379 33.30 -23.92 0.83
C ILE B 379 33.71 -23.58 2.26
N LEU B 380 34.97 -23.18 2.45
CA LEU B 380 35.39 -22.76 3.78
C LEU B 380 34.69 -21.48 4.18
N SER B 381 34.54 -20.55 3.23
CA SER B 381 33.79 -19.33 3.49
C SER B 381 32.33 -19.63 3.78
N GLU B 382 31.76 -20.60 3.07
CA GLU B 382 30.38 -21.00 3.34
C GLU B 382 30.25 -21.54 4.75
N SER B 383 31.16 -22.43 5.14
CA SER B 383 31.13 -22.99 6.48
C SER B 383 31.24 -21.90 7.53
N LEU B 384 32.06 -20.89 7.27
CA LEU B 384 32.13 -19.76 8.19
C LEU B 384 30.80 -19.02 8.25
N HIS B 385 30.32 -18.57 7.09
CA HIS B 385 29.09 -17.79 7.04
C HIS B 385 27.92 -18.52 7.68
N SER B 386 27.94 -19.84 7.69
CA SER B 386 26.86 -20.59 8.30
C SER B 386 26.81 -20.36 9.81
N LEU B 387 27.94 -20.61 10.49
CA LEU B 387 27.98 -20.34 11.91
C LEU B 387 27.75 -18.86 12.18
N ALA B 388 28.21 -17.99 11.28
CA ALA B 388 27.93 -16.57 11.41
C ALA B 388 26.43 -16.33 11.49
N THR B 389 25.71 -16.69 10.43
CA THR B 389 24.27 -16.48 10.36
C THR B 389 23.49 -17.35 11.34
N SER B 390 24.16 -18.25 12.07
CA SER B 390 23.51 -18.91 13.19
C SER B 390 23.74 -18.18 14.50
N LEU B 391 24.81 -17.39 14.59
CA LEU B 391 25.06 -16.56 15.76
C LEU B 391 24.20 -15.30 15.94
N PRO B 392 23.73 -14.62 14.89
CA PRO B 392 23.21 -13.26 15.09
C PRO B 392 21.93 -13.21 15.89
N ARG B 393 21.27 -14.34 16.10
CA ARG B 393 20.20 -14.37 17.09
C ARG B 393 20.71 -13.94 18.45
N LEU B 394 21.96 -14.28 18.76
CA LEU B 394 22.56 -13.95 20.04
C LEU B 394 23.47 -12.74 20.01
N MET B 395 24.24 -12.55 18.92
CA MET B 395 25.27 -11.49 18.95
C MET B 395 24.65 -10.13 19.20
N ASN B 396 23.54 -9.81 18.55
CA ASN B 396 22.90 -8.52 18.75
C ASN B 396 21.96 -8.50 19.95
N SER B 397 21.95 -9.56 20.76
CA SER B 397 21.15 -9.63 21.97
C SER B 397 21.89 -9.10 23.19
N GLN B 398 22.85 -8.22 22.99
CA GLN B 398 23.73 -7.74 24.05
C GLN B 398 23.91 -6.24 23.85
N ASP B 399 24.94 -5.67 24.50
CA ASP B 399 25.21 -4.25 24.41
C ASP B 399 25.46 -3.82 22.96
N ASP B 400 25.50 -2.50 22.77
CA ASP B 400 25.58 -1.92 21.44
C ASP B 400 27.03 -1.85 20.97
N GLN B 401 27.20 -1.53 19.68
CA GLN B 401 28.44 -1.14 19.02
C GLN B 401 29.46 -2.27 18.99
N GLY B 402 29.14 -3.38 19.66
CA GLY B 402 29.92 -4.59 19.53
C GLY B 402 29.28 -5.44 18.46
N LYS B 403 27.95 -5.32 18.37
CA LYS B 403 27.24 -5.96 17.27
C LYS B 403 27.68 -5.38 15.92
N PHE B 404 27.99 -4.08 15.88
CA PHE B 404 28.45 -3.49 14.64
C PHE B 404 29.67 -4.21 14.09
N SER B 405 30.55 -4.67 14.97
CA SER B 405 31.71 -5.44 14.52
C SER B 405 31.27 -6.67 13.74
N THR B 406 30.35 -7.44 14.31
CA THR B 406 29.90 -8.66 13.67
C THR B 406 29.14 -8.37 12.38
N LEU B 407 28.23 -7.41 12.40
CA LEU B 407 27.48 -7.08 11.19
C LEU B 407 28.40 -6.53 10.12
N SER B 408 29.47 -5.84 10.50
CA SER B 408 30.40 -5.32 9.51
C SER B 408 31.21 -6.44 8.89
N LEU B 409 31.69 -7.36 9.73
CA LEU B 409 32.26 -8.60 9.23
C LEU B 409 31.31 -9.23 8.22
N LEU B 410 30.02 -9.27 8.56
CA LEU B 410 29.05 -9.91 7.68
C LEU B 410 28.98 -9.19 6.34
N LEU B 411 28.82 -7.87 6.38
CA LEU B 411 28.62 -7.11 5.14
C LEU B 411 29.84 -7.24 4.24
N GLY B 412 31.04 -7.10 4.81
CA GLY B 412 32.24 -7.30 4.02
C GLY B 412 32.31 -8.70 3.44
N TYR B 413 32.02 -9.71 4.26
CA TYR B 413 32.14 -11.09 3.82
C TYR B 413 31.22 -11.37 2.66
N LEU B 414 30.00 -10.84 2.71
CA LEU B 414 29.11 -10.91 1.55
C LEU B 414 29.73 -10.17 0.37
N LYS B 415 30.26 -8.96 0.60
CA LYS B 415 30.86 -8.20 -0.48
C LYS B 415 31.95 -9.00 -1.18
N LEU B 416 32.59 -9.91 -0.46
CA LEU B 416 33.52 -10.83 -1.11
C LEU B 416 32.80 -11.61 -2.20
N LEU B 417 31.80 -12.40 -1.81
CA LEU B 417 31.02 -13.14 -2.79
C LEU B 417 30.08 -12.20 -3.51
N GLY B 418 30.61 -11.42 -4.45
CA GLY B 418 29.79 -10.54 -5.25
C GLY B 418 28.84 -11.32 -6.13
N PRO B 419 29.38 -12.05 -7.10
CA PRO B 419 28.63 -13.14 -7.72
C PRO B 419 28.79 -14.41 -6.93
N LYS B 420 28.28 -15.51 -7.44
CA LYS B 420 28.54 -16.85 -6.89
C LYS B 420 28.08 -16.95 -5.44
N ILE B 421 26.84 -16.56 -5.19
CA ILE B 421 26.19 -16.89 -3.94
C ILE B 421 25.15 -17.97 -4.15
N ASN B 422 24.56 -18.07 -5.34
CA ASN B 422 23.70 -19.19 -5.67
C ASN B 422 24.38 -20.53 -5.43
N PHE B 423 25.71 -20.55 -5.39
CA PHE B 423 26.43 -21.77 -5.06
C PHE B 423 26.34 -22.09 -3.57
N VAL B 424 25.97 -21.12 -2.74
CA VAL B 424 25.76 -21.38 -1.33
C VAL B 424 24.32 -21.07 -0.91
N LEU B 425 23.61 -20.21 -1.65
CA LEU B 425 22.21 -19.97 -1.35
C LEU B 425 21.39 -21.23 -1.54
N ASN B 426 21.68 -21.99 -2.61
CA ASN B 426 20.81 -23.09 -3.03
C ASN B 426 20.54 -24.10 -1.93
N SER B 427 21.47 -24.25 -0.99
CA SER B 427 21.27 -25.20 0.10
C SER B 427 20.18 -24.69 1.03
N VAL B 428 19.20 -25.54 1.30
CA VAL B 428 18.00 -25.11 2.00
C VAL B 428 18.32 -24.71 3.43
N ALA B 429 19.29 -25.37 4.06
CA ALA B 429 19.65 -25.03 5.43
C ALA B 429 20.14 -23.59 5.51
N HIS B 430 20.94 -23.17 4.54
CA HIS B 430 21.42 -21.79 4.51
C HIS B 430 20.26 -20.81 4.54
N LEU B 431 19.38 -20.90 3.54
CA LEU B 431 18.27 -19.96 3.43
C LEU B 431 17.41 -19.98 4.67
N GLN B 432 17.10 -21.18 5.17
CA GLN B 432 16.26 -21.26 6.37
C GLN B 432 16.91 -20.52 7.54
N ARG B 433 18.18 -20.81 7.82
CA ARG B 433 18.83 -20.19 8.97
C ARG B 433 18.93 -18.67 8.80
N LEU B 434 19.31 -18.23 7.60
CA LEU B 434 19.49 -16.79 7.37
C LEU B 434 18.17 -16.04 7.51
N SER B 435 17.11 -16.56 6.89
CA SER B 435 15.80 -15.95 7.01
C SER B 435 15.36 -15.88 8.46
N LYS B 436 15.38 -17.02 9.15
CA LYS B 436 14.91 -17.04 10.54
C LYS B 436 15.70 -16.08 11.40
N ALA B 437 17.00 -15.93 11.12
CA ALA B 437 17.79 -14.94 11.84
C ALA B 437 17.27 -13.54 11.58
N LEU B 438 17.30 -13.11 10.31
CA LEU B 438 16.95 -11.74 9.98
C LEU B 438 15.56 -11.36 10.46
N ILE B 439 14.66 -12.33 10.57
CA ILE B 439 13.30 -12.00 11.00
C ILE B 439 13.31 -11.39 12.40
N GLN B 440 14.23 -11.83 13.25
CA GLN B 440 14.23 -11.39 14.65
C GLN B 440 15.05 -10.13 14.88
N VAL B 441 16.00 -9.83 14.00
CA VAL B 441 16.80 -8.62 14.17
C VAL B 441 15.94 -7.38 13.95
N LEU B 442 15.25 -7.33 12.81
CA LEU B 442 14.45 -6.16 12.46
C LEU B 442 13.26 -5.94 13.40
N GLU B 443 12.97 -6.86 14.31
CA GLU B 443 11.85 -6.68 15.22
C GLU B 443 12.29 -6.85 16.66
N SER B 459 12.89 3.65 18.02
CA SER B 459 12.45 2.55 17.17
C SER B 459 11.50 3.05 16.09
N ASP B 460 12.02 3.87 15.18
CA ASP B 460 11.20 4.50 14.16
C ASP B 460 11.90 4.34 12.82
N ASP B 461 11.40 5.05 11.82
CA ASP B 461 11.96 4.98 10.47
C ASP B 461 11.69 6.30 9.77
N LEU B 462 12.42 6.50 8.66
CA LEU B 462 12.29 7.71 7.86
C LEU B 462 12.25 7.31 6.40
N ASN B 463 12.20 8.30 5.51
CA ASN B 463 12.10 8.06 4.08
C ASN B 463 13.49 7.83 3.51
N ALA B 464 13.59 7.81 2.18
CA ALA B 464 14.86 7.64 1.50
C ALA B 464 15.80 8.81 1.77
N TYR B 481 17.02 1.74 5.64
CA TYR B 481 15.91 1.23 6.43
C TYR B 481 16.31 1.05 7.88
N PHE B 482 15.43 1.46 8.79
CA PHE B 482 15.68 1.44 10.22
C PHE B 482 14.91 0.31 10.88
N ARG B 483 15.52 -0.29 11.90
CA ARG B 483 14.94 -1.43 12.60
C ARG B 483 14.17 -0.93 13.83
N PHE B 484 13.88 -1.83 14.75
CA PHE B 484 12.95 -1.61 15.85
C PHE B 484 13.60 -2.17 17.11
N PHE B 485 12.77 -2.45 18.12
CA PHE B 485 13.19 -2.83 19.47
C PHE B 485 14.46 -3.67 19.52
N THR B 486 15.39 -3.27 20.40
CA THR B 486 16.67 -3.91 20.67
C THR B 486 17.69 -3.70 19.55
N ASP B 487 17.59 -2.59 18.83
CA ASP B 487 18.61 -2.21 17.84
C ASP B 487 18.85 -0.71 17.90
N GLU B 488 19.04 -0.17 19.11
CA GLU B 488 18.86 1.25 19.37
C GLU B 488 19.79 2.22 18.64
N ARG B 489 20.71 1.73 17.81
CA ARG B 489 21.61 2.59 17.06
C ARG B 489 21.23 2.57 15.59
N ILE B 490 21.47 3.70 14.90
CA ILE B 490 20.95 3.87 13.54
C ILE B 490 21.94 3.45 12.47
N PHE B 491 23.24 3.63 12.69
CA PHE B 491 24.22 3.20 11.69
C PHE B 491 24.16 1.69 11.48
N MET B 492 23.88 0.94 12.55
CA MET B 492 23.59 -0.49 12.39
C MET B 492 22.48 -0.71 11.38
N LEU B 493 21.44 0.11 11.42
CA LEU B 493 20.30 -0.08 10.53
C LEU B 493 20.67 0.26 9.10
N LEU B 494 21.47 1.32 8.92
CA LEU B 494 21.93 1.64 7.58
C LEU B 494 22.81 0.53 7.02
N ARG B 495 23.65 -0.06 7.87
CA ARG B 495 24.48 -1.17 7.41
C ARG B 495 23.62 -2.39 7.07
N GLN B 496 22.54 -2.59 7.82
CA GLN B 496 21.67 -3.73 7.56
C GLN B 496 20.94 -3.57 6.23
N VAL B 497 20.39 -2.38 5.99
CA VAL B 497 19.74 -2.14 4.70
C VAL B 497 20.76 -2.16 3.58
N CYS B 498 22.02 -1.89 3.87
CA CYS B 498 23.05 -2.03 2.84
C CYS B 498 23.42 -3.48 2.61
N GLN B 499 23.21 -4.35 3.60
CA GLN B 499 23.53 -5.76 3.44
C GLN B 499 22.40 -6.55 2.81
N LEU B 500 21.14 -6.19 3.09
CA LEU B 500 20.04 -6.76 2.33
C LEU B 500 20.08 -6.29 0.89
N LEU B 501 20.34 -5.00 0.69
CA LEU B 501 20.62 -4.50 -0.65
C LEU B 501 21.84 -5.17 -1.26
N GLY B 502 22.72 -5.75 -0.43
CA GLY B 502 23.85 -6.46 -0.97
C GLY B 502 23.44 -7.61 -1.87
N TYR B 503 22.27 -8.18 -1.63
CA TYR B 503 21.77 -9.31 -2.43
C TYR B 503 21.28 -8.78 -3.77
N TYR B 504 22.14 -8.85 -4.79
CA TYR B 504 21.67 -8.72 -6.16
C TYR B 504 22.35 -9.80 -7.02
N GLY B 505 22.40 -11.01 -6.49
CA GLY B 505 22.82 -12.17 -7.25
C GLY B 505 21.65 -12.83 -7.97
N ASN B 506 20.63 -13.23 -7.22
CA ASN B 506 19.40 -13.76 -7.79
C ASN B 506 18.22 -13.16 -7.04
N LEU B 507 17.10 -13.02 -7.75
CA LEU B 507 15.91 -12.39 -7.20
C LEU B 507 14.80 -13.38 -6.88
N TYR B 508 14.41 -14.20 -7.85
CA TYR B 508 13.21 -15.03 -7.72
C TYR B 508 13.23 -15.85 -6.43
N LEU B 509 14.33 -16.55 -6.18
CA LEU B 509 14.45 -17.33 -4.95
C LEU B 509 14.18 -16.47 -3.72
N LEU B 510 14.83 -15.31 -3.66
CA LEU B 510 14.72 -14.46 -2.49
C LEU B 510 13.29 -13.94 -2.32
N VAL B 511 12.76 -13.30 -3.35
CA VAL B 511 11.42 -12.72 -3.24
C VAL B 511 10.40 -13.81 -2.92
N ASP B 512 10.58 -15.01 -3.46
CA ASP B 512 9.62 -16.08 -3.20
C ASP B 512 9.72 -16.56 -1.77
N HIS B 513 10.93 -16.91 -1.33
CA HIS B 513 11.09 -17.41 0.03
C HIS B 513 10.69 -16.36 1.06
N PHE B 514 10.65 -15.10 0.68
CA PHE B 514 10.25 -14.10 1.66
C PHE B 514 8.76 -13.75 1.58
N MET B 515 8.17 -13.79 0.38
CA MET B 515 6.72 -13.76 0.31
C MET B 515 6.12 -14.87 1.14
N GLU B 516 6.77 -16.04 1.14
CA GLU B 516 6.34 -17.12 2.02
C GLU B 516 6.28 -16.64 3.46
N LEU B 517 7.41 -16.14 3.98
CA LEU B 517 7.46 -15.70 5.37
C LEU B 517 6.44 -14.63 5.67
N TYR B 518 6.08 -13.82 4.67
CA TYR B 518 5.00 -12.87 4.88
C TYR B 518 3.66 -13.58 5.05
N HIS B 519 3.35 -14.50 4.13
CA HIS B 519 2.09 -15.21 4.22
C HIS B 519 1.99 -16.08 5.45
N GLN B 520 3.10 -16.38 6.11
CA GLN B 520 3.09 -17.38 7.17
C GLN B 520 2.15 -16.99 8.31
N SER B 521 2.48 -15.90 9.01
CA SER B 521 1.78 -15.55 10.24
C SER B 521 1.60 -14.04 10.27
N VAL B 522 1.24 -13.53 11.45
CA VAL B 522 0.97 -12.10 11.62
C VAL B 522 2.16 -11.38 12.25
N VAL B 523 2.81 -12.00 13.22
CA VAL B 523 3.86 -11.32 13.96
C VAL B 523 5.13 -11.17 13.16
N TYR B 524 5.27 -11.93 12.07
CA TYR B 524 6.46 -11.88 11.23
C TYR B 524 6.24 -11.10 9.93
N ARG B 525 5.20 -10.28 9.88
CA ARG B 525 4.85 -9.63 8.61
C ARG B 525 5.71 -8.41 8.34
N LYS B 526 5.65 -7.41 9.22
CA LYS B 526 6.29 -6.13 8.95
C LYS B 526 7.77 -6.31 8.64
N GLN B 527 8.42 -7.22 9.36
CA GLN B 527 9.82 -7.53 9.07
C GLN B 527 9.97 -7.93 7.61
N ALA B 528 9.18 -8.89 7.16
CA ALA B 528 9.29 -9.38 5.79
C ALA B 528 9.01 -8.28 4.79
N ALA B 529 8.05 -7.40 5.10
CA ALA B 529 7.76 -6.30 4.19
C ALA B 529 8.99 -5.42 4.00
N MET B 530 9.61 -5.03 5.11
CA MET B 530 10.82 -4.21 5.02
C MET B 530 11.92 -4.95 4.28
N ILE B 531 12.05 -6.25 4.54
CA ILE B 531 12.98 -7.08 3.79
C ILE B 531 12.76 -6.90 2.30
N LEU B 532 11.53 -7.17 1.84
CA LEU B 532 11.22 -7.14 0.42
C LEU B 532 11.57 -5.79 -0.19
N ASN B 533 11.23 -4.71 0.52
CA ASN B 533 11.60 -3.39 0.04
C ASN B 533 13.10 -3.29 -0.18
N GLU B 534 13.87 -3.70 0.83
CA GLU B 534 15.33 -3.63 0.72
C GLU B 534 15.82 -4.49 -0.44
N LEU B 535 15.22 -5.66 -0.62
CA LEU B 535 15.68 -6.58 -1.66
C LEU B 535 15.47 -6.01 -3.04
N VAL B 536 14.27 -5.50 -3.32
CA VAL B 536 14.03 -4.94 -4.65
C VAL B 536 14.90 -3.72 -4.87
N THR B 537 15.05 -2.86 -3.85
CA THR B 537 15.90 -1.69 -4.01
C THR B 537 17.32 -2.11 -4.35
N GLY B 538 17.82 -3.16 -3.69
CA GLY B 538 19.11 -3.69 -4.08
C GLY B 538 19.13 -4.16 -5.51
N ALA B 539 18.04 -4.81 -5.94
CA ALA B 539 17.97 -5.27 -7.31
C ALA B 539 18.02 -4.14 -8.31
N ALA B 540 17.71 -2.91 -7.89
CA ALA B 540 17.85 -1.77 -8.79
C ALA B 540 19.31 -1.60 -9.22
N GLY B 541 20.18 -1.28 -8.27
CA GLY B 541 21.61 -1.14 -8.53
C GLY B 541 22.21 0.13 -7.98
N VAL B 544 24.15 2.64 -4.29
CA VAL B 544 24.61 2.54 -5.70
C VAL B 544 26.14 2.48 -5.74
N GLU B 545 26.70 1.25 -5.77
CA GLU B 545 28.16 1.06 -5.80
C GLU B 545 28.53 0.12 -6.95
N ASP B 546 29.62 -0.65 -6.79
CA ASP B 546 30.08 -1.60 -7.82
C ASP B 546 30.88 -2.73 -7.16
N LEU B 547 30.73 -3.96 -7.68
CA LEU B 547 31.45 -5.11 -7.14
C LEU B 547 32.33 -5.70 -8.24
N HIS B 548 32.78 -6.95 -8.06
CA HIS B 548 33.48 -7.66 -9.12
C HIS B 548 32.71 -7.53 -10.42
N GLU B 549 33.30 -6.86 -11.41
CA GLU B 549 32.58 -6.32 -12.55
C GLU B 549 32.73 -7.17 -13.81
N LYS B 550 32.88 -8.47 -13.66
CA LYS B 550 32.84 -9.39 -14.80
C LYS B 550 31.55 -10.20 -14.84
N HIS B 551 30.64 -9.97 -13.89
CA HIS B 551 29.41 -10.72 -13.79
C HIS B 551 28.29 -10.02 -14.57
N ILE B 552 27.06 -10.46 -14.36
CA ILE B 552 25.91 -9.95 -15.11
C ILE B 552 24.90 -9.37 -14.12
N LYS B 553 23.95 -8.62 -14.66
CA LYS B 553 22.89 -7.98 -13.90
C LYS B 553 21.54 -8.55 -14.32
N THR B 554 20.49 -8.10 -13.65
CA THR B 554 19.15 -8.64 -13.86
C THR B 554 18.54 -8.05 -15.12
N ASN B 555 17.25 -8.29 -15.33
CA ASN B 555 16.56 -7.83 -16.51
C ASN B 555 15.37 -6.95 -16.12
N PRO B 556 15.01 -5.99 -16.98
CA PRO B 556 13.85 -5.15 -16.67
C PRO B 556 12.54 -5.90 -16.63
N GLU B 557 12.34 -6.89 -17.51
CA GLU B 557 11.06 -7.58 -17.55
C GLU B 557 10.85 -8.46 -16.32
N GLU B 558 11.91 -9.11 -15.83
CA GLU B 558 11.80 -9.84 -14.57
C GLU B 558 11.48 -8.89 -13.43
N LEU B 559 12.08 -7.69 -13.48
CA LEU B 559 11.70 -6.66 -12.52
C LEU B 559 10.21 -6.38 -12.61
N ARG B 560 9.66 -6.31 -13.83
CA ARG B 560 8.24 -6.07 -14.00
C ARG B 560 7.42 -7.17 -13.33
N GLU B 561 7.81 -8.41 -13.57
CA GLU B 561 7.10 -9.54 -12.96
C GLU B 561 7.11 -9.42 -11.43
N ILE B 562 8.29 -9.19 -10.86
CA ILE B 562 8.43 -9.17 -9.41
C ILE B 562 7.65 -8.01 -8.81
N VAL B 563 7.72 -6.83 -9.44
CA VAL B 563 7.04 -5.68 -8.88
C VAL B 563 5.54 -5.86 -8.97
N THR B 564 5.04 -6.40 -10.10
CA THR B 564 3.62 -6.68 -10.21
C THR B 564 3.16 -7.58 -9.09
N SER B 565 3.89 -8.68 -8.86
CA SER B 565 3.49 -9.61 -7.82
C SER B 565 3.45 -8.93 -6.46
N ILE B 566 4.56 -8.31 -6.06
CA ILE B 566 4.63 -7.78 -4.70
C ILE B 566 3.59 -6.68 -4.50
N LEU B 567 3.38 -5.84 -5.52
CA LEU B 567 2.42 -4.76 -5.38
C LEU B 567 1.00 -5.29 -5.28
N GLU B 568 0.66 -6.31 -6.09
CA GLU B 568 -0.69 -6.87 -5.98
C GLU B 568 -0.93 -7.44 -4.60
N GLU B 569 0.04 -8.20 -4.07
CA GLU B 569 -0.15 -8.78 -2.74
C GLU B 569 -0.29 -7.69 -1.68
N TYR B 570 0.58 -6.67 -1.74
CA TYR B 570 0.50 -5.58 -0.78
C TYR B 570 -0.86 -4.90 -0.82
N THR B 571 -1.29 -4.49 -2.01
CA THR B 571 -2.57 -3.78 -2.13
C THR B 571 -3.72 -4.62 -1.60
N SER B 572 -3.87 -5.85 -2.11
CA SER B 572 -5.00 -6.66 -1.71
C SER B 572 -4.97 -7.02 -0.22
N GLN B 573 -3.79 -7.05 0.40
CA GLN B 573 -3.71 -7.44 1.80
C GLN B 573 -3.92 -6.28 2.77
N GLU B 574 -3.90 -5.04 2.29
CA GLU B 574 -3.84 -3.85 3.16
C GLU B 574 -5.05 -2.95 2.91
N ASN B 575 -6.11 -3.17 3.68
CA ASN B 575 -7.23 -2.24 3.70
C ASN B 575 -7.80 -2.02 5.08
N TRP B 576 -7.24 -2.62 6.12
CA TRP B 576 -7.80 -2.46 7.47
C TRP B 576 -6.79 -2.81 8.55
N THR B 622 -6.78 -3.42 22.62
CA THR B 622 -6.32 -3.82 21.30
C THR B 622 -5.81 -2.63 20.51
N ILE B 623 -5.79 -1.46 21.16
CA ILE B 623 -5.22 -0.27 20.53
C ILE B 623 -3.79 -0.51 20.13
N CYS B 624 -3.08 -1.38 20.87
CA CYS B 624 -1.78 -1.86 20.44
C CYS B 624 -1.88 -2.45 19.03
N SER B 625 -2.85 -3.34 18.81
CA SER B 625 -3.04 -3.89 17.49
C SER B 625 -3.44 -2.82 16.49
N MET B 626 -4.09 -1.76 16.96
CA MET B 626 -4.51 -0.70 16.04
C MET B 626 -3.29 0.05 15.51
N ASN B 627 -2.39 0.49 16.38
CA ASN B 627 -1.18 1.12 15.88
C ASN B 627 -0.28 0.11 15.19
N SER B 628 -0.44 -1.18 15.48
CA SER B 628 0.24 -2.20 14.70
C SER B 628 -0.21 -2.17 13.24
N ASN B 629 -1.53 -2.18 13.03
CA ASN B 629 -2.05 -2.02 11.68
C ASN B 629 -1.61 -0.70 11.07
N ILE B 630 -1.46 0.33 11.90
CA ILE B 630 -0.95 1.60 11.40
C ILE B 630 0.47 1.42 10.86
N TRP B 631 1.33 0.77 11.63
CA TRP B 631 2.67 0.47 11.15
C TRP B 631 2.62 -0.34 9.88
N GLN B 632 1.69 -1.29 9.79
CA GLN B 632 1.58 -2.12 8.60
C GLN B 632 1.28 -1.26 7.38
N ILE B 633 0.25 -0.43 7.44
CA ILE B 633 -0.13 0.35 6.28
C ILE B 633 0.96 1.35 5.93
N CYS B 634 1.62 1.90 6.95
CA CYS B 634 2.69 2.86 6.68
C CYS B 634 3.85 2.20 5.95
N ILE B 635 4.31 1.06 6.45
CA ILE B 635 5.44 0.42 5.82
C ILE B 635 5.07 -0.03 4.42
N GLN B 636 3.82 -0.43 4.19
CA GLN B 636 3.44 -0.83 2.85
C GLN B 636 3.41 0.36 1.90
N LEU B 637 2.93 1.51 2.37
CA LEU B 637 3.00 2.72 1.55
C LEU B 637 4.44 3.07 1.21
N GLU B 638 5.31 3.06 2.22
CA GLU B 638 6.73 3.33 1.97
C GLU B 638 7.31 2.34 0.97
N GLY B 639 6.89 1.09 1.05
CA GLY B 639 7.34 0.12 0.08
C GLY B 639 6.91 0.49 -1.33
N ILE B 640 5.66 0.90 -1.49
CA ILE B 640 5.21 1.36 -2.81
C ILE B 640 6.08 2.51 -3.28
N GLY B 641 6.43 3.41 -2.36
CA GLY B 641 7.27 4.54 -2.72
C GLY B 641 8.63 4.10 -3.22
N GLN B 642 9.27 3.19 -2.50
CA GLN B 642 10.57 2.69 -2.92
C GLN B 642 10.46 1.99 -4.27
N PHE B 643 9.39 1.23 -4.48
CA PHE B 643 9.20 0.57 -5.76
C PHE B 643 9.15 1.59 -6.88
N ALA B 644 8.43 2.69 -6.66
CA ALA B 644 8.43 3.76 -7.64
C ALA B 644 9.83 4.32 -7.83
N TYR B 645 10.56 4.52 -6.74
CA TYR B 645 11.87 5.18 -6.82
C TYR B 645 12.84 4.35 -7.64
N ALA B 646 13.02 3.08 -7.27
CA ALA B 646 13.92 2.21 -8.02
C ALA B 646 13.40 1.98 -9.44
N LEU B 647 12.22 1.38 -9.55
CA LEU B 647 11.58 1.22 -10.85
C LEU B 647 10.94 2.55 -11.20
N GLY B 648 11.76 3.46 -11.70
CA GLY B 648 11.29 4.79 -12.04
C GLY B 648 10.65 4.87 -13.40
N LYS B 649 11.27 4.24 -14.40
CA LYS B 649 10.80 4.40 -15.78
C LYS B 649 9.60 3.51 -16.07
N ASP B 650 9.76 2.20 -15.90
CA ASP B 650 8.76 1.26 -16.37
C ASP B 650 7.56 1.16 -15.43
N PHE B 651 7.39 2.11 -14.53
CA PHE B 651 6.20 2.14 -13.68
C PHE B 651 4.98 2.66 -14.42
N CYS B 652 5.06 2.78 -15.74
CA CYS B 652 3.99 3.35 -16.55
C CYS B 652 2.96 2.34 -17.01
N LEU B 653 3.35 1.07 -17.14
CA LEU B 653 2.39 0.06 -17.54
C LEU B 653 1.39 -0.23 -16.42
N LEU B 654 1.72 0.12 -15.18
CA LEU B 654 0.91 -0.21 -14.02
C LEU B 654 0.60 1.03 -13.18
N LEU B 655 0.28 2.14 -13.85
CA LEU B 655 -0.10 3.35 -13.12
C LEU B 655 -1.29 3.09 -12.20
N MET B 656 -2.45 2.76 -12.79
CA MET B 656 -3.69 2.71 -12.03
C MET B 656 -3.58 1.77 -10.84
N SER B 657 -2.85 0.66 -11.01
CA SER B 657 -2.70 -0.31 -9.93
C SER B 657 -2.10 0.32 -8.70
N ALA B 658 -1.29 1.36 -8.87
CA ALA B 658 -0.74 2.09 -7.73
C ALA B 658 -1.53 3.36 -7.42
N LEU B 659 -2.19 3.95 -8.41
CA LEU B 659 -3.00 5.14 -8.15
C LEU B 659 -4.14 4.81 -7.20
N TYR B 660 -5.01 3.88 -7.60
CA TYR B 660 -6.22 3.65 -6.83
C TYR B 660 -5.98 3.34 -5.35
N PRO B 661 -5.10 2.41 -4.98
CA PRO B 661 -5.06 1.99 -3.57
C PRO B 661 -4.73 3.12 -2.62
N VAL B 662 -3.61 3.81 -2.84
CA VAL B 662 -3.18 4.82 -1.89
C VAL B 662 -4.05 6.07 -2.01
N LEU B 663 -4.56 6.36 -3.21
CA LEU B 663 -5.47 7.49 -3.36
C LEU B 663 -6.70 7.29 -2.50
N GLU B 664 -7.34 6.11 -2.59
CA GLU B 664 -8.42 5.81 -1.65
C GLU B 664 -7.92 5.78 -0.22
N LYS B 665 -6.65 5.41 -0.02
CA LYS B 665 -6.07 5.40 1.31
C LYS B 665 -5.69 6.80 1.77
N ALA B 666 -5.61 7.76 0.88
CA ALA B 666 -5.28 9.14 1.26
C ALA B 666 -6.46 9.72 2.01
N GLY B 667 -6.44 9.60 3.33
CA GLY B 667 -7.63 9.79 4.12
C GLY B 667 -7.38 10.19 5.56
N ASP B 668 -8.08 9.53 6.48
CA ASP B 668 -8.13 9.88 7.90
C ASP B 668 -6.79 10.36 8.45
N GLN B 669 -5.73 9.56 8.31
CA GLN B 669 -4.44 9.90 8.88
C GLN B 669 -3.70 10.84 7.92
N THR B 670 -3.88 12.13 8.15
CA THR B 670 -3.25 13.15 7.31
C THR B 670 -1.74 13.10 7.39
N LEU B 671 -1.18 13.31 8.58
CA LEU B 671 0.26 13.42 8.73
C LEU B 671 0.95 12.16 8.20
N LEU B 672 0.79 11.03 8.91
CA LEU B 672 1.55 9.84 8.54
C LEU B 672 1.09 9.27 7.22
N ILE B 673 -0.16 8.82 7.16
CA ILE B 673 -0.62 8.08 5.99
C ILE B 673 -0.64 8.99 4.77
N SER B 674 -1.33 10.12 4.86
CA SER B 674 -1.44 10.98 3.69
C SER B 674 -0.10 11.62 3.35
N GLN B 675 0.79 11.80 4.32
CA GLN B 675 2.12 12.31 3.98
C GLN B 675 2.88 11.30 3.13
N VAL B 676 2.95 10.05 3.59
CA VAL B 676 3.61 9.03 2.79
C VAL B 676 2.93 8.88 1.43
N ALA B 677 1.61 9.04 1.41
CA ALA B 677 0.87 8.99 0.16
C ALA B 677 1.37 10.07 -0.80
N THR B 678 1.23 11.33 -0.40
CA THR B 678 1.72 12.45 -1.19
C THR B 678 3.14 12.22 -1.68
N SER B 679 4.01 11.73 -0.81
CA SER B 679 5.39 11.49 -1.23
C SER B 679 5.43 10.45 -2.34
N THR B 680 4.67 9.37 -2.19
CA THR B 680 4.66 8.33 -3.20
C THR B 680 4.15 8.87 -4.54
N MET B 681 3.13 9.70 -4.49
CA MET B 681 2.53 10.21 -5.73
C MET B 681 3.45 11.20 -6.41
N MET B 682 4.05 12.13 -5.66
CA MET B 682 5.04 12.99 -6.29
C MET B 682 6.23 12.18 -6.78
N ASP B 683 6.50 11.05 -6.15
CA ASP B 683 7.55 10.15 -6.63
C ASP B 683 7.19 9.59 -7.99
N VAL B 684 5.98 9.07 -8.13
CA VAL B 684 5.61 8.49 -9.42
C VAL B 684 5.52 9.59 -10.46
N CYS B 685 5.20 10.82 -10.06
CA CYS B 685 5.26 11.94 -10.99
C CYS B 685 6.68 12.15 -11.47
N ARG B 686 7.59 12.49 -10.56
CA ARG B 686 8.96 12.81 -10.94
C ARG B 686 9.66 11.65 -11.61
N ALA B 687 9.18 10.42 -11.44
CA ALA B 687 9.74 9.29 -12.14
C ALA B 687 9.09 9.04 -13.49
N CYS B 688 7.84 9.49 -13.66
CA CYS B 688 7.13 9.33 -14.93
C CYS B 688 6.73 10.66 -15.54
N GLY B 689 7.17 11.77 -14.96
CA GLY B 689 6.83 13.07 -15.48
C GLY B 689 5.34 13.35 -15.38
N TYR B 690 4.81 13.41 -14.16
CA TYR B 690 3.42 13.75 -13.96
C TYR B 690 3.20 15.06 -13.20
N ASP B 691 4.26 15.70 -12.71
CA ASP B 691 4.21 17.14 -12.50
C ASP B 691 3.12 17.62 -11.54
N SER B 692 3.33 17.47 -10.23
CA SER B 692 2.37 17.95 -9.24
C SER B 692 1.08 17.12 -9.23
N LEU B 693 1.14 15.99 -8.52
CA LEU B 693 0.14 14.93 -8.46
C LEU B 693 -1.30 15.39 -8.58
N GLN B 694 -1.63 16.58 -8.09
CA GLN B 694 -2.93 17.16 -8.41
C GLN B 694 -3.16 17.16 -9.93
N HIS B 695 -2.15 17.58 -10.69
CA HIS B 695 -2.25 17.55 -12.15
C HIS B 695 -2.48 16.14 -12.69
N LEU B 696 -2.11 15.11 -11.94
CA LEU B 696 -2.36 13.75 -12.38
C LEU B 696 -3.86 13.46 -12.48
N ILE B 697 -4.66 14.16 -11.68
CA ILE B 697 -6.11 14.04 -11.84
C ILE B 697 -6.54 14.66 -13.16
N ASN B 698 -5.89 15.77 -13.54
CA ASN B 698 -6.17 16.38 -14.84
C ASN B 698 -5.62 15.52 -15.99
N GLN B 699 -4.65 14.67 -15.69
CA GLN B 699 -4.24 13.62 -16.61
C GLN B 699 -5.30 12.54 -16.50
N ASN B 700 -5.01 11.33 -16.99
CA ASN B 700 -6.00 10.26 -17.11
C ASN B 700 -6.92 10.22 -15.91
N SER B 701 -8.20 10.40 -16.16
CA SER B 701 -9.21 10.53 -15.12
C SER B 701 -10.40 9.62 -15.32
N ASP B 702 -10.81 9.39 -16.57
CA ASP B 702 -11.97 8.54 -16.82
C ASP B 702 -11.86 7.21 -16.09
N TYR B 703 -10.64 6.69 -15.96
CA TYR B 703 -10.42 5.53 -15.11
C TYR B 703 -10.99 5.76 -13.72
N LEU B 704 -10.58 6.86 -13.07
CA LEU B 704 -11.07 7.15 -11.73
C LEU B 704 -12.59 7.34 -11.73
N VAL B 705 -13.11 8.05 -12.73
CA VAL B 705 -14.53 8.30 -12.80
C VAL B 705 -15.30 6.99 -12.79
N ASN B 706 -15.04 6.14 -13.78
CA ASN B 706 -15.76 4.89 -13.91
C ASN B 706 -15.53 3.99 -12.72
N GLY B 707 -14.31 4.00 -12.15
CA GLY B 707 -14.05 3.15 -11.01
C GLY B 707 -14.89 3.52 -9.81
N ILE B 708 -14.86 4.80 -9.42
CA ILE B 708 -15.69 5.24 -8.31
C ILE B 708 -17.16 4.97 -8.60
N SER B 709 -17.58 5.23 -9.84
CA SER B 709 -18.97 5.00 -10.21
C SER B 709 -19.39 3.56 -9.97
N LEU B 710 -18.73 2.63 -10.66
CA LEU B 710 -19.10 1.22 -10.55
C LEU B 710 -18.92 0.70 -9.14
N ASN B 711 -17.98 1.26 -8.37
CA ASN B 711 -17.88 0.89 -6.97
C ASN B 711 -19.16 1.25 -6.23
N LEU B 712 -19.58 2.51 -6.32
CA LEU B 712 -20.77 2.93 -5.61
C LEU B 712 -22.05 2.33 -6.19
N ARG B 713 -22.00 1.80 -7.41
CA ARG B 713 -23.18 1.29 -8.10
C ARG B 713 -23.40 -0.19 -7.85
N HIS B 714 -22.33 -0.99 -7.83
CA HIS B 714 -22.40 -2.40 -7.49
C HIS B 714 -21.71 -2.71 -6.18
N LEU B 715 -20.45 -2.32 -6.02
CA LEU B 715 -19.71 -2.63 -4.81
C LEU B 715 -20.20 -1.73 -3.67
N ALA B 716 -21.43 -1.93 -3.25
CA ALA B 716 -22.04 -1.01 -2.30
C ALA B 716 -21.49 -1.21 -0.89
N LEU B 717 -21.59 -2.44 -0.38
CA LEU B 717 -21.29 -2.69 1.03
C LEU B 717 -19.80 -2.64 1.32
N HIS B 718 -19.23 -1.45 1.24
CA HIS B 718 -17.82 -1.20 1.53
C HIS B 718 -17.62 0.30 1.66
N PRO B 719 -16.87 0.76 2.65
CA PRO B 719 -16.71 2.21 2.85
C PRO B 719 -15.78 2.85 1.82
N HIS B 720 -16.30 3.13 0.63
CA HIS B 720 -15.59 3.94 -0.36
C HIS B 720 -16.07 5.37 -0.17
N THR B 721 -15.95 5.86 1.04
CA THR B 721 -16.42 7.20 1.37
C THR B 721 -15.45 8.29 0.90
N PRO B 722 -14.17 8.27 1.34
CA PRO B 722 -13.36 9.48 1.20
C PRO B 722 -12.66 9.65 -0.14
N LYS B 723 -12.70 8.64 -1.01
CA LYS B 723 -12.03 8.78 -2.29
C LYS B 723 -12.63 9.93 -3.10
N VAL B 724 -13.95 10.07 -3.05
CA VAL B 724 -14.58 11.20 -3.74
C VAL B 724 -14.14 12.51 -3.10
N LEU B 725 -13.98 12.51 -1.77
CA LEU B 725 -13.52 13.72 -1.10
C LEU B 725 -12.13 14.10 -1.60
N GLU B 726 -11.23 13.13 -1.69
CA GLU B 726 -9.87 13.42 -2.14
C GLU B 726 -9.88 13.89 -3.59
N VAL B 727 -10.81 13.36 -4.39
CA VAL B 727 -10.79 13.70 -5.81
C VAL B 727 -11.64 14.92 -6.15
N MET B 728 -12.37 15.48 -5.18
CA MET B 728 -13.21 16.63 -5.52
C MET B 728 -13.00 17.84 -4.62
N LEU B 729 -12.66 17.65 -3.35
CA LEU B 729 -12.40 18.76 -2.44
C LEU B 729 -10.94 19.21 -2.53
N ARG B 730 -10.00 18.27 -2.44
CA ARG B 730 -8.59 18.55 -2.68
C ARG B 730 -8.24 18.54 -4.16
N ASN B 731 -9.25 18.57 -5.03
CA ASN B 731 -9.05 18.38 -6.46
C ASN B 731 -8.32 19.59 -7.07
N SER B 732 -8.05 19.51 -8.36
CA SER B 732 -7.59 20.64 -9.14
C SER B 732 -8.80 21.38 -9.71
N ASP B 733 -8.56 22.25 -10.69
CA ASP B 733 -9.60 23.04 -11.33
C ASP B 733 -10.80 22.18 -11.74
N ALA B 734 -12.01 22.71 -11.57
CA ALA B 734 -13.24 21.96 -11.78
C ALA B 734 -13.59 21.77 -13.23
N ASN B 735 -12.67 22.00 -14.17
CA ASN B 735 -12.98 21.83 -15.58
C ASN B 735 -13.40 20.42 -15.93
N LEU B 736 -13.29 19.48 -15.00
CA LEU B 736 -13.68 18.10 -15.22
C LEU B 736 -15.00 17.73 -14.56
N LEU B 737 -15.63 18.67 -13.85
CA LEU B 737 -16.91 18.39 -13.21
C LEU B 737 -18.04 18.27 -14.22
N PRO B 738 -17.94 18.97 -15.35
CA PRO B 738 -18.94 18.85 -16.39
C PRO B 738 -19.11 17.41 -16.84
N LEU B 739 -18.03 16.63 -16.80
CA LEU B 739 -18.14 15.19 -16.95
C LEU B 739 -18.62 14.54 -15.66
N VAL B 740 -18.00 14.88 -14.53
CA VAL B 740 -18.39 14.34 -13.25
C VAL B 740 -19.85 14.62 -12.90
N ALA B 741 -20.44 15.66 -13.50
CA ALA B 741 -21.76 16.13 -13.10
C ALA B 741 -22.75 14.98 -12.97
N ASP B 742 -22.98 14.26 -14.07
CA ASP B 742 -23.94 13.15 -14.04
C ASP B 742 -23.59 12.17 -12.93
N VAL B 743 -22.32 11.76 -12.85
CA VAL B 743 -21.90 10.89 -11.76
C VAL B 743 -22.11 11.58 -10.42
N VAL B 744 -21.70 12.85 -10.31
CA VAL B 744 -22.10 13.66 -9.17
C VAL B 744 -23.59 13.56 -8.94
N GLN B 745 -24.38 13.82 -9.99
CA GLN B 745 -25.82 13.61 -9.90
C GLN B 745 -26.12 12.21 -9.43
N ASP B 746 -25.51 11.21 -10.07
CA ASP B 746 -25.62 9.84 -9.58
C ASP B 746 -25.19 9.76 -8.12
N VAL B 747 -24.00 10.31 -7.82
CA VAL B 747 -23.56 10.40 -6.44
C VAL B 747 -24.63 11.02 -5.57
N LEU B 748 -25.27 12.09 -6.06
CA LEU B 748 -26.38 12.69 -5.35
C LEU B 748 -27.48 11.66 -5.14
N ALA B 749 -27.95 11.05 -6.23
CA ALA B 749 -28.93 9.98 -6.11
C ALA B 749 -28.37 8.78 -5.36
N THR B 750 -27.05 8.72 -5.15
CA THR B 750 -26.43 7.53 -4.57
C THR B 750 -27.08 7.17 -3.25
N LEU B 751 -26.93 8.03 -2.25
CA LEU B 751 -27.69 7.86 -1.02
C LEU B 751 -28.98 8.67 -1.07
N ASP B 752 -29.70 8.54 -2.18
CA ASP B 752 -30.99 9.21 -2.32
C ASP B 752 -32.02 8.38 -3.08
N GLN B 753 -31.67 7.17 -3.52
CA GLN B 753 -32.63 6.25 -4.11
C GLN B 753 -33.09 5.21 -3.10
N PHE B 754 -32.16 4.45 -2.53
CA PHE B 754 -32.47 3.61 -1.38
C PHE B 754 -32.34 4.41 -0.09
N TYR B 755 -31.25 5.16 0.05
CA TYR B 755 -31.03 6.08 1.16
C TYR B 755 -31.18 5.41 2.52
N ASP B 756 -30.96 4.11 2.60
CA ASP B 756 -30.95 3.39 3.87
C ASP B 756 -29.61 2.68 3.99
N LYS B 757 -28.61 3.41 4.46
CA LYS B 757 -27.29 2.87 4.77
C LYS B 757 -26.49 3.95 5.49
N ARG B 758 -25.92 3.60 6.64
CA ARG B 758 -25.15 4.56 7.39
C ARG B 758 -23.91 5.02 6.64
N ALA B 759 -23.17 4.08 6.05
CA ALA B 759 -21.97 4.39 5.28
C ALA B 759 -22.29 5.06 3.95
N ALA B 760 -23.56 5.10 3.55
CA ALA B 760 -23.97 5.87 2.40
C ALA B 760 -24.50 7.24 2.75
N SER B 761 -25.20 7.38 3.88
CA SER B 761 -25.65 8.70 4.30
C SER B 761 -24.50 9.55 4.80
N PHE B 762 -23.57 8.95 5.54
CA PHE B 762 -22.35 9.68 5.90
C PHE B 762 -21.60 10.11 4.65
N VAL B 763 -21.54 9.24 3.65
CA VAL B 763 -20.90 9.61 2.40
C VAL B 763 -21.65 10.72 1.68
N SER B 764 -22.97 10.72 1.76
CA SER B 764 -23.75 11.80 1.17
C SER B 764 -23.44 13.13 1.84
N VAL B 765 -23.40 13.15 3.17
CA VAL B 765 -23.04 14.39 3.87
C VAL B 765 -21.61 14.81 3.54
N LEU B 766 -20.69 13.86 3.49
CA LEU B 766 -19.31 14.16 3.12
C LEU B 766 -19.25 14.82 1.74
N HIS B 767 -19.75 14.11 0.73
CA HIS B 767 -19.77 14.63 -0.63
C HIS B 767 -20.49 15.96 -0.70
N ALA B 768 -21.48 16.17 0.16
CA ALA B 768 -22.14 17.47 0.21
C ALA B 768 -21.18 18.56 0.61
N LEU B 769 -20.47 18.36 1.73
CA LEU B 769 -19.49 19.35 2.17
C LEU B 769 -18.44 19.57 1.10
N MET B 770 -18.03 18.49 0.43
CA MET B 770 -16.96 18.58 -0.57
C MET B 770 -17.41 19.36 -1.79
N ALA B 771 -18.58 19.01 -2.34
CA ALA B 771 -19.12 19.74 -3.47
C ALA B 771 -19.36 21.20 -3.13
N ALA B 772 -19.82 21.47 -1.91
CA ALA B 772 -20.03 22.85 -1.49
C ALA B 772 -18.72 23.62 -1.54
N LEU B 773 -17.67 23.07 -0.93
CA LEU B 773 -16.38 23.74 -0.94
C LEU B 773 -15.86 23.93 -2.36
N ALA B 774 -15.93 22.88 -3.18
CA ALA B 774 -15.42 22.97 -4.54
C ALA B 774 -16.16 24.03 -5.34
N GLN B 775 -17.49 23.92 -5.41
CA GLN B 775 -18.27 24.91 -6.14
C GLN B 775 -18.06 26.32 -5.59
N TRP B 776 -17.78 26.44 -4.29
CA TRP B 776 -17.42 27.74 -3.74
C TRP B 776 -16.16 28.26 -4.39
N PHE B 777 -15.05 27.53 -4.23
CA PHE B 777 -13.78 27.99 -4.77
C PHE B 777 -13.75 27.88 -6.29
N PRO B 778 -13.92 26.66 -6.81
CA PRO B 778 -13.60 26.40 -8.21
C PRO B 778 -14.47 27.21 -9.15
N ASP B 779 -15.79 27.24 -8.91
CA ASP B 779 -16.68 27.93 -9.83
C ASP B 779 -16.47 29.44 -9.76
N THR B 780 -16.67 30.03 -8.58
CA THR B 780 -16.50 31.47 -8.41
C THR B 780 -16.15 31.79 -6.97
N UNK B 863 -26.38 24.37 -15.21
CA UNK B 863 -25.09 23.77 -14.91
C UNK B 863 -24.83 23.78 -13.41
N UNK B 864 -23.85 24.59 -13.00
CA UNK B 864 -23.61 24.79 -11.58
C UNK B 864 -24.88 25.24 -10.86
N UNK B 865 -25.71 26.03 -11.54
CA UNK B 865 -26.96 26.50 -10.95
C UNK B 865 -27.85 25.34 -10.53
N UNK B 866 -28.27 24.52 -11.50
CA UNK B 866 -29.11 23.38 -11.17
C UNK B 866 -28.38 22.40 -10.26
N UNK B 867 -27.06 22.30 -10.40
CA UNK B 867 -26.28 21.47 -9.49
C UNK B 867 -26.54 21.87 -8.05
N UNK B 868 -26.33 23.15 -7.75
CA UNK B 868 -26.60 23.65 -6.41
C UNK B 868 -28.07 23.52 -6.05
N UNK B 869 -28.95 23.66 -7.03
CA UNK B 869 -30.38 23.55 -6.76
C UNK B 869 -30.72 22.18 -6.20
N UNK B 870 -30.42 21.13 -6.96
CA UNK B 870 -30.67 19.78 -6.48
C UNK B 870 -29.86 19.48 -5.23
N UNK B 871 -28.68 20.08 -5.10
CA UNK B 871 -27.87 19.90 -3.90
C UNK B 871 -28.64 20.34 -2.66
N UNK B 872 -29.04 21.61 -2.64
CA UNK B 872 -29.83 22.13 -1.54
C UNK B 872 -31.12 21.33 -1.37
N UNK B 873 -31.72 20.89 -2.47
CA UNK B 873 -32.94 20.11 -2.39
C UNK B 873 -32.73 18.87 -1.53
N UNK B 874 -31.78 18.02 -1.92
CA UNK B 874 -31.53 16.79 -1.18
C UNK B 874 -31.06 17.08 0.24
N UNK B 875 -30.21 18.10 0.40
CA UNK B 875 -29.71 18.44 1.73
C UNK B 875 -30.85 18.78 2.66
N UNK B 876 -31.71 19.71 2.25
CA UNK B 876 -32.85 20.09 3.08
C UNK B 876 -33.76 18.89 3.33
N UNK B 877 -33.92 18.02 2.31
CA UNK B 877 -34.71 16.82 2.50
C UNK B 877 -34.18 16.00 3.67
N UNK B 878 -32.89 15.69 3.65
CA UNK B 878 -32.29 14.88 4.71
C UNK B 878 -32.10 15.64 6.01
N UNK B 879 -32.25 16.97 6.01
CA UNK B 879 -32.00 17.77 7.20
C UNK B 879 -32.82 17.32 8.40
N UNK B 880 -33.92 16.62 8.19
CA UNK B 880 -34.76 16.20 9.31
C UNK B 880 -34.15 15.08 10.14
N UNK B 881 -32.87 14.74 9.95
CA UNK B 881 -32.27 13.61 10.63
C UNK B 881 -31.90 13.99 12.06
N UNK B 882 -31.14 13.14 12.73
CA UNK B 882 -30.68 13.36 14.09
C UNK B 882 -29.18 13.55 14.09
N UNK B 883 -28.71 14.65 14.69
CA UNK B 883 -27.28 14.96 14.82
C UNK B 883 -26.60 15.01 13.45
N UNK B 884 -27.08 15.92 12.61
CA UNK B 884 -26.61 16.06 11.23
C UNK B 884 -26.35 17.52 10.90
N UNK B 885 -25.61 18.20 11.78
CA UNK B 885 -25.24 19.59 11.52
C UNK B 885 -24.49 19.77 10.21
N UNK B 886 -23.92 18.69 9.67
CA UNK B 886 -23.32 18.76 8.34
C UNK B 886 -24.31 19.27 7.30
N UNK B 887 -25.60 18.94 7.48
CA UNK B 887 -26.60 19.52 6.61
C UNK B 887 -26.59 21.04 6.70
N UNK B 888 -26.52 21.58 7.91
CA UNK B 888 -26.49 23.04 8.08
C UNK B 888 -25.23 23.64 7.44
N UNK B 889 -24.09 22.97 7.62
CA UNK B 889 -22.84 23.49 7.04
C UNK B 889 -22.93 23.52 5.51
N UNK B 890 -23.36 22.41 4.92
CA UNK B 890 -23.50 22.36 3.46
C UNK B 890 -24.50 23.40 2.98
N UNK B 891 -25.60 23.57 3.71
CA UNK B 891 -26.60 24.56 3.33
C UNK B 891 -25.98 25.95 3.30
N UNK B 892 -25.28 26.32 4.37
CA UNK B 892 -24.65 27.63 4.42
C UNK B 892 -23.70 27.83 3.24
N UNK B 893 -22.84 26.84 2.98
CA UNK B 893 -21.86 26.99 1.92
C UNK B 893 -22.54 27.14 0.56
N UNK B 894 -23.42 26.21 0.21
CA UNK B 894 -24.12 26.30 -1.06
C UNK B 894 -24.83 27.64 -1.19
N UNK B 895 -25.66 28.00 -0.20
CA UNK B 895 -26.40 29.25 -0.26
C UNK B 895 -25.47 30.43 -0.50
N UNK B 896 -24.29 30.42 0.13
CA UNK B 896 -23.30 31.43 -0.18
C UNK B 896 -22.93 31.40 -1.65
N UNK B 897 -22.74 30.20 -2.21
CA UNK B 897 -22.37 30.11 -3.62
C UNK B 897 -23.55 30.29 -4.55
N UNK B 898 -24.77 30.11 -4.07
CA UNK B 898 -25.94 30.03 -4.94
C UNK B 898 -26.68 31.35 -5.09
N UNK B 899 -26.05 32.49 -4.81
CA UNK B 899 -26.72 33.77 -4.80
C UNK B 899 -26.18 34.74 -5.85
N UNK B 900 -25.86 34.25 -7.04
CA UNK B 900 -25.39 35.13 -8.11
C UNK B 900 -26.50 35.53 -9.07
N UNK B 901 -27.26 34.55 -9.56
CA UNK B 901 -28.40 34.81 -10.43
C UNK B 901 -29.57 33.92 -10.04
N UNK B 902 -29.81 33.78 -8.74
CA UNK B 902 -30.87 32.91 -8.23
C UNK B 902 -32.18 33.68 -8.28
N UNK B 903 -32.84 33.62 -9.44
CA UNK B 903 -34.01 34.44 -9.68
C UNK B 903 -35.17 34.03 -8.80
N UNK B 904 -35.64 32.79 -8.93
CA UNK B 904 -36.75 32.30 -8.13
C UNK B 904 -36.44 31.03 -7.36
N UNK B 905 -35.44 30.26 -7.79
CA UNK B 905 -35.06 29.07 -7.05
C UNK B 905 -34.79 29.38 -5.60
N UNK B 906 -33.90 30.35 -5.36
CA UNK B 906 -33.55 30.71 -4.00
C UNK B 906 -34.78 31.11 -3.18
N UNK B 907 -35.78 31.72 -3.82
CA UNK B 907 -36.94 32.21 -3.09
C UNK B 907 -37.70 31.08 -2.41
N UNK B 908 -38.29 30.18 -3.21
CA UNK B 908 -39.02 29.06 -2.63
C UNK B 908 -38.09 28.14 -1.85
N UNK B 909 -36.82 28.06 -2.26
CA UNK B 909 -35.84 27.28 -1.53
C UNK B 909 -35.77 27.73 -0.09
N UNK B 910 -35.38 28.98 0.12
CA UNK B 910 -35.32 29.54 1.47
C UNK B 910 -36.67 29.49 2.15
N UNK B 911 -37.76 29.62 1.40
CA UNK B 911 -39.08 29.52 2.03
C UNK B 911 -39.24 28.19 2.75
N UNK B 912 -39.19 27.10 2.00
CA UNK B 912 -39.32 25.78 2.62
C UNK B 912 -38.21 25.52 3.63
N UNK B 913 -37.02 26.07 3.37
CA UNK B 913 -35.87 25.81 4.23
C UNK B 913 -36.09 26.43 5.61
N UNK B 914 -36.37 27.73 5.65
CA UNK B 914 -36.66 28.39 6.90
C UNK B 914 -37.90 27.80 7.55
N UNK B 915 -38.85 27.31 6.75
CA UNK B 915 -39.99 26.61 7.34
C UNK B 915 -39.52 25.44 8.18
N UNK B 916 -38.75 24.53 7.56
CA UNK B 916 -38.23 23.39 8.30
C UNK B 916 -37.31 23.81 9.43
N UNK B 917 -36.59 24.92 9.25
CA UNK B 917 -35.67 25.37 10.28
C UNK B 917 -36.42 25.82 11.52
N UNK B 918 -37.39 26.73 11.33
CA UNK B 918 -38.28 27.09 12.42
C UNK B 918 -38.92 25.86 13.04
N UNK B 919 -39.23 24.86 12.21
CA UNK B 919 -39.72 23.60 12.76
C UNK B 919 -38.68 22.92 13.64
N UNK B 920 -37.39 23.12 13.35
CA UNK B 920 -36.32 22.47 14.08
C UNK B 920 -35.59 23.42 15.02
N UNK B 921 -35.15 24.57 14.53
CA UNK B 921 -34.42 25.52 15.35
C UNK B 921 -35.32 26.08 16.45
N UNK B 922 -35.03 25.72 17.69
CA UNK B 922 -35.84 26.18 18.82
C UNK B 922 -35.00 26.26 20.10
N UNK B 928 -26.42 23.78 19.78
CA UNK B 928 -26.15 25.15 20.20
C UNK B 928 -25.53 25.95 19.07
N UNK B 929 -24.84 25.25 18.17
CA UNK B 929 -24.19 25.88 17.03
C UNK B 929 -25.16 26.18 15.89
N UNK B 930 -26.47 26.13 16.15
CA UNK B 930 -27.45 26.44 15.12
C UNK B 930 -27.33 27.88 14.62
N UNK B 931 -26.63 28.74 15.34
CA UNK B 931 -26.34 30.08 14.85
C UNK B 931 -25.53 30.05 13.56
N UNK B 932 -24.91 28.92 13.23
CA UNK B 932 -24.29 28.78 11.92
C UNK B 932 -25.32 28.95 10.82
N UNK B 933 -26.52 28.41 11.02
CA UNK B 933 -27.62 28.69 10.12
C UNK B 933 -27.94 30.18 10.10
N UNK B 934 -27.86 30.83 11.27
CA UNK B 934 -27.92 32.28 11.30
C UNK B 934 -26.81 32.90 10.46
N UNK B 935 -25.62 32.30 10.53
CA UNK B 935 -24.56 32.67 9.58
C UNK B 935 -25.01 32.38 8.16
N UNK B 936 -25.61 31.22 7.93
CA UNK B 936 -26.31 30.98 6.68
C UNK B 936 -27.34 32.07 6.43
N UNK B 937 -28.09 32.44 7.48
CA UNK B 937 -28.97 33.60 7.37
C UNK B 937 -28.17 34.84 7.02
N UNK B 938 -27.02 35.03 7.68
CA UNK B 938 -26.10 36.08 7.25
C UNK B 938 -25.65 35.84 5.81
N UNK B 939 -25.37 34.59 5.46
CA UNK B 939 -25.16 34.26 4.06
C UNK B 939 -26.42 34.52 3.26
N UNK B 940 -27.59 34.24 3.85
CA UNK B 940 -28.84 34.65 3.22
C UNK B 940 -28.93 36.16 3.13
N UNK B 941 -28.31 36.87 4.08
CA UNK B 941 -28.23 38.32 3.99
C UNK B 941 -27.47 38.79 2.76
N UNK B 942 -26.83 37.86 2.03
CA UNK B 942 -26.17 38.23 0.79
C UNK B 942 -27.14 38.92 -0.17
N UNK B 943 -28.31 38.33 -0.37
CA UNK B 943 -29.32 38.90 -1.26
C UNK B 943 -30.72 38.79 -0.67
N UNK B 944 -30.84 38.81 0.65
CA UNK B 944 -32.14 38.67 1.29
C UNK B 944 -33.06 39.83 0.90
N UNK B 945 -34.35 39.66 1.20
CA UNK B 945 -35.37 40.61 0.77
C UNK B 945 -36.39 40.78 1.89
N UNK B 946 -37.53 41.38 1.55
CA UNK B 946 -38.59 41.61 2.52
C UNK B 946 -39.21 40.30 2.99
N UNK B 947 -39.20 39.26 2.16
CA UNK B 947 -39.62 37.95 2.64
C UNK B 947 -38.75 37.50 3.79
N UNK B 948 -37.44 37.60 3.63
CA UNK B 948 -36.53 37.33 4.74
C UNK B 948 -36.75 38.31 5.88
N UNK B 949 -37.23 39.52 5.59
CA UNK B 949 -37.53 40.47 6.65
C UNK B 949 -38.65 39.94 7.54
N UNK B 950 -39.76 39.51 6.93
CA UNK B 950 -40.87 38.97 7.70
C UNK B 950 -40.47 37.67 8.39
N UNK B 951 -39.63 36.86 7.74
CA UNK B 951 -39.14 35.65 8.38
C UNK B 951 -38.34 36.00 9.63
N UNK B 952 -37.45 36.98 9.53
CA UNK B 952 -36.68 37.40 10.68
C UNK B 952 -37.56 38.05 11.74
N UNK B 953 -38.69 38.64 11.33
CA UNK B 953 -39.64 39.19 12.28
C UNK B 953 -40.28 38.08 13.10
N UNK B 954 -40.77 37.05 12.43
CA UNK B 954 -41.27 35.87 13.14
C UNK B 954 -40.18 35.26 14.01
N UNK B 955 -38.94 35.26 13.52
CA UNK B 955 -37.83 34.71 14.28
C UNK B 955 -37.62 35.48 15.57
N UNK B 956 -37.66 36.81 15.49
CA UNK B 956 -37.49 37.64 16.68
C UNK B 956 -38.66 37.47 17.64
N UNK B 957 -39.87 37.35 17.10
CA UNK B 957 -41.03 37.09 17.95
C UNK B 957 -40.84 35.79 18.73
N UNK B 958 -40.36 34.74 18.05
CA UNK B 958 -40.12 33.47 18.73
C UNK B 958 -39.01 33.61 19.76
N UNK B 959 -37.89 34.24 19.38
CA UNK B 959 -36.76 34.42 20.28
C UNK B 959 -37.11 35.30 21.47
N UNK B 960 -38.20 36.07 21.38
CA UNK B 960 -38.66 36.83 22.53
C UNK B 960 -39.06 35.91 23.67
N UNK B 961 -39.52 34.69 23.35
CA UNK B 961 -39.81 33.71 24.40
C UNK B 961 -38.56 33.39 25.23
N UNK B 962 -37.39 33.44 24.61
CA UNK B 962 -36.15 33.35 25.36
C UNK B 962 -36.00 34.60 26.23
N UNK B 963 -35.66 34.41 27.50
CA UNK B 963 -35.61 35.50 28.45
C UNK B 963 -34.50 36.48 28.09
N UNK B 964 -34.44 37.59 28.84
CA UNK B 964 -33.46 38.64 28.63
C UNK B 964 -32.08 38.29 29.15
N UNK B 965 -31.83 37.02 29.49
CA UNK B 965 -30.52 36.61 29.97
C UNK B 965 -29.48 36.68 28.86
N UNK B 983 -20.90 37.56 27.91
CA UNK B 983 -21.35 36.17 27.93
C UNK B 983 -21.26 35.56 26.53
N UNK B 984 -21.12 34.24 26.47
CA UNK B 984 -21.00 33.56 25.19
C UNK B 984 -22.29 33.66 24.38
N UNK B 985 -23.44 33.33 24.97
CA UNK B 985 -24.70 33.41 24.25
C UNK B 985 -25.12 34.86 24.01
N UNK B 986 -24.86 35.74 24.98
CA UNK B 986 -25.13 37.15 24.77
C UNK B 986 -24.34 37.70 23.59
N UNK B 987 -23.05 37.35 23.51
CA UNK B 987 -22.23 37.79 22.38
C UNK B 987 -22.68 37.13 21.08
N UNK B 988 -23.12 35.87 21.14
CA UNK B 988 -23.62 35.21 19.94
C UNK B 988 -24.82 35.93 19.38
N UNK B 989 -25.84 36.17 20.22
CA UNK B 989 -27.02 36.90 19.78
C UNK B 989 -26.67 38.32 19.36
N UNK B 990 -25.69 38.94 20.04
CA UNK B 990 -25.28 40.28 19.68
C UNK B 990 -24.72 40.33 18.27
N UNK B 991 -23.77 39.45 17.97
CA UNK B 991 -23.20 39.38 16.63
C UNK B 991 -24.25 38.97 15.60
N UNK B 992 -25.21 38.13 16.00
CA UNK B 992 -26.27 37.74 15.08
C UNK B 992 -27.14 38.94 14.70
N UNK B 993 -27.48 39.78 15.69
CA UNK B 993 -28.23 40.99 15.38
C UNK B 993 -27.40 41.97 14.56
N UNK B 994 -26.10 42.08 14.87
CA UNK B 994 -25.23 43.06 14.24
C UNK B 994 -24.78 42.65 12.85
N UNK B 995 -24.94 41.38 12.47
CA UNK B 995 -24.51 40.94 11.15
C UNK B 995 -25.20 41.72 10.03
N UNK B 996 -26.51 41.75 10.04
CA UNK B 996 -27.24 42.47 9.01
C UNK B 996 -28.18 43.53 9.56
N UNK B 997 -28.87 43.24 10.67
CA UNK B 997 -29.81 44.18 11.29
C UNK B 997 -30.82 44.69 10.26
N UNK B 998 -31.61 43.76 9.73
CA UNK B 998 -32.47 44.05 8.59
C UNK B 998 -33.65 44.92 8.97
N UNK B 999 -33.41 46.22 9.15
CA UNK B 999 -34.46 47.22 9.36
C UNK B 999 -35.33 46.86 10.57
N UNK B 1000 -34.70 46.83 11.73
CA UNK B 1000 -35.40 46.54 12.97
C UNK B 1000 -36.25 47.73 13.38
N UNK B 1001 -37.57 47.53 13.45
CA UNK B 1001 -38.48 48.57 13.94
C UNK B 1001 -39.13 48.16 15.25
N UNK B 1002 -39.80 47.01 15.30
CA UNK B 1002 -40.22 46.45 16.57
C UNK B 1002 -39.05 45.78 17.27
N UNK B 1003 -38.19 45.12 16.49
CA UNK B 1003 -36.95 44.57 17.06
C UNK B 1003 -36.08 45.68 17.62
N UNK B 1004 -36.24 46.90 17.12
CA UNK B 1004 -35.58 48.05 17.74
C UNK B 1004 -35.95 48.14 19.21
N UNK B 1005 -37.25 48.13 19.50
CA UNK B 1005 -37.69 48.18 20.89
C UNK B 1005 -37.33 46.90 21.64
N UNK B 1006 -37.38 45.75 20.95
CA UNK B 1006 -37.02 44.49 21.59
C UNK B 1006 -35.59 44.53 22.10
N UNK B 1007 -34.66 45.03 21.27
CA UNK B 1007 -33.31 45.29 21.74
C UNK B 1007 -33.29 46.37 22.81
N UNK B 1008 -34.19 47.35 22.71
CA UNK B 1008 -34.29 48.38 23.73
C UNK B 1008 -34.98 47.88 24.98
N UNK B 1009 -35.84 46.87 24.85
CA UNK B 1009 -36.56 46.33 25.99
C UNK B 1009 -36.79 44.83 25.83
N UNK B 1027 -21.92 47.02 27.93
CA UNK B 1027 -22.74 45.83 28.14
C UNK B 1027 -23.61 45.54 26.91
N UNK B 1028 -24.11 46.61 26.28
CA UNK B 1028 -24.94 46.51 25.09
C UNK B 1028 -24.16 46.81 23.81
N UNK B 1029 -22.92 46.31 23.71
CA UNK B 1029 -22.01 46.68 22.62
C UNK B 1029 -22.67 46.65 21.26
N UNK B 1030 -23.42 45.59 20.95
CA UNK B 1030 -24.08 45.49 19.65
C UNK B 1030 -25.20 46.51 19.53
N UNK B 1031 -26.17 46.46 20.44
CA UNK B 1031 -27.27 47.41 20.41
C UNK B 1031 -26.76 48.85 20.46
N UNK B 1032 -25.64 49.08 21.14
CA UNK B 1032 -25.02 50.40 21.10
C UNK B 1032 -24.52 50.71 19.70
N UNK B 1033 -23.67 49.84 19.14
CA UNK B 1033 -23.08 50.07 17.82
C UNK B 1033 -24.11 50.08 16.70
N UNK B 1034 -25.38 49.77 17.01
CA UNK B 1034 -26.42 49.81 15.99
C UNK B 1034 -26.42 51.15 15.26
N UNK B 1035 -26.61 52.23 16.00
CA UNK B 1035 -26.55 53.60 15.46
C UNK B 1035 -27.51 53.77 14.30
N UNK B 1036 -28.70 53.19 14.42
CA UNK B 1036 -29.72 53.38 13.38
C UNK B 1036 -30.18 54.82 13.31
N UNK B 1037 -30.15 55.53 14.45
CA UNK B 1037 -30.53 56.94 14.50
C UNK B 1037 -29.89 57.54 15.75
N UNK B 1038 -30.11 58.84 15.93
CA UNK B 1038 -29.60 59.56 17.09
C UNK B 1038 -30.69 59.74 18.15
N UNK B 1039 -31.64 58.81 18.22
CA UNK B 1039 -32.74 58.92 19.18
C UNK B 1039 -33.07 57.63 19.91
N UNK B 1040 -32.50 56.49 19.52
CA UNK B 1040 -32.90 55.22 20.12
C UNK B 1040 -32.23 55.01 21.47
N UNK B 1041 -30.90 54.94 21.47
CA UNK B 1041 -30.15 54.70 22.70
C UNK B 1041 -29.84 55.97 23.47
N UNK B 1042 -29.77 57.11 22.78
CA UNK B 1042 -29.48 58.37 23.45
C UNK B 1042 -30.49 58.64 24.57
N UNK B 1043 -31.77 58.40 24.31
CA UNK B 1043 -32.77 58.57 25.35
C UNK B 1043 -32.53 57.61 26.51
N UNK B 1044 -32.00 56.41 26.21
CA UNK B 1044 -31.65 55.44 27.22
C UNK B 1044 -30.27 55.66 27.82
N UNK B 1045 -29.73 56.88 27.68
CA UNK B 1045 -28.39 57.22 28.16
C UNK B 1045 -28.45 58.34 29.20
N UNK B 1046 -29.39 58.24 30.14
CA UNK B 1046 -29.52 59.22 31.21
C UNK B 1046 -29.36 58.56 32.57
N UNK B 1047 -28.35 57.69 32.70
CA UNK B 1047 -28.21 56.87 33.90
C UNK B 1047 -27.31 57.50 34.96
N UNK B 1048 -26.07 57.82 34.59
CA UNK B 1048 -25.04 58.26 35.55
C UNK B 1048 -24.84 57.22 36.64
N UNK B 1049 -24.86 55.94 36.24
CA UNK B 1049 -24.75 54.82 37.16
C UNK B 1049 -23.28 54.49 37.40
N UNK B 1050 -23.02 53.33 38.00
CA UNK B 1050 -21.66 52.98 38.41
C UNK B 1050 -20.83 52.43 37.26
N UNK B 1051 -21.24 51.31 36.69
CA UNK B 1051 -20.40 50.54 35.78
C UNK B 1051 -20.71 50.80 34.32
N UNK B 1052 -21.96 50.55 33.88
CA UNK B 1052 -22.30 50.70 32.47
C UNK B 1052 -22.32 52.15 32.02
N UNK B 1053 -22.45 53.10 32.96
CA UNK B 1053 -22.50 54.50 32.60
C UNK B 1053 -21.21 54.96 31.93
N UNK B 1054 -20.08 54.33 32.26
CA UNK B 1054 -18.82 54.69 31.64
C UNK B 1054 -18.90 54.56 30.12
N UNK B 1055 -19.57 53.51 29.63
CA UNK B 1055 -19.75 53.35 28.20
C UNK B 1055 -21.06 53.95 27.70
N UNK B 1056 -21.97 54.32 28.61
CA UNK B 1056 -23.26 54.83 28.20
C UNK B 1056 -23.18 56.22 27.56
N UNK B 1057 -22.23 57.04 27.96
CA UNK B 1057 -22.08 58.41 27.44
C UNK B 1057 -20.92 58.53 26.46
N UNK B 1058 -20.74 57.53 25.59
CA UNK B 1058 -19.58 57.45 24.71
C UNK B 1058 -19.88 57.92 23.30
N UNK B 1059 -20.72 58.94 23.15
CA UNK B 1059 -20.96 59.54 21.85
C UNK B 1059 -19.72 60.33 21.41
N UNK B 1060 -19.30 60.13 20.16
CA UNK B 1060 -18.07 60.73 19.66
C UNK B 1060 -18.33 61.83 18.63
N UNK B 1061 -19.16 61.57 17.63
CA UNK B 1061 -19.48 62.56 16.60
C UNK B 1061 -20.98 62.76 16.51
N UNK B 1062 -21.38 64.00 16.22
CA UNK B 1062 -22.80 64.32 16.09
C UNK B 1062 -23.28 64.24 14.64
N UNK B 1063 -22.69 65.05 13.76
CA UNK B 1063 -23.02 65.07 12.34
C UNK B 1063 -24.53 65.10 12.11
N UNK B 1064 -25.15 66.17 12.60
CA UNK B 1064 -26.60 66.34 12.57
C UNK B 1064 -26.98 67.67 11.94
N UNK B 1065 -26.39 67.96 10.78
CA UNK B 1065 -26.59 69.24 10.12
C UNK B 1065 -27.44 69.10 8.86
N UNK B 1066 -28.47 68.25 8.91
CA UNK B 1066 -29.34 68.05 7.76
C UNK B 1066 -30.10 69.33 7.42
N UNK B 1067 -30.87 69.85 8.40
CA UNK B 1067 -31.60 71.09 8.17
C UNK B 1067 -30.67 72.25 7.86
N UNK B 1068 -29.43 72.19 8.35
CA UNK B 1068 -28.46 73.23 8.04
C UNK B 1068 -28.30 73.40 6.53
N UNK B 1069 -27.89 72.33 5.84
CA UNK B 1069 -27.75 72.41 4.39
C UNK B 1069 -29.10 72.57 3.70
N UNK B 1070 -30.15 71.98 4.27
CA UNK B 1070 -31.49 72.13 3.71
C UNK B 1070 -31.85 73.60 3.54
N UNK B 1071 -31.64 74.38 4.59
CA UNK B 1071 -31.89 75.82 4.49
C UNK B 1071 -30.78 76.52 3.72
N UNK B 1072 -29.55 76.01 3.79
CA UNK B 1072 -28.44 76.62 3.04
C UNK B 1072 -28.70 76.57 1.55
N UNK B 1073 -29.62 75.70 1.12
CA UNK B 1073 -30.05 75.71 -0.27
C UNK B 1073 -30.64 77.07 -0.65
N UNK B 1074 -31.04 77.87 0.33
CA UNK B 1074 -31.54 79.22 0.08
C UNK B 1074 -30.45 80.29 0.16
N UNK B 1075 -29.17 79.91 0.12
CA UNK B 1075 -28.09 80.88 0.12
C UNK B 1075 -27.26 80.83 -1.15
N UNK B 1076 -27.64 79.97 -2.11
CA UNK B 1076 -26.97 79.94 -3.40
C UNK B 1076 -27.77 80.68 -4.47
N UNK B 1077 -29.03 80.29 -4.67
CA UNK B 1077 -29.87 80.93 -5.67
C UNK B 1077 -30.90 81.83 -5.02
N UNK C 41 -30.65 86.83 11.78
CA UNK C 41 -31.99 87.30 12.11
C UNK C 41 -33.05 86.33 11.61
N UNK C 42 -33.58 86.61 10.42
CA UNK C 42 -34.61 85.75 9.84
C UNK C 42 -34.07 84.39 9.40
N UNK C 43 -32.75 84.20 9.39
CA UNK C 43 -32.18 82.91 8.98
C UNK C 43 -32.77 81.77 9.81
N UNK C 44 -32.60 81.83 11.13
CA UNK C 44 -33.21 80.83 11.99
C UNK C 44 -34.70 81.07 12.16
N UNK C 45 -35.14 82.32 12.02
CA UNK C 45 -36.52 82.69 12.32
C UNK C 45 -37.44 82.57 11.11
N UNK C 46 -37.03 81.92 10.03
CA UNK C 46 -37.93 81.75 8.90
C UNK C 46 -38.64 80.39 8.96
N UNK C 47 -37.87 79.30 8.92
CA UNK C 47 -38.45 77.97 8.97
C UNK C 47 -37.61 76.98 9.76
N UNK C 48 -36.56 77.42 10.45
CA UNK C 48 -35.72 76.51 11.22
C UNK C 48 -36.46 76.03 12.46
N UNK C 65 -54.28 77.14 -4.17
CA UNK C 65 -53.18 76.32 -3.67
C UNK C 65 -52.01 76.36 -4.64
N UNK C 66 -50.87 76.85 -4.17
CA UNK C 66 -49.66 76.93 -4.98
C UNK C 66 -48.75 75.72 -4.79
N UNK C 67 -48.40 75.39 -3.55
CA UNK C 67 -47.57 74.23 -3.29
C UNK C 67 -47.97 73.45 -2.05
N UNK C 68 -49.23 73.55 -1.60
CA UNK C 68 -49.61 73.05 -0.28
C UNK C 68 -49.44 71.54 -0.12
N UNK C 69 -50.19 70.75 -0.89
CA UNK C 69 -50.31 69.32 -0.62
C UNK C 69 -48.95 68.61 -0.68
N UNK C 70 -48.31 68.63 -1.86
CA UNK C 70 -47.11 67.83 -2.08
C UNK C 70 -45.94 68.34 -1.25
N UNK C 71 -45.68 69.65 -1.30
CA UNK C 71 -44.53 70.20 -0.57
C UNK C 71 -44.72 70.04 0.93
N UNK C 72 -45.95 70.18 1.44
CA UNK C 72 -46.17 69.99 2.86
C UNK C 72 -46.00 68.53 3.26
N UNK C 73 -46.49 67.60 2.43
CA UNK C 73 -46.38 66.19 2.76
C UNK C 73 -44.99 65.62 2.49
N UNK C 74 -44.11 66.34 1.80
CA UNK C 74 -42.80 65.82 1.46
C UNK C 74 -41.63 66.58 2.06
N UNK C 75 -41.83 67.80 2.54
CA UNK C 75 -40.71 68.59 3.05
C UNK C 75 -40.14 67.97 4.33
N UNK C 76 -41.02 67.54 5.23
CA UNK C 76 -40.61 66.97 6.50
C UNK C 76 -40.77 65.47 6.57
N UNK C 77 -41.72 64.89 5.82
CA UNK C 77 -41.86 63.45 5.78
C UNK C 77 -40.76 62.78 4.96
N UNK C 78 -39.77 63.53 4.50
CA UNK C 78 -38.62 62.96 3.82
C UNK C 78 -37.33 63.03 4.62
N UNK C 79 -37.22 64.00 5.53
CA UNK C 79 -36.07 64.10 6.41
C UNK C 79 -36.36 63.60 7.83
N UNK C 80 -37.53 63.95 8.38
CA UNK C 80 -37.88 63.59 9.74
C UNK C 80 -39.32 63.11 9.82
N UNK C 81 -39.72 62.24 8.88
CA UNK C 81 -41.07 61.67 8.91
C UNK C 81 -41.41 61.11 10.29
N UNK C 82 -40.55 60.23 10.82
CA UNK C 82 -40.73 59.70 12.16
C UNK C 82 -39.39 59.61 12.87
N UNK C 83 -38.48 60.53 12.58
CA UNK C 83 -37.12 60.51 13.12
C UNK C 83 -37.08 60.70 14.63
N UNK C 84 -38.22 60.90 15.28
CA UNK C 84 -38.27 61.01 16.73
C UNK C 84 -38.93 59.78 17.33
N UNK C 95 -29.22 71.93 20.25
CA UNK C 95 -30.18 71.77 19.18
C UNK C 95 -31.55 71.37 19.72
N UNK C 96 -31.57 70.97 21.00
CA UNK C 96 -32.80 70.45 21.60
C UNK C 96 -33.94 71.47 21.53
N UNK C 97 -33.75 72.62 22.16
CA UNK C 97 -34.76 73.68 22.04
C UNK C 97 -34.87 74.17 20.60
N UNK C 98 -33.76 74.18 19.88
CA UNK C 98 -33.80 74.46 18.45
C UNK C 98 -34.66 73.44 17.72
N UNK C 99 -34.54 72.17 18.09
CA UNK C 99 -35.38 71.14 17.45
C UNK C 99 -36.85 71.32 17.83
N UNK C 100 -37.13 71.71 19.06
CA UNK C 100 -38.52 71.94 19.47
C UNK C 100 -39.14 73.07 18.66
N UNK C 101 -38.45 74.22 18.59
CA UNK C 101 -38.96 75.33 17.82
C UNK C 101 -39.04 74.99 16.33
N UNK C 102 -38.10 74.17 15.84
CA UNK C 102 -38.14 73.74 14.45
C UNK C 102 -39.37 72.88 14.19
N UNK C 103 -39.68 71.95 15.09
CA UNK C 103 -40.88 71.14 14.95
C UNK C 103 -42.13 72.03 14.94
N UNK C 104 -42.19 72.98 15.87
CA UNK C 104 -43.33 73.90 15.92
C UNK C 104 -43.51 74.63 14.59
N UNK C 105 -42.45 75.31 14.14
CA UNK C 105 -42.55 76.11 12.92
C UNK C 105 -42.81 75.25 11.69
N UNK C 106 -42.23 74.05 11.64
CA UNK C 106 -42.41 73.19 10.48
C UNK C 106 -43.83 72.65 10.40
N UNK C 107 -44.40 72.24 11.55
CA UNK C 107 -45.79 71.83 11.56
C UNK C 107 -46.69 73.00 11.16
N UNK C 108 -46.41 74.19 11.68
CA UNK C 108 -47.20 75.36 11.33
C UNK C 108 -47.11 75.67 9.83
N UNK C 109 -45.96 75.43 9.23
CA UNK C 109 -45.81 75.67 7.79
C UNK C 109 -46.53 74.61 6.98
N UNK C 110 -46.36 73.34 7.35
CA UNK C 110 -47.04 72.25 6.65
C UNK C 110 -48.55 72.38 6.75
N UNK C 111 -49.04 73.01 7.81
CA UNK C 111 -50.48 73.20 7.96
C UNK C 111 -51.05 74.27 7.03
N UNK C 112 -50.29 74.74 6.03
CA UNK C 112 -50.72 75.81 5.13
C UNK C 112 -51.89 75.42 4.23
N UNK C 113 -52.51 74.26 4.43
CA UNK C 113 -53.63 73.84 3.59
C UNK C 113 -54.94 74.39 4.16
N UNK C 114 -54.86 75.45 4.95
CA UNK C 114 -56.04 76.09 5.51
C UNK C 114 -56.73 76.96 4.47
N UNK C 121 -46.10 60.30 4.08
CA UNK C 121 -47.23 59.39 4.10
C UNK C 121 -48.06 59.54 5.36
N UNK C 122 -49.38 59.68 5.20
CA UNK C 122 -50.26 59.73 6.35
C UNK C 122 -50.12 58.49 7.21
N UNK C 123 -49.77 57.36 6.60
CA UNK C 123 -49.48 56.16 7.37
C UNK C 123 -48.23 56.36 8.23
N UNK C 124 -47.21 57.01 7.68
CA UNK C 124 -46.03 57.34 8.49
C UNK C 124 -46.39 58.33 9.58
N UNK C 125 -47.35 59.22 9.31
CA UNK C 125 -47.83 60.12 10.35
C UNK C 125 -48.49 59.36 11.49
N UNK C 126 -49.35 58.40 11.15
CA UNK C 126 -49.97 57.57 12.18
C UNK C 126 -48.94 56.74 12.93
N UNK C 127 -47.88 56.32 12.24
CA UNK C 127 -46.81 55.57 12.89
C UNK C 127 -46.07 56.43 13.89
N UNK C 128 -45.74 57.66 13.49
CA UNK C 128 -45.14 58.60 14.44
C UNK C 128 -46.07 58.89 15.60
N UNK C 129 -47.39 58.90 15.34
CA UNK C 129 -48.36 59.06 16.41
C UNK C 129 -48.26 57.90 17.40
N UNK C 130 -48.32 56.67 16.89
CA UNK C 130 -48.28 55.48 17.74
C UNK C 130 -47.01 55.38 18.56
N UNK C 131 -45.99 56.20 18.25
CA UNK C 131 -44.81 56.24 19.12
C UNK C 131 -45.19 56.63 20.54
N UNK C 132 -46.23 57.43 20.70
CA UNK C 132 -46.81 57.73 22.00
C UNK C 132 -48.19 57.13 22.20
N UNK C 133 -48.92 56.89 21.12
CA UNK C 133 -50.27 56.35 21.19
C UNK C 133 -50.38 55.02 20.46
N UNK C 144 -42.28 70.96 25.73
CA UNK C 144 -41.67 70.67 24.43
C UNK C 144 -42.51 71.23 23.30
N UNK C 145 -41.92 72.12 22.50
CA UNK C 145 -42.64 72.68 21.34
C UNK C 145 -42.95 71.61 20.31
N UNK C 146 -42.37 70.42 20.42
CA UNK C 146 -42.79 69.30 19.59
C UNK C 146 -44.25 68.92 19.88
N UNK C 147 -44.71 69.18 21.11
CA UNK C 147 -46.13 68.99 21.40
C UNK C 147 -47.00 70.00 20.66
N UNK C 148 -46.53 71.25 20.56
CA UNK C 148 -47.23 72.23 19.75
C UNK C 148 -47.21 71.82 18.27
N UNK C 149 -46.10 71.24 17.83
CA UNK C 149 -46.05 70.69 16.48
C UNK C 149 -47.08 69.58 16.29
N UNK C 150 -47.21 68.71 17.29
CA UNK C 150 -48.21 67.65 17.25
C UNK C 150 -49.61 68.25 17.13
N UNK C 151 -49.91 69.26 17.94
CA UNK C 151 -51.23 69.89 17.87
C UNK C 151 -51.48 70.53 16.51
N UNK C 152 -50.49 71.24 15.98
CA UNK C 152 -50.66 71.93 14.70
C UNK C 152 -50.89 70.93 13.57
N UNK C 153 -49.96 69.98 13.40
CA UNK C 153 -50.13 68.97 12.36
C UNK C 153 -51.35 68.09 12.61
N UNK C 154 -51.82 68.01 13.87
CA UNK C 154 -53.03 67.25 14.17
C UNK C 154 -54.26 67.96 13.62
N UNK C 155 -54.38 69.26 13.91
CA UNK C 155 -55.47 70.03 13.28
C UNK C 155 -55.38 69.96 11.77
N UNK C 156 -54.17 70.04 11.23
CA UNK C 156 -53.97 69.95 9.78
C UNK C 156 -54.52 68.65 9.22
N UNK C 157 -53.97 67.52 9.68
CA UNK C 157 -54.41 66.22 9.19
C UNK C 157 -55.86 65.94 9.55
N UNK C 158 -56.40 66.59 10.57
CA UNK C 158 -57.82 66.42 10.90
C UNK C 158 -58.69 67.06 9.84
N UNK C 159 -58.42 68.32 9.52
CA UNK C 159 -59.09 68.95 8.38
C UNK C 159 -58.88 68.14 7.10
N UNK C 160 -57.70 67.56 6.93
CA UNK C 160 -57.41 66.79 5.73
C UNK C 160 -58.28 65.54 5.65
N UNK C 161 -58.33 64.76 6.72
CA UNK C 161 -59.18 63.57 6.74
C UNK C 161 -60.65 63.95 6.65
N UNK C 162 -61.03 65.11 7.17
CA UNK C 162 -62.36 65.65 6.89
C UNK C 162 -62.57 65.80 5.40
N UNK C 163 -61.57 66.31 4.70
CA UNK C 163 -61.59 66.30 3.23
C UNK C 163 -61.37 64.88 2.71
N UNK C 164 -60.26 64.27 3.09
CA UNK C 164 -59.96 62.91 2.66
C UNK C 164 -60.88 61.90 3.36
N UNK C 175 -50.92 64.12 27.43
CA UNK C 175 -51.75 63.70 26.31
C UNK C 175 -52.29 64.90 25.55
N UNK C 176 -51.59 65.30 24.49
CA UNK C 176 -51.98 66.45 23.69
C UNK C 176 -52.15 66.14 22.20
N UNK C 177 -51.29 65.28 21.64
CA UNK C 177 -51.43 64.92 20.24
C UNK C 177 -52.75 64.19 19.98
N UNK C 178 -52.92 63.04 20.61
CA UNK C 178 -54.19 62.31 20.50
C UNK C 178 -55.34 63.13 21.05
N UNK C 179 -55.07 64.03 21.99
CA UNK C 179 -56.10 64.91 22.51
C UNK C 179 -56.74 65.72 21.38
N UNK C 180 -55.92 66.36 20.55
CA UNK C 180 -56.46 67.10 19.41
C UNK C 180 -56.99 66.15 18.34
N UNK C 181 -56.30 65.02 18.14
CA UNK C 181 -56.77 64.03 17.17
C UNK C 181 -58.20 63.59 17.45
N UNK C 182 -58.59 63.55 18.72
CA UNK C 182 -59.95 63.25 19.09
C UNK C 182 -60.82 64.49 19.26
N UNK C 183 -60.21 65.63 19.55
CA UNK C 183 -60.96 66.89 19.57
C UNK C 183 -61.51 67.21 18.20
N UNK C 184 -60.89 66.69 17.15
CA UNK C 184 -61.45 66.84 15.81
C UNK C 184 -62.90 66.36 15.76
N UNK C 185 -63.23 65.34 16.55
CA UNK C 185 -64.59 64.81 16.60
C UNK C 185 -65.35 65.24 17.85
N UNK C 186 -64.64 65.63 18.91
CA UNK C 186 -65.27 65.93 20.20
C UNK C 186 -65.51 67.43 20.40
N UNK C 187 -64.48 68.26 20.13
CA UNK C 187 -64.61 69.70 20.31
C UNK C 187 -65.75 70.27 19.46
N UNK C 188 -66.16 69.55 18.42
CA UNK C 188 -67.31 69.92 17.61
C UNK C 188 -68.43 68.94 17.91
N UNK C 189 -69.56 69.46 18.39
CA UNK C 189 -70.69 68.63 18.76
C UNK C 189 -71.33 67.99 17.53
#